data_1PVJ
#
_entry.id   1PVJ
#
_cell.length_a   95.769
_cell.length_b   119.495
_cell.length_c   144.083
_cell.angle_alpha   90.00
_cell.angle_beta   90.00
_cell.angle_gamma   90.00
#
_symmetry.space_group_name_H-M   'P 21 21 21'
#
loop_
_entity.id
_entity.type
_entity.pdbx_description
1 polymer 'pyrogenic exotoxin B'
2 non-polymer (3R)-3-{[(BENZYLOXY)CARBONYL]AMINO}-2-OXO-4-PHENYLBUTANE-1-DIAZONIUM
3 water water
#
_entity_poly.entity_id   1
_entity_poly.type   'polypeptide(L)'
_entity_poly.pdbx_seq_one_letter_code
;FARNEKEAKDSAITFIQKSAAIKAGARSAEDIKLDKVNLGGELSGSNMYVYNISTGGFVIVSGDKRSPEILGYSTSGSFD
ANGKENIASFMESYVEQIKENKKLDTTYAGTAEIKQPVVKSLLDSKGIHYNQGNPYNLLTPVIEKVKPGEQSFVGQHAAT
GCVATATAQIMKYHNYPNKGLKDYTYTLSSNNPYFNHPKNLFAAISTRQYNWNNILPTYSGRESNVQKMAISELMADVGI
SVDMDYGPSSGSAGSSRVQRALKENFGYNQSVHQINRGDFSKQDWEAQIDKELSQNQPVYYQGVGKVGGHAFVIDGADGR
NFYHVNWGWGGVSDGFFRLDALNPSALGTGGGADGFNGYQSAVVGIKP
;
_entity_poly.pdbx_strand_id   A,B,C,D
#
# COMPACT_ATOMS: atom_id res chain seq x y z
N PHE A 1 52.11 -19.70 18.63
CA PHE A 1 50.64 -19.99 18.67
C PHE A 1 49.85 -19.28 17.55
N ALA A 2 50.45 -18.24 16.94
CA ALA A 2 49.75 -17.58 15.86
C ALA A 2 49.83 -18.42 14.57
N ARG A 3 48.80 -18.29 13.71
CA ARG A 3 48.77 -18.94 12.38
C ARG A 3 48.75 -17.76 11.38
N ASN A 4 49.80 -17.66 10.56
CA ASN A 4 49.89 -16.55 9.62
C ASN A 4 49.62 -16.88 8.16
N GLU A 5 49.12 -15.87 7.43
CA GLU A 5 48.81 -16.00 6.03
C GLU A 5 49.22 -17.31 5.35
N LYS A 6 50.48 -17.41 4.96
CA LYS A 6 51.02 -18.60 4.30
C LYS A 6 50.51 -19.89 4.96
N GLU A 7 50.58 -19.93 6.29
CA GLU A 7 50.11 -21.07 7.05
C GLU A 7 48.60 -21.32 6.84
N ALA A 8 47.80 -20.28 7.11
CA ALA A 8 46.35 -20.39 6.95
C ALA A 8 46.07 -20.97 5.57
N LYS A 9 46.60 -20.25 4.57
CA LYS A 9 46.46 -20.59 3.17
C LYS A 9 46.75 -22.06 2.98
N ASP A 10 47.77 -22.53 3.69
CA ASP A 10 48.12 -23.92 3.58
C ASP A 10 47.03 -24.79 4.18
N SER A 11 46.62 -24.39 5.37
CA SER A 11 45.58 -25.07 6.12
C SER A 11 44.38 -25.27 5.23
N ALA A 12 44.07 -24.23 4.44
CA ALA A 12 42.92 -24.23 3.53
C ALA A 12 43.02 -25.39 2.53
N ILE A 13 44.02 -25.27 1.66
CA ILE A 13 44.28 -26.25 0.62
C ILE A 13 44.30 -27.65 1.16
N THR A 14 44.99 -27.81 2.29
CA THR A 14 45.10 -29.10 2.96
C THR A 14 43.69 -29.65 3.24
N PHE A 15 42.83 -28.76 3.79
CA PHE A 15 41.44 -29.07 4.13
C PHE A 15 40.72 -29.52 2.88
N ILE A 16 40.91 -28.73 1.81
CA ILE A 16 40.28 -28.99 0.54
C ILE A 16 40.76 -30.34 0.01
N GLN A 17 42.08 -30.45 -0.12
CA GLN A 17 42.69 -31.67 -0.63
C GLN A 17 42.32 -32.90 0.22
N LYS A 18 42.30 -32.71 1.53
CA LYS A 18 41.96 -33.82 2.44
C LYS A 18 40.70 -34.55 1.93
N ILE A 32 44.95 -25.93 -7.58
CA ILE A 32 43.94 -25.03 -6.91
C ILE A 32 44.53 -23.63 -6.57
N LYS A 33 43.67 -22.62 -6.65
CA LYS A 33 44.07 -21.25 -6.33
C LYS A 33 43.09 -20.70 -5.26
N LEU A 34 43.64 -19.93 -4.33
CA LEU A 34 42.82 -19.36 -3.28
C LEU A 34 43.03 -17.84 -3.20
N ASP A 35 41.94 -17.11 -3.37
CA ASP A 35 42.00 -15.65 -3.31
C ASP A 35 41.50 -15.30 -1.90
N LYS A 36 42.31 -14.54 -1.17
CA LYS A 36 41.96 -14.13 0.18
C LYS A 36 40.85 -13.07 0.08
N VAL A 37 39.91 -13.12 1.03
CA VAL A 37 38.79 -12.18 1.05
C VAL A 37 39.07 -11.03 1.99
N ASN A 38 38.62 -9.86 1.57
CA ASN A 38 38.85 -8.66 2.34
C ASN A 38 37.63 -8.17 3.09
N LEU A 39 37.71 -8.27 4.42
CA LEU A 39 36.65 -7.82 5.31
C LEU A 39 37.31 -6.64 6.06
N GLY A 40 36.54 -5.69 6.60
CA GLY A 40 37.20 -4.61 7.29
C GLY A 40 36.75 -4.47 8.74
N GLY A 41 36.27 -3.27 9.06
CA GLY A 41 35.77 -2.98 10.39
C GLY A 41 36.15 -3.96 11.50
N GLU A 42 35.17 -4.63 12.12
CA GLU A 42 35.49 -5.57 13.18
C GLU A 42 36.28 -6.79 12.65
N LEU A 43 36.03 -7.16 11.41
CA LEU A 43 36.74 -8.30 10.88
C LEU A 43 38.12 -7.99 10.34
N SER A 44 38.63 -6.82 10.69
CA SER A 44 39.97 -6.45 10.26
C SER A 44 40.93 -7.25 11.14
N GLY A 45 42.21 -7.23 10.76
CA GLY A 45 43.21 -7.96 11.52
C GLY A 45 43.45 -9.33 10.91
N SER A 46 44.11 -10.21 11.67
CA SER A 46 44.39 -11.53 11.13
C SER A 46 44.12 -12.63 12.15
N ASN A 47 43.09 -12.40 12.98
CA ASN A 47 42.68 -13.37 13.98
C ASN A 47 41.95 -14.50 13.26
N MET A 48 41.59 -14.21 11.99
CA MET A 48 40.87 -15.13 11.09
C MET A 48 41.18 -14.83 9.61
N TYR A 49 41.14 -15.86 8.76
CA TYR A 49 41.40 -15.65 7.35
C TYR A 49 40.33 -16.33 6.49
N VAL A 50 39.99 -15.72 5.34
CA VAL A 50 39.00 -16.33 4.46
C VAL A 50 39.53 -16.40 3.02
N TYR A 51 39.49 -17.58 2.42
CA TYR A 51 39.95 -17.70 1.03
C TYR A 51 38.86 -18.28 0.14
N ASN A 52 38.56 -17.57 -0.93
CA ASN A 52 37.59 -18.06 -1.88
C ASN A 52 38.36 -18.94 -2.86
N ILE A 53 37.98 -20.21 -2.97
CA ILE A 53 38.63 -21.08 -3.94
C ILE A 53 38.11 -20.55 -5.29
N SER A 54 38.98 -20.32 -6.26
CA SER A 54 38.57 -19.76 -7.56
C SER A 54 37.70 -20.64 -8.48
N THR A 55 37.92 -21.96 -8.46
CA THR A 55 37.11 -22.86 -9.30
C THR A 55 35.75 -22.97 -8.61
N GLY A 56 35.71 -22.55 -7.34
CA GLY A 56 34.50 -22.62 -6.55
C GLY A 56 34.68 -23.02 -5.11
N GLY A 57 33.95 -22.32 -4.24
CA GLY A 57 33.99 -22.64 -2.82
C GLY A 57 34.80 -21.67 -1.98
N PHE A 58 34.91 -22.00 -0.70
CA PHE A 58 35.68 -21.18 0.21
C PHE A 58 35.95 -21.96 1.49
N VAL A 59 36.92 -21.44 2.26
CA VAL A 59 37.39 -22.01 3.53
C VAL A 59 37.75 -20.84 4.47
N ILE A 60 37.26 -20.89 5.71
CA ILE A 60 37.56 -19.82 6.67
C ILE A 60 38.48 -20.40 7.73
N VAL A 61 39.65 -19.79 7.86
CA VAL A 61 40.67 -20.28 8.77
C VAL A 61 40.95 -19.41 9.97
N SER A 62 41.18 -20.09 11.09
CA SER A 62 41.53 -19.42 12.34
C SER A 62 42.98 -18.94 12.21
N GLY A 63 43.29 -17.79 12.80
CA GLY A 63 44.65 -17.25 12.73
C GLY A 63 45.44 -17.48 14.01
N ASP A 64 44.96 -18.39 14.87
CA ASP A 64 45.62 -18.69 16.13
C ASP A 64 45.34 -20.11 16.63
N LYS A 65 46.39 -20.91 16.59
CA LYS A 65 46.36 -22.32 16.95
C LYS A 65 45.59 -22.74 18.19
N ARG A 66 45.35 -21.81 19.12
CA ARG A 66 44.61 -22.17 20.32
C ARG A 66 43.14 -22.39 19.98
N SER A 67 42.67 -21.67 18.95
CA SER A 67 41.28 -21.81 18.45
C SER A 67 41.22 -22.94 17.42
N PRO A 68 40.03 -23.46 17.10
CA PRO A 68 40.03 -24.55 16.11
C PRO A 68 40.49 -24.07 14.69
N GLU A 69 41.10 -24.96 13.91
CA GLU A 69 41.63 -24.63 12.58
C GLU A 69 40.60 -24.19 11.55
N ILE A 70 39.72 -25.12 11.16
CA ILE A 70 38.70 -24.82 10.17
C ILE A 70 37.36 -24.40 10.76
N LEU A 71 37.09 -23.10 10.71
CA LEU A 71 35.86 -22.53 11.25
C LEU A 71 34.61 -22.63 10.35
N GLY A 72 34.80 -22.72 9.03
CA GLY A 72 33.70 -22.83 8.10
C GLY A 72 34.19 -23.08 6.70
N TYR A 73 33.33 -23.68 5.89
CA TYR A 73 33.75 -24.01 4.52
C TYR A 73 32.55 -24.28 3.60
N SER A 74 32.82 -24.34 2.30
CA SER A 74 31.81 -24.69 1.32
C SER A 74 32.53 -25.16 0.06
N THR A 75 32.12 -26.33 -0.44
CA THR A 75 32.74 -26.91 -1.61
C THR A 75 32.56 -26.02 -2.82
N SER A 76 31.46 -25.26 -2.78
CA SER A 76 31.12 -24.37 -3.89
C SER A 76 30.71 -22.98 -3.43
N GLY A 77 30.27 -22.18 -4.39
CA GLY A 77 29.83 -20.85 -4.06
C GLY A 77 31.01 -19.99 -3.70
N SER A 78 30.79 -19.07 -2.76
CA SER A 78 31.89 -18.18 -2.35
C SER A 78 31.46 -17.49 -1.08
N PHE A 79 32.44 -16.88 -0.40
CA PHE A 79 32.19 -16.18 0.84
C PHE A 79 32.36 -14.69 0.68
N ASP A 80 31.47 -13.97 1.36
CA ASP A 80 31.50 -12.53 1.36
C ASP A 80 30.62 -11.94 2.45
N ALA A 81 31.07 -10.86 3.07
CA ALA A 81 30.23 -10.28 4.11
C ALA A 81 29.82 -8.87 3.78
N ASN A 82 30.47 -8.26 2.81
CA ASN A 82 30.12 -6.88 2.49
C ASN A 82 28.62 -6.54 2.45
N GLY A 83 28.18 -5.71 3.39
CA GLY A 83 26.77 -5.31 3.42
C GLY A 83 25.79 -6.29 4.04
N LYS A 84 26.24 -7.54 4.11
CA LYS A 84 25.45 -8.60 4.70
C LYS A 84 25.78 -8.68 6.17
N GLU A 85 25.15 -7.79 6.94
CA GLU A 85 25.35 -7.68 8.39
C GLU A 85 25.13 -8.94 9.20
N ASN A 86 24.09 -9.70 8.96
CA ASN A 86 23.91 -10.91 9.75
C ASN A 86 25.14 -11.81 9.63
N ILE A 87 25.78 -11.78 8.47
CA ILE A 87 26.95 -12.61 8.19
C ILE A 87 28.21 -12.10 8.83
N ALA A 88 28.33 -10.79 8.87
CA ALA A 88 29.49 -10.17 9.49
C ALA A 88 29.28 -10.28 11.00
N SER A 89 28.06 -10.09 11.49
CA SER A 89 27.82 -10.21 12.94
C SER A 89 28.28 -11.54 13.49
N PHE A 90 28.18 -12.59 12.68
CA PHE A 90 28.65 -13.91 13.10
C PHE A 90 30.20 -13.91 13.10
N MET A 91 30.84 -13.65 11.95
CA MET A 91 32.30 -13.64 11.87
C MET A 91 32.87 -12.84 13.05
N GLU A 92 32.23 -11.72 13.39
CA GLU A 92 32.70 -10.93 14.52
C GLU A 92 32.80 -11.79 15.79
N SER A 93 31.78 -12.58 16.10
CA SER A 93 31.85 -13.40 17.31
C SER A 93 33.00 -14.40 17.17
N TYR A 94 33.07 -15.10 16.04
CA TYR A 94 34.14 -16.07 15.83
C TYR A 94 35.44 -15.40 16.27
N VAL A 95 35.63 -14.15 15.88
CA VAL A 95 36.82 -13.39 16.23
C VAL A 95 36.91 -13.05 17.72
N GLU A 96 36.00 -12.22 18.20
CA GLU A 96 36.00 -11.86 19.62
C GLU A 96 35.55 -13.14 20.30
N GLN A 97 36.36 -14.18 20.12
CA GLN A 97 36.06 -15.49 20.66
C GLN A 97 37.38 -16.24 20.50
N ILE A 98 38.02 -16.03 19.33
CA ILE A 98 39.30 -16.65 19.00
C ILE A 98 40.30 -16.00 19.95
N LYS A 99 39.96 -14.78 20.33
CA LYS A 99 40.74 -14.00 21.26
C LYS A 99 40.59 -14.62 22.65
N GLU A 100 39.35 -14.92 23.04
CA GLU A 100 39.08 -15.55 24.34
C GLU A 100 39.82 -16.90 24.50
N ASN A 101 40.22 -17.52 23.39
CA ASN A 101 40.95 -18.79 23.50
C ASN A 101 42.43 -18.53 23.76
N LYS A 102 42.85 -17.28 23.53
CA LYS A 102 44.24 -16.88 23.76
C LYS A 102 44.56 -16.79 25.28
N LYS A 103 43.53 -17.04 26.09
CA LYS A 103 43.67 -17.05 27.55
C LYS A 103 44.31 -18.36 27.99
N LEU A 104 44.28 -19.38 27.12
CA LEU A 104 44.86 -20.69 27.42
C LEU A 104 46.28 -20.79 26.92
N ASP A 105 46.85 -21.98 27.10
CA ASP A 105 48.22 -22.20 26.66
C ASP A 105 48.33 -23.56 26.02
N THR A 106 47.20 -24.24 25.90
CA THR A 106 47.23 -25.53 25.24
C THR A 106 46.77 -25.30 23.78
N THR A 107 47.06 -26.23 22.87
CA THR A 107 46.61 -26.06 21.49
C THR A 107 45.20 -26.68 21.33
N TYR A 108 44.52 -26.38 20.22
CA TYR A 108 43.17 -26.92 20.08
C TYR A 108 43.19 -28.46 19.92
N ALA A 109 42.21 -29.09 20.60
CA ALA A 109 42.05 -30.55 20.65
C ALA A 109 41.36 -31.08 19.40
N GLN A 116 27.36 -36.87 16.07
CA GLN A 116 26.65 -36.06 15.03
C GLN A 116 26.48 -36.84 13.68
N PRO A 117 25.23 -36.88 13.14
CA PRO A 117 24.84 -37.55 11.87
C PRO A 117 24.84 -36.53 10.75
N VAL A 118 24.51 -36.95 9.54
CA VAL A 118 24.53 -35.98 8.43
C VAL A 118 23.21 -35.59 7.78
N VAL A 119 22.99 -34.29 7.68
CA VAL A 119 21.78 -33.80 7.01
C VAL A 119 22.15 -32.82 5.89
N LYS A 120 21.67 -33.14 4.69
CA LYS A 120 21.96 -32.33 3.52
C LYS A 120 21.04 -31.15 3.53
N SER A 121 21.58 -29.97 3.25
CA SER A 121 20.77 -28.76 3.26
C SER A 121 19.33 -29.03 2.90
N LEU A 122 18.45 -28.82 3.88
CA LEU A 122 17.04 -29.01 3.69
C LEU A 122 16.48 -28.04 2.69
N LEU A 123 16.87 -26.77 2.83
CA LEU A 123 16.41 -25.72 1.93
C LEU A 123 16.94 -25.89 0.49
N ASP A 124 18.20 -26.27 0.36
CA ASP A 124 18.76 -26.46 -0.97
C ASP A 124 18.01 -27.60 -1.66
N SER A 125 17.60 -28.58 -0.86
CA SER A 125 16.90 -29.73 -1.39
C SER A 125 15.57 -29.35 -1.99
N LYS A 126 15.07 -28.15 -1.72
CA LYS A 126 13.79 -27.72 -2.27
C LYS A 126 13.97 -26.45 -3.05
N GLY A 127 15.24 -26.21 -3.38
CA GLY A 127 15.67 -25.07 -4.17
C GLY A 127 15.20 -23.72 -3.68
N ILE A 128 15.19 -23.52 -2.36
CA ILE A 128 14.74 -22.28 -1.74
C ILE A 128 15.87 -21.29 -1.44
N HIS A 129 15.91 -20.18 -2.15
CA HIS A 129 16.95 -19.22 -1.88
C HIS A 129 16.37 -17.84 -2.00
N TYR A 130 15.92 -17.29 -0.86
CA TYR A 130 15.33 -15.95 -0.81
C TYR A 130 16.36 -14.86 -0.59
N ASN A 131 15.96 -13.61 -0.79
CA ASN A 131 16.84 -12.47 -0.54
C ASN A 131 16.11 -11.41 0.30
N GLN A 132 16.61 -10.20 0.37
CA GLN A 132 15.91 -9.20 1.14
C GLN A 132 15.54 -8.06 0.26
N GLY A 133 15.89 -8.17 -1.02
CA GLY A 133 15.59 -7.08 -1.93
C GLY A 133 14.41 -7.29 -2.83
N ASN A 134 14.56 -6.76 -4.02
CA ASN A 134 13.55 -6.88 -5.03
C ASN A 134 13.70 -8.27 -5.61
N PRO A 135 12.58 -8.97 -5.88
CA PRO A 135 11.21 -8.54 -5.69
C PRO A 135 10.63 -8.89 -4.32
N TYR A 136 11.41 -9.54 -3.46
CA TYR A 136 10.90 -9.89 -2.14
C TYR A 136 10.35 -8.65 -1.41
N ASN A 137 11.11 -7.57 -1.46
CA ASN A 137 10.70 -6.38 -0.75
C ASN A 137 9.72 -5.55 -1.57
N LEU A 138 9.11 -6.14 -2.59
CA LEU A 138 8.20 -5.35 -3.38
C LEU A 138 7.06 -4.73 -2.61
N LEU A 139 6.80 -5.17 -1.38
CA LEU A 139 5.70 -4.56 -0.66
C LEU A 139 6.03 -4.06 0.71
N THR A 140 7.31 -3.82 0.99
CA THR A 140 7.71 -3.31 2.29
C THR A 140 7.52 -1.81 2.20
N PRO A 141 7.52 -1.12 3.34
CA PRO A 141 7.33 0.34 3.30
C PRO A 141 8.33 1.08 2.42
N VAL A 142 7.84 2.07 1.68
CA VAL A 142 8.75 2.87 0.85
C VAL A 142 9.36 3.94 1.72
N ILE A 143 10.69 3.93 1.79
CA ILE A 143 11.46 4.87 2.58
C ILE A 143 11.09 6.29 2.17
N GLU A 144 10.75 7.11 3.18
CA GLU A 144 10.30 8.48 2.98
C GLU A 144 11.28 9.59 3.30
N LYS A 145 12.24 9.29 4.19
CA LYS A 145 13.23 10.27 4.67
C LYS A 145 14.68 9.86 4.57
N VAL A 146 15.59 10.83 4.60
CA VAL A 146 17.02 10.54 4.53
C VAL A 146 17.67 10.57 5.91
N LYS A 147 18.42 9.53 6.22
CA LYS A 147 19.10 9.47 7.51
C LYS A 147 20.31 10.36 7.37
N PRO A 148 20.45 11.41 8.23
CA PRO A 148 21.56 12.34 8.18
C PRO A 148 22.88 11.66 8.10
N GLY A 149 23.69 12.09 7.14
CA GLY A 149 25.01 11.51 6.98
C GLY A 149 24.98 10.21 6.26
N GLU A 150 23.90 10.00 5.49
CA GLU A 150 23.70 8.79 4.70
C GLU A 150 23.08 9.21 3.38
N GLN A 151 23.36 8.46 2.31
CA GLN A 151 22.77 8.82 1.03
C GLN A 151 21.29 8.48 1.08
N SER A 152 20.53 9.06 0.14
CA SER A 152 19.07 8.88 0.09
C SER A 152 18.61 7.58 -0.55
N PHE A 153 17.64 6.94 0.09
CA PHE A 153 17.06 5.72 -0.41
C PHE A 153 15.58 6.08 -0.57
N VAL A 154 15.26 7.36 -0.53
CA VAL A 154 13.88 7.80 -0.63
C VAL A 154 13.23 7.21 -1.88
N GLY A 155 12.03 6.64 -1.73
CA GLY A 155 11.35 6.06 -2.87
C GLY A 155 11.69 4.60 -3.11
N GLN A 156 12.74 4.11 -2.43
CA GLN A 156 13.13 2.71 -2.53
C GLN A 156 12.28 1.97 -1.52
N HIS A 157 12.11 0.67 -1.70
CA HIS A 157 11.32 -0.04 -0.75
C HIS A 157 12.26 -0.49 0.31
N ALA A 158 11.80 -0.48 1.53
CA ALA A 158 12.65 -0.93 2.60
C ALA A 158 13.10 -2.33 2.31
N ALA A 159 14.10 -2.80 3.03
CA ALA A 159 14.57 -4.16 2.86
C ALA A 159 13.64 -5.05 3.67
N THR A 160 13.50 -6.29 3.26
CA THR A 160 12.60 -7.15 4.00
C THR A 160 13.09 -7.37 5.42
N GLY A 161 14.37 -7.24 5.65
CA GLY A 161 14.85 -7.54 6.98
C GLY A 161 15.22 -9.00 6.92
N CYS A 162 16.20 -9.44 7.71
CA CYS A 162 16.66 -10.83 7.67
C CYS A 162 15.86 -11.93 8.34
N VAL A 163 15.27 -11.55 9.47
CA VAL A 163 14.51 -12.48 10.25
C VAL A 163 13.24 -12.73 9.43
N ALA A 164 12.83 -11.76 8.62
CA ALA A 164 11.63 -11.94 7.83
C ALA A 164 12.04 -12.96 6.80
N THR A 165 13.24 -12.78 6.27
CA THR A 165 13.80 -13.65 5.23
C THR A 165 14.11 -15.01 5.78
N ALA A 166 14.80 -15.06 6.89
CA ALA A 166 15.10 -16.36 7.45
C ALA A 166 13.80 -17.11 7.77
N THR A 167 12.79 -16.37 8.24
CA THR A 167 11.50 -16.96 8.59
C THR A 167 10.78 -17.46 7.35
N ALA A 168 10.68 -16.60 6.34
CA ALA A 168 10.00 -16.95 5.10
C ALA A 168 10.58 -18.18 4.37
N GLN A 169 11.89 -18.39 4.44
CA GLN A 169 12.46 -19.55 3.78
C GLN A 169 11.95 -20.79 4.51
N ILE A 170 11.96 -20.73 5.83
CA ILE A 170 11.51 -21.85 6.61
C ILE A 170 10.04 -22.12 6.35
N MET A 171 9.27 -21.05 6.18
CA MET A 171 7.85 -21.18 5.91
C MET A 171 7.57 -21.81 4.55
N LYS A 172 8.35 -21.46 3.53
CA LYS A 172 8.21 -22.00 2.16
C LYS A 172 8.61 -23.44 2.12
N TYR A 173 9.58 -23.78 2.95
CA TYR A 173 10.03 -25.15 3.05
C TYR A 173 8.83 -26.00 3.49
N HIS A 174 7.95 -25.46 4.32
CA HIS A 174 6.79 -26.22 4.81
C HIS A 174 5.54 -25.92 4.06
N ASN A 175 5.64 -24.93 3.19
CA ASN A 175 4.54 -24.43 2.38
C ASN A 175 3.31 -24.27 3.22
N TYR A 176 3.45 -23.67 4.39
CA TYR A 176 2.32 -23.53 5.27
C TYR A 176 2.37 -22.14 5.93
N PRO A 177 1.21 -21.54 6.29
CA PRO A 177 -0.17 -22.01 6.18
C PRO A 177 -0.74 -21.85 4.81
N ASN A 178 -2.01 -22.17 4.68
CA ASN A 178 -2.70 -21.94 3.42
C ASN A 178 -3.54 -20.75 3.75
N LYS A 179 -4.02 -20.69 4.98
CA LYS A 179 -4.81 -19.55 5.44
C LYS A 179 -4.14 -18.87 6.60
N GLY A 180 -4.00 -17.55 6.50
CA GLY A 180 -3.39 -16.78 7.55
C GLY A 180 -4.38 -16.94 8.65
N LEU A 181 -3.88 -16.95 9.87
CA LEU A 181 -4.73 -17.17 11.04
C LEU A 181 -5.27 -15.94 11.77
N LYS A 182 -4.40 -14.99 12.11
CA LYS A 182 -4.81 -13.80 12.88
C LYS A 182 -4.05 -12.54 12.42
N ASP A 183 -4.78 -11.44 12.23
CA ASP A 183 -4.18 -10.17 11.81
C ASP A 183 -3.16 -9.62 12.76
N TYR A 184 -2.34 -8.69 12.29
CA TYR A 184 -1.34 -8.09 13.14
C TYR A 184 -1.17 -6.60 12.87
N THR A 185 -0.63 -5.88 13.84
CA THR A 185 -0.40 -4.46 13.69
C THR A 185 0.66 -3.99 14.66
N TYR A 186 1.41 -2.94 14.33
CA TYR A 186 2.41 -2.43 15.27
C TYR A 186 2.80 -1.01 14.89
N THR A 187 3.40 -0.27 15.82
CA THR A 187 3.80 1.09 15.52
C THR A 187 5.28 1.15 15.31
N LEU A 188 5.68 1.72 14.19
CA LEU A 188 7.09 1.83 13.84
C LEU A 188 7.82 2.60 14.93
N SER A 189 9.00 2.10 15.32
CA SER A 189 9.79 2.74 16.36
C SER A 189 9.87 4.23 16.11
N SER A 190 9.65 5.05 17.12
CA SER A 190 9.64 6.47 16.83
C SER A 190 10.96 7.10 16.48
N ASN A 191 12.07 6.40 16.74
CA ASN A 191 13.37 7.00 16.45
C ASN A 191 13.87 6.60 15.08
N ASN A 192 12.99 6.00 14.31
CA ASN A 192 13.25 5.56 12.96
C ASN A 192 13.33 6.80 12.08
N PRO A 193 14.48 7.00 11.44
CA PRO A 193 14.65 8.17 10.57
C PRO A 193 14.12 8.09 9.14
N TYR A 194 13.70 6.92 8.71
CA TYR A 194 13.27 6.86 7.35
C TYR A 194 11.82 7.15 7.13
N PHE A 195 11.06 7.28 8.21
CA PHE A 195 9.64 7.53 8.05
C PHE A 195 9.05 8.64 8.90
N ASN A 196 7.94 9.20 8.44
CA ASN A 196 7.28 10.21 9.22
C ASN A 196 6.57 9.44 10.32
N HIS A 197 6.36 10.10 11.44
CA HIS A 197 5.70 9.49 12.57
C HIS A 197 4.45 10.26 12.97
N PRO A 198 3.45 9.55 13.50
CA PRO A 198 3.49 8.12 13.76
C PRO A 198 3.30 7.32 12.49
N LYS A 199 3.67 6.06 12.56
CA LYS A 199 3.53 5.18 11.43
C LYS A 199 3.01 3.84 11.96
N ASN A 200 1.84 3.45 11.52
CA ASN A 200 1.27 2.20 11.96
C ASN A 200 1.25 1.28 10.74
N LEU A 201 1.71 0.03 10.89
CA LEU A 201 1.73 -0.90 9.78
C LEU A 201 0.70 -1.99 10.09
N PHE A 202 0.01 -2.46 9.06
CA PHE A 202 -1.01 -3.48 9.29
C PHE A 202 -0.96 -4.56 8.23
N ALA A 203 -1.02 -5.83 8.65
CA ALA A 203 -1.05 -6.95 7.74
C ALA A 203 -2.36 -7.66 7.98
N ALA A 204 -3.22 -7.84 6.99
CA ALA A 204 -4.50 -8.55 7.20
C ALA A 204 -4.34 -10.06 7.03
N ILE A 205 -3.36 -10.60 7.74
CA ILE A 205 -3.03 -12.00 7.69
C ILE A 205 -4.22 -12.94 7.81
N SER A 206 -5.18 -12.59 8.65
CA SER A 206 -6.34 -13.45 8.87
C SER A 206 -7.15 -13.65 7.60
N THR A 207 -6.93 -12.79 6.61
CA THR A 207 -7.67 -12.89 5.36
C THR A 207 -6.84 -13.45 4.22
N ARG A 208 -5.68 -14.02 4.51
CA ARG A 208 -4.81 -14.56 3.48
C ARG A 208 -5.02 -15.99 3.05
N GLN A 209 -4.82 -16.26 1.77
CA GLN A 209 -4.95 -17.59 1.19
C GLN A 209 -3.65 -17.80 0.49
N TYR A 210 -2.59 -18.03 1.24
CA TYR A 210 -1.28 -18.22 0.66
C TYR A 210 -1.23 -19.29 -0.41
N ASN A 211 -0.96 -18.92 -1.65
CA ASN A 211 -0.86 -19.94 -2.70
C ASN A 211 0.62 -20.36 -2.86
N TRP A 212 1.02 -21.43 -2.21
CA TRP A 212 2.41 -21.81 -2.32
C TRP A 212 2.91 -22.32 -3.67
N ASN A 213 2.11 -22.12 -4.69
CA ASN A 213 2.48 -22.49 -6.04
C ASN A 213 2.93 -21.22 -6.72
N ASN A 214 2.43 -20.10 -6.20
CA ASN A 214 2.81 -18.83 -6.71
C ASN A 214 3.99 -18.31 -5.95
N ILE A 215 4.18 -18.76 -4.71
CA ILE A 215 5.33 -18.34 -3.92
C ILE A 215 6.48 -19.29 -4.23
N LEU A 216 7.17 -19.07 -5.33
CA LEU A 216 8.28 -19.92 -5.79
C LEU A 216 9.35 -20.05 -4.74
N PRO A 217 10.24 -21.05 -4.91
CA PRO A 217 11.32 -21.22 -3.95
C PRO A 217 12.42 -20.18 -4.12
N THR A 218 12.43 -19.50 -5.26
CA THR A 218 13.41 -18.48 -5.54
C THR A 218 12.94 -17.71 -6.72
N TYR A 219 13.39 -16.47 -6.83
CA TYR A 219 13.03 -15.58 -7.92
C TYR A 219 14.26 -15.06 -8.57
N SER A 220 14.22 -14.89 -9.89
CA SER A 220 15.37 -14.40 -10.69
C SER A 220 15.06 -12.97 -11.04
N GLY A 221 13.79 -12.58 -10.83
CA GLY A 221 13.37 -11.22 -11.13
C GLY A 221 12.67 -11.03 -12.45
N ARG A 222 12.51 -12.11 -13.21
CA ARG A 222 11.81 -11.98 -14.48
C ARG A 222 10.38 -12.56 -14.33
N GLU A 223 10.00 -12.95 -13.12
CA GLU A 223 8.69 -13.50 -12.86
C GLU A 223 7.60 -12.51 -13.23
N SER A 224 6.39 -13.01 -13.36
CA SER A 224 5.26 -12.18 -13.75
C SER A 224 4.80 -11.42 -12.55
N ASN A 225 3.60 -10.88 -12.61
CA ASN A 225 3.05 -10.18 -11.48
C ASN A 225 2.53 -11.16 -10.48
N VAL A 226 2.02 -12.29 -10.94
CA VAL A 226 1.46 -13.26 -10.00
C VAL A 226 2.49 -13.82 -9.04
N GLN A 227 3.65 -14.22 -9.55
CA GLN A 227 4.68 -14.78 -8.70
C GLN A 227 5.33 -13.78 -7.73
N LYS A 228 5.57 -12.57 -8.21
CA LYS A 228 6.19 -11.56 -7.40
C LYS A 228 5.22 -11.06 -6.36
N MET A 229 3.99 -10.85 -6.75
CA MET A 229 2.98 -10.39 -5.85
C MET A 229 2.94 -11.35 -4.69
N ALA A 230 2.94 -12.64 -5.03
CA ALA A 230 2.86 -13.69 -4.02
C ALA A 230 3.89 -13.59 -2.89
N ILE A 231 5.15 -13.65 -3.30
CA ILE A 231 6.30 -13.60 -2.41
C ILE A 231 6.43 -12.27 -1.71
N SER A 232 6.36 -11.15 -2.44
CA SER A 232 6.51 -9.83 -1.82
C SER A 232 5.50 -9.60 -0.68
N GLU A 233 4.34 -10.26 -0.81
CA GLU A 233 3.28 -10.18 0.17
C GLU A 233 3.55 -11.08 1.36
N LEU A 234 4.11 -12.27 1.11
CA LEU A 234 4.42 -13.19 2.21
C LEU A 234 5.39 -12.45 3.09
N MET A 235 6.48 -11.98 2.46
CA MET A 235 7.54 -11.21 3.10
C MET A 235 7.01 -9.99 3.81
N ALA A 236 5.94 -9.35 3.32
CA ALA A 236 5.39 -8.16 3.96
C ALA A 236 4.61 -8.47 5.23
N ASP A 237 3.91 -9.60 5.23
CA ASP A 237 3.16 -9.99 6.42
C ASP A 237 4.11 -10.49 7.50
N VAL A 238 5.14 -11.26 7.14
CA VAL A 238 6.11 -11.77 8.12
C VAL A 238 6.88 -10.62 8.77
N GLY A 239 7.36 -9.70 7.95
CA GLY A 239 8.10 -8.57 8.43
C GLY A 239 7.28 -7.77 9.39
N ILE A 240 5.98 -7.73 9.24
CA ILE A 240 5.18 -6.96 10.16
C ILE A 240 4.91 -7.76 11.45
N SER A 241 4.57 -9.04 11.28
CA SER A 241 4.33 -9.93 12.40
C SER A 241 5.52 -9.92 13.36
N VAL A 242 6.67 -9.43 12.93
CA VAL A 242 7.78 -9.40 13.84
C VAL A 242 8.22 -7.97 14.16
N ASP A 243 7.31 -7.02 13.95
CA ASP A 243 7.56 -5.63 14.24
C ASP A 243 8.80 -5.06 13.58
N MET A 244 9.09 -5.48 12.36
CA MET A 244 10.26 -5.02 11.59
C MET A 244 10.48 -3.51 11.55
N ASP A 245 11.66 -3.09 11.98
CA ASP A 245 12.03 -1.68 11.96
C ASP A 245 12.62 -1.51 10.60
N TYR A 246 11.82 -0.98 9.69
CA TYR A 246 12.18 -0.85 8.30
C TYR A 246 13.08 0.29 7.89
N GLY A 247 13.95 0.04 6.91
CA GLY A 247 14.85 1.05 6.38
C GLY A 247 15.68 0.50 5.25
N PRO A 248 16.77 1.16 4.82
CA PRO A 248 17.64 0.68 3.74
C PRO A 248 18.06 -0.74 4.11
N SER A 249 17.93 -1.02 5.40
CA SER A 249 18.18 -2.33 5.96
C SER A 249 17.08 -2.42 7.01
N SER A 250 16.65 -3.61 7.38
CA SER A 250 15.57 -3.75 8.35
C SER A 250 15.83 -4.70 9.50
N GLY A 251 15.55 -4.30 10.72
CA GLY A 251 15.83 -5.20 11.82
C GLY A 251 14.63 -5.53 12.70
N SER A 252 14.70 -6.65 13.42
CA SER A 252 13.65 -7.08 14.34
C SER A 252 14.28 -7.71 15.57
N ALA A 253 13.51 -7.74 16.67
CA ALA A 253 13.95 -8.37 17.92
C ALA A 253 14.34 -9.79 17.55
N GLY A 254 13.59 -10.38 16.64
CA GLY A 254 13.89 -11.72 16.17
C GLY A 254 13.17 -12.88 16.81
N SER A 255 13.95 -13.84 17.26
CA SER A 255 13.45 -15.03 17.90
C SER A 255 12.11 -14.89 18.61
N SER A 256 12.03 -13.97 19.57
CA SER A 256 10.81 -13.77 20.37
C SER A 256 9.56 -13.34 19.61
N ARG A 257 9.72 -12.62 18.52
CA ARG A 257 8.57 -12.22 17.71
C ARG A 257 8.31 -13.38 16.75
N VAL A 258 9.39 -13.98 16.28
CA VAL A 258 9.29 -15.06 15.33
C VAL A 258 8.54 -16.27 15.83
N GLN A 259 8.78 -16.63 17.07
CA GLN A 259 8.13 -17.79 17.62
C GLN A 259 6.70 -17.48 17.87
N ARG A 260 6.43 -16.29 18.38
CA ARG A 260 5.06 -15.91 18.67
C ARG A 260 4.24 -15.70 17.40
N ALA A 261 4.91 -15.20 16.35
CA ALA A 261 4.24 -14.93 15.08
C ALA A 261 3.83 -16.19 14.33
N LEU A 262 4.76 -17.15 14.29
CA LEU A 262 4.52 -18.39 13.60
C LEU A 262 3.31 -19.11 14.13
N LYS A 263 3.15 -19.10 15.44
CA LYS A 263 2.02 -19.77 16.10
C LYS A 263 0.70 -19.04 16.06
N GLU A 264 0.72 -17.82 16.58
CA GLU A 264 -0.49 -17.02 16.62
C GLU A 264 -0.99 -16.46 15.28
N ASN A 265 -0.10 -15.95 14.48
CA ASN A 265 -0.54 -15.39 13.22
C ASN A 265 -0.61 -16.39 12.09
N PHE A 266 0.43 -17.17 11.89
CA PHE A 266 0.45 -18.11 10.78
C PHE A 266 -0.03 -19.54 11.06
N GLY A 267 -0.49 -19.79 12.28
CA GLY A 267 -1.01 -21.09 12.63
C GLY A 267 -0.10 -22.30 12.79
N TYR A 268 1.18 -22.10 13.04
CA TYR A 268 2.09 -23.25 13.24
C TYR A 268 1.86 -23.94 14.60
N ASN A 269 2.46 -25.12 14.73
CA ASN A 269 2.37 -26.00 15.91
C ASN A 269 2.80 -25.41 17.24
N GLN A 270 2.13 -25.82 18.31
CA GLN A 270 2.47 -25.32 19.64
C GLN A 270 3.90 -25.64 20.01
N SER A 271 4.47 -26.59 19.30
CA SER A 271 5.85 -26.95 19.55
C SER A 271 6.81 -25.82 19.20
N VAL A 272 6.38 -24.91 18.32
CA VAL A 272 7.24 -23.81 17.95
C VAL A 272 7.56 -23.02 19.21
N HIS A 273 8.84 -22.91 19.58
CA HIS A 273 9.23 -22.14 20.76
C HIS A 273 10.66 -21.66 20.70
N GLN A 274 10.99 -20.73 21.56
CA GLN A 274 12.33 -20.20 21.57
C GLN A 274 13.24 -20.88 22.56
N ILE A 275 14.51 -21.01 22.22
CA ILE A 275 15.47 -21.58 23.15
C ILE A 275 16.69 -20.64 23.11
N ASN A 276 17.33 -20.42 24.27
CA ASN A 276 18.50 -19.55 24.34
C ASN A 276 19.82 -20.28 24.62
N ARG A 277 20.79 -20.03 23.73
CA ARG A 277 22.10 -20.65 23.81
C ARG A 277 22.61 -20.72 25.24
N GLY A 278 22.49 -19.60 25.95
CA GLY A 278 22.95 -19.57 27.32
C GLY A 278 22.26 -20.50 28.30
N ASP A 279 21.19 -21.18 27.89
CA ASP A 279 20.50 -22.10 28.80
C ASP A 279 21.01 -23.49 28.57
N PHE A 280 21.98 -23.67 27.72
CA PHE A 280 22.41 -25.02 27.48
C PHE A 280 23.91 -25.24 27.47
N SER A 281 24.27 -26.50 27.60
CA SER A 281 25.64 -26.90 27.54
C SER A 281 25.94 -27.14 26.06
N LYS A 282 27.13 -26.80 25.61
CA LYS A 282 27.42 -26.98 24.18
C LYS A 282 26.89 -28.31 23.59
N GLN A 283 27.05 -29.44 24.27
CA GLN A 283 26.58 -30.69 23.67
C GLN A 283 25.07 -30.74 23.68
N ASP A 284 24.45 -30.23 24.73
CA ASP A 284 22.99 -30.22 24.83
C ASP A 284 22.35 -29.22 23.88
N TRP A 285 23.07 -28.14 23.55
CA TRP A 285 22.61 -27.13 22.60
C TRP A 285 22.63 -27.70 21.18
N GLU A 286 23.71 -28.41 20.85
CA GLU A 286 23.87 -29.06 19.55
C GLU A 286 22.84 -30.17 19.39
N ALA A 287 22.65 -30.92 20.45
CA ALA A 287 21.70 -32.01 20.45
C ALA A 287 20.34 -31.50 20.02
N GLN A 288 20.02 -30.27 20.44
CA GLN A 288 18.75 -29.67 20.10
C GLN A 288 18.58 -29.43 18.60
N ILE A 289 19.63 -28.87 18.00
CA ILE A 289 19.64 -28.55 16.59
C ILE A 289 19.71 -29.82 15.76
N ASP A 290 20.57 -30.74 16.17
CA ASP A 290 20.70 -32.00 15.45
C ASP A 290 19.34 -32.66 15.42
N LYS A 291 18.64 -32.60 16.55
CA LYS A 291 17.35 -33.27 16.64
C LYS A 291 16.35 -32.70 15.67
N GLU A 292 16.39 -31.39 15.57
CA GLU A 292 15.49 -30.67 14.70
C GLU A 292 15.74 -31.11 13.24
N LEU A 293 17.00 -31.06 12.83
CA LEU A 293 17.32 -31.44 11.46
C LEU A 293 16.96 -32.87 11.15
N SER A 294 17.09 -33.75 12.15
CA SER A 294 16.76 -35.16 11.97
C SER A 294 15.33 -35.27 11.52
N GLN A 295 14.54 -34.26 11.86
CA GLN A 295 13.16 -34.27 11.52
C GLN A 295 12.80 -33.43 10.30
N ASN A 296 13.80 -33.05 9.51
CA ASN A 296 13.52 -32.21 8.36
C ASN A 296 12.74 -30.98 8.76
N GLN A 297 13.27 -30.30 9.78
CA GLN A 297 12.70 -29.09 10.29
C GLN A 297 13.83 -28.07 10.39
N PRO A 298 13.96 -27.17 9.40
CA PRO A 298 15.04 -26.20 9.50
C PRO A 298 14.90 -25.46 10.82
N VAL A 299 15.97 -24.78 11.23
CA VAL A 299 16.02 -24.05 12.49
C VAL A 299 16.28 -22.55 12.31
N TYR A 300 15.38 -21.76 12.87
CA TYR A 300 15.54 -20.32 12.84
C TYR A 300 16.68 -20.12 13.83
N TYR A 301 17.66 -19.32 13.47
CA TYR A 301 18.78 -19.07 14.37
C TYR A 301 19.18 -17.62 14.23
N GLN A 302 19.71 -17.02 15.30
CA GLN A 302 20.15 -15.63 15.22
C GLN A 302 21.20 -15.36 16.28
N GLY A 303 21.82 -14.18 16.18
CA GLY A 303 22.80 -13.73 17.16
C GLY A 303 22.30 -12.38 17.64
N VAL A 304 22.22 -12.12 18.94
CA VAL A 304 21.69 -10.83 19.34
C VAL A 304 22.69 -9.70 19.42
N GLY A 305 22.24 -8.56 18.92
CA GLY A 305 23.06 -7.34 18.91
C GLY A 305 22.14 -6.15 19.17
N LYS A 306 22.69 -4.95 19.20
CA LYS A 306 21.86 -3.76 19.46
C LYS A 306 20.70 -3.72 18.46
N VAL A 307 21.06 -3.41 17.23
CA VAL A 307 20.11 -3.31 16.14
C VAL A 307 19.15 -4.49 15.93
N GLY A 308 19.14 -5.49 16.81
CA GLY A 308 18.23 -6.62 16.63
C GLY A 308 18.86 -7.99 16.41
N GLY A 309 18.02 -8.94 16.01
CA GLY A 309 18.48 -10.31 15.78
C GLY A 309 19.12 -10.50 14.43
N HIS A 310 20.39 -10.87 14.47
CA HIS A 310 21.21 -11.14 13.28
C HIS A 310 20.97 -12.58 12.94
N ALA A 311 19.76 -12.83 12.41
CA ALA A 311 19.27 -14.15 12.08
C ALA A 311 19.65 -14.82 10.77
N PHE A 312 19.50 -16.14 10.76
CA PHE A 312 19.72 -16.98 9.60
C PHE A 312 19.06 -18.38 9.76
N VAL A 313 19.28 -19.27 8.81
CA VAL A 313 18.68 -20.58 8.89
C VAL A 313 19.74 -21.67 8.89
N ILE A 314 19.54 -22.64 9.77
CA ILE A 314 20.45 -23.80 9.90
C ILE A 314 19.62 -24.94 9.37
N ASP A 315 19.97 -25.48 8.20
CA ASP A 315 19.19 -26.56 7.63
C ASP A 315 19.91 -27.85 7.26
N GLY A 316 21.11 -28.04 7.82
CA GLY A 316 21.88 -29.24 7.53
C GLY A 316 23.11 -29.36 8.39
N ALA A 317 23.84 -30.46 8.21
CA ALA A 317 25.08 -30.67 8.96
C ALA A 317 25.97 -31.69 8.27
N ASP A 318 27.26 -31.46 8.33
CA ASP A 318 28.28 -32.31 7.71
C ASP A 318 28.67 -33.48 8.53
N GLY A 319 28.05 -33.60 9.70
CA GLY A 319 28.33 -34.68 10.61
C GLY A 319 29.61 -34.48 11.39
N ARG A 320 30.53 -33.69 10.84
CA ARG A 320 31.79 -33.43 11.50
C ARG A 320 31.74 -32.15 12.33
N ASN A 321 30.57 -31.91 12.95
CA ASN A 321 30.36 -30.72 13.80
C ASN A 321 30.24 -29.38 13.12
N PHE A 322 29.81 -29.38 11.86
CA PHE A 322 29.62 -28.13 11.12
C PHE A 322 28.14 -28.04 10.79
N TYR A 323 27.57 -26.85 10.85
CA TYR A 323 26.16 -26.71 10.54
C TYR A 323 25.96 -25.93 9.27
N HIS A 324 24.94 -26.26 8.49
CA HIS A 324 24.73 -25.55 7.24
C HIS A 324 23.83 -24.36 7.36
N VAL A 325 24.37 -23.23 6.95
CA VAL A 325 23.67 -21.97 7.07
C VAL A 325 23.29 -21.38 5.72
N ASN A 326 22.14 -20.69 5.75
CA ASN A 326 21.56 -20.00 4.63
C ASN A 326 21.35 -18.59 5.16
N TRP A 327 22.15 -17.65 4.69
CA TRP A 327 22.10 -16.27 5.14
C TRP A 327 20.98 -15.36 4.59
N GLY A 328 20.06 -15.92 3.80
CA GLY A 328 18.99 -15.11 3.26
C GLY A 328 19.53 -13.93 2.48
N TRP A 329 20.37 -14.27 1.49
CA TRP A 329 21.08 -13.38 0.58
C TRP A 329 21.17 -14.03 -0.82
N GLY A 330 20.36 -15.04 -1.04
CA GLY A 330 20.37 -15.69 -2.32
C GLY A 330 21.33 -16.85 -2.44
N GLY A 331 22.24 -17.04 -1.49
CA GLY A 331 23.17 -18.15 -1.62
C GLY A 331 24.62 -17.76 -1.33
N VAL A 332 24.99 -16.51 -1.56
CA VAL A 332 26.35 -16.13 -1.25
C VAL A 332 26.66 -16.32 0.24
N SER A 333 27.86 -16.81 0.56
CA SER A 333 28.32 -17.09 1.93
C SER A 333 27.68 -18.33 2.56
N ASP A 334 26.70 -18.88 1.88
CA ASP A 334 26.07 -20.09 2.38
C ASP A 334 27.12 -21.20 2.50
N GLY A 335 26.87 -22.13 3.45
CA GLY A 335 27.76 -23.27 3.64
C GLY A 335 27.78 -23.84 5.05
N PHE A 336 28.85 -24.53 5.38
CA PHE A 336 28.93 -25.08 6.71
C PHE A 336 29.79 -24.21 7.60
N PHE A 337 29.25 -23.97 8.79
CA PHE A 337 29.93 -23.15 9.80
C PHE A 337 29.92 -23.80 11.19
N ARG A 338 30.79 -23.31 12.09
CA ARG A 338 30.82 -23.84 13.44
C ARG A 338 29.99 -22.89 14.30
N LEU A 339 29.27 -23.43 15.28
CA LEU A 339 28.43 -22.59 16.10
C LEU A 339 29.23 -21.56 16.87
N ASP A 340 30.53 -21.78 16.97
CA ASP A 340 31.46 -20.89 17.68
C ASP A 340 32.90 -21.36 17.47
N ALA A 341 33.87 -20.50 17.78
CA ALA A 341 35.28 -20.84 17.64
C ALA A 341 35.89 -21.19 18.99
N LEU A 342 35.05 -21.14 20.02
CA LEU A 342 35.45 -21.44 21.40
C LEU A 342 36.23 -22.75 21.58
N ASN A 343 37.19 -22.71 22.49
CA ASN A 343 38.04 -23.85 22.82
C ASN A 343 37.41 -24.36 24.13
N PRO A 344 37.22 -25.69 24.27
CA PRO A 344 36.62 -26.22 25.50
C PRO A 344 37.33 -25.94 26.86
N GLY A 355 33.47 -17.77 27.58
CA GLY A 355 32.87 -18.23 26.27
C GLY A 355 31.74 -17.37 25.72
N PHE A 356 32.12 -16.30 25.03
CA PHE A 356 31.14 -15.40 24.42
C PHE A 356 30.28 -16.20 23.38
N ASN A 357 28.95 -16.23 23.60
CA ASN A 357 28.03 -16.94 22.70
C ASN A 357 27.25 -15.97 21.80
N GLY A 358 27.54 -14.66 21.89
CA GLY A 358 26.82 -13.67 21.09
C GLY A 358 25.33 -13.55 21.47
N TYR A 359 25.01 -13.97 22.72
CA TYR A 359 23.64 -13.93 23.23
C TYR A 359 22.81 -14.67 22.19
N GLN A 360 23.39 -15.74 21.63
CA GLN A 360 22.71 -16.53 20.61
C GLN A 360 21.40 -17.12 21.11
N SER A 361 20.53 -17.47 20.17
CA SER A 361 19.24 -18.10 20.45
C SER A 361 18.67 -18.67 19.19
N ALA A 362 17.53 -19.33 19.32
CA ALA A 362 16.90 -19.94 18.15
C ALA A 362 15.43 -20.30 18.39
N VAL A 363 14.68 -20.48 17.30
CA VAL A 363 13.28 -20.87 17.39
C VAL A 363 13.28 -22.25 16.75
N VAL A 364 12.80 -23.23 17.50
CA VAL A 364 12.77 -24.62 17.08
C VAL A 364 11.38 -25.22 17.23
N GLY A 365 11.22 -26.42 16.69
CA GLY A 365 9.94 -27.06 16.78
C GLY A 365 9.03 -26.44 15.76
N ILE A 366 9.63 -25.83 14.73
CA ILE A 366 8.86 -25.17 13.67
C ILE A 366 8.26 -26.15 12.67
N LYS A 367 6.97 -26.43 12.84
CA LYS A 367 6.29 -27.34 11.94
C LYS A 367 4.80 -27.05 12.04
N PRO A 368 4.05 -27.42 11.01
CA PRO A 368 2.61 -27.22 10.93
C PRO A 368 1.90 -27.75 12.13
N PHE B 1 28.33 -43.00 -35.02
CA PHE B 1 28.64 -41.54 -35.05
C PHE B 1 27.96 -40.71 -33.94
N ALA B 2 26.89 -41.25 -33.33
CA ALA B 2 26.20 -40.55 -32.26
C ALA B 2 27.05 -40.61 -30.98
N ARG B 3 26.88 -39.64 -30.08
CA ARG B 3 27.59 -39.62 -28.79
C ARG B 3 26.46 -39.59 -27.79
N ASN B 4 26.41 -40.59 -26.92
CA ASN B 4 25.30 -40.66 -25.99
C ASN B 4 25.65 -40.44 -24.53
N GLU B 5 24.67 -39.89 -23.79
CA GLU B 5 24.75 -39.61 -22.36
C GLU B 5 26.04 -40.00 -21.68
N LYS B 6 26.15 -41.28 -21.33
CA LYS B 6 27.35 -41.79 -20.65
C LYS B 6 28.66 -41.28 -21.32
N GLU B 7 28.74 -41.41 -22.64
CA GLU B 7 29.91 -40.97 -23.42
C GLU B 7 30.17 -39.44 -23.25
N ALA B 8 29.13 -38.63 -23.51
CA ALA B 8 29.24 -37.17 -23.37
C ALA B 8 29.74 -36.89 -21.95
N LYS B 9 29.04 -37.46 -20.98
CA LYS B 9 29.38 -37.27 -19.59
C LYS B 9 30.85 -37.53 -19.43
N ASP B 10 31.30 -38.58 -20.10
CA ASP B 10 32.70 -38.93 -19.99
C ASP B 10 33.60 -37.86 -20.63
N SER B 11 33.20 -37.46 -21.84
CA SER B 11 33.91 -36.44 -22.61
C SER B 11 34.09 -35.19 -21.72
N ALA B 12 33.07 -34.93 -20.89
CA ALA B 12 33.08 -33.77 -19.98
C ALA B 12 34.23 -33.91 -18.98
N ILE B 13 34.10 -34.92 -18.13
CA ILE B 13 35.08 -35.18 -17.08
C ILE B 13 36.49 -35.18 -17.64
N THR B 14 36.62 -35.86 -18.78
CA THR B 14 37.89 -35.96 -19.48
C THR B 14 38.41 -34.54 -19.73
N PHE B 15 37.54 -33.71 -20.34
CA PHE B 15 37.88 -32.31 -20.66
C PHE B 15 38.31 -31.61 -19.38
N ILE B 16 37.53 -31.81 -18.33
CA ILE B 16 37.84 -31.17 -17.07
C ILE B 16 39.19 -31.65 -16.60
N GLN B 17 39.30 -32.97 -16.40
CA GLN B 17 40.52 -33.57 -15.92
C GLN B 17 41.71 -33.23 -16.77
N LYS B 18 41.54 -33.24 -18.08
CA LYS B 18 42.65 -32.91 -18.99
C LYS B 18 43.32 -31.59 -18.60
N ILE B 32 34.75 -35.75 -8.90
CA ILE B 32 33.90 -34.70 -9.56
C ILE B 32 32.51 -35.24 -9.90
N LYS B 33 31.50 -34.38 -9.74
CA LYS B 33 30.12 -34.78 -10.05
C LYS B 33 29.51 -33.82 -11.10
N LEU B 34 28.81 -34.40 -12.07
CA LEU B 34 28.24 -33.63 -13.14
C LEU B 34 26.74 -33.79 -13.20
N ASP B 35 26.02 -32.68 -13.02
CA ASP B 35 24.57 -32.74 -13.06
C ASP B 35 24.19 -32.27 -14.46
N LYS B 36 23.39 -33.06 -15.15
CA LYS B 36 22.95 -32.69 -16.50
C LYS B 36 21.94 -31.55 -16.41
N VAL B 37 21.99 -30.64 -17.39
CA VAL B 37 21.07 -29.51 -17.45
C VAL B 37 19.90 -29.75 -18.40
N ASN B 38 18.73 -29.32 -17.96
CA ASN B 38 17.53 -29.56 -18.73
C ASN B 38 17.07 -28.33 -19.48
N LEU B 39 17.15 -28.39 -20.80
CA LEU B 39 16.73 -27.28 -21.67
C LEU B 39 15.54 -27.92 -22.38
N GLY B 40 14.63 -27.12 -22.97
CA GLY B 40 13.50 -27.77 -23.61
C GLY B 40 13.33 -27.36 -25.04
N GLY B 41 12.14 -26.88 -25.35
CA GLY B 41 11.83 -26.39 -26.69
C GLY B 41 12.78 -26.85 -27.78
N GLU B 42 13.40 -25.89 -28.47
CA GLU B 42 14.31 -26.26 -29.56
C GLU B 42 15.52 -27.05 -29.03
N LEU B 43 15.96 -26.76 -27.81
CA LEU B 43 17.12 -27.47 -27.27
C LEU B 43 16.79 -28.85 -26.72
N SER B 44 15.61 -29.34 -27.08
CA SER B 44 15.21 -30.66 -26.62
C SER B 44 15.99 -31.63 -27.47
N GLY B 45 15.97 -32.91 -27.08
CA GLY B 45 16.71 -33.92 -27.83
C GLY B 45 18.10 -34.15 -27.25
N SER B 46 18.96 -34.84 -28.02
CA SER B 46 20.29 -35.13 -27.51
C SER B 46 21.35 -34.87 -28.57
N ASN B 47 21.14 -33.81 -29.35
CA ASN B 47 22.11 -33.44 -30.35
C ASN B 47 23.24 -32.75 -29.61
N MET B 48 22.96 -32.37 -28.37
CA MET B 48 23.90 -31.66 -27.51
C MET B 48 23.62 -31.96 -26.02
N TYR B 49 24.66 -31.90 -25.19
CA TYR B 49 24.49 -32.15 -23.75
C TYR B 49 25.18 -31.06 -22.90
N VAL B 50 24.59 -30.74 -21.75
CA VAL B 50 25.18 -29.76 -20.84
C VAL B 50 25.26 -30.30 -19.39
N TYR B 51 26.44 -30.23 -18.80
CA TYR B 51 26.58 -30.69 -17.43
C TYR B 51 27.25 -29.63 -16.55
N ASN B 52 26.53 -29.24 -15.51
CA ASN B 52 27.03 -28.28 -14.55
C ASN B 52 27.86 -29.09 -13.56
N ILE B 53 29.14 -28.71 -13.43
CA ILE B 53 30.01 -29.39 -12.47
C ILE B 53 29.52 -28.82 -11.17
N SER B 54 29.25 -29.71 -10.21
CA SER B 54 28.71 -29.33 -8.88
C SER B 54 29.61 -28.46 -7.98
N THR B 55 30.93 -28.64 -8.04
CA THR B 55 31.86 -27.82 -7.24
C THR B 55 31.97 -26.46 -7.96
N GLY B 56 31.50 -26.43 -9.20
CA GLY B 56 31.55 -25.21 -9.98
C GLY B 56 31.92 -25.39 -11.46
N GLY B 57 31.32 -24.58 -12.32
CA GLY B 57 31.63 -24.69 -13.72
C GLY B 57 30.67 -25.55 -14.52
N PHE B 58 30.95 -25.63 -15.82
CA PHE B 58 30.13 -26.43 -16.71
C PHE B 58 30.88 -26.75 -18.01
N VAL B 59 30.34 -27.74 -18.72
CA VAL B 59 30.91 -28.22 -19.98
C VAL B 59 29.73 -28.59 -20.93
N ILE B 60 29.78 -28.07 -22.16
CA ILE B 60 28.72 -28.38 -23.10
C ILE B 60 29.30 -29.34 -24.12
N VAL B 61 28.64 -30.49 -24.28
CA VAL B 61 29.09 -31.55 -25.18
C VAL B 61 28.19 -31.80 -26.39
N SER B 62 28.82 -31.98 -27.54
CA SER B 62 28.15 -32.30 -28.80
C SER B 62 27.69 -33.74 -28.66
N GLY B 63 26.54 -34.06 -29.26
CA GLY B 63 26.01 -35.41 -29.16
C GLY B 63 26.22 -36.26 -30.40
N ASP B 64 27.14 -35.81 -31.27
CA ASP B 64 27.43 -36.50 -32.53
C ASP B 64 28.85 -36.22 -33.04
N LYS B 65 29.66 -37.27 -32.98
CA LYS B 65 31.05 -37.24 -33.36
C LYS B 65 31.45 -36.50 -34.65
N ARG B 66 30.49 -36.24 -35.53
CA ARG B 66 30.83 -35.51 -36.75
C ARG B 66 31.05 -34.05 -36.40
N SER B 67 30.35 -33.57 -35.37
CA SER B 67 30.48 -32.21 -34.92
C SER B 67 31.61 -32.16 -33.90
N PRO B 68 32.17 -30.96 -33.59
CA PRO B 68 33.26 -30.96 -32.60
C PRO B 68 32.83 -31.37 -31.16
N GLU B 69 33.74 -31.96 -30.40
CA GLU B 69 33.42 -32.47 -29.07
C GLU B 69 33.04 -31.43 -28.01
N ILE B 70 33.97 -30.54 -27.70
CA ILE B 70 33.63 -29.58 -26.68
C ILE B 70 33.25 -28.25 -27.30
N LEU B 71 31.98 -27.90 -27.12
CA LEU B 71 31.40 -26.68 -27.69
C LEU B 71 31.54 -25.44 -26.79
N GLY B 72 31.65 -25.66 -25.48
CA GLY B 72 31.77 -24.55 -24.57
C GLY B 72 31.96 -25.04 -23.15
N TYR B 73 32.63 -24.21 -22.35
CA TYR B 73 32.93 -24.60 -20.98
C TYR B 73 33.24 -23.38 -20.10
N SER B 74 33.25 -23.63 -18.79
CA SER B 74 33.66 -22.62 -17.82
C SER B 74 34.10 -23.37 -16.58
N THR B 75 35.29 -23.00 -16.10
CA THR B 75 35.85 -23.65 -14.92
C THR B 75 34.91 -23.42 -13.76
N SER B 76 34.31 -22.24 -13.75
CA SER B 76 33.41 -21.91 -12.66
C SER B 76 32.01 -21.47 -13.11
N GLY B 77 31.20 -21.08 -12.12
CA GLY B 77 29.85 -20.63 -12.42
C GLY B 77 29.00 -21.81 -12.80
N SER B 78 28.01 -21.59 -13.67
CA SER B 78 27.13 -22.65 -14.13
C SER B 78 26.47 -22.23 -15.43
N PHE B 79 25.83 -23.18 -16.11
CA PHE B 79 25.13 -22.91 -17.36
C PHE B 79 23.63 -23.06 -17.21
N ASP B 80 22.91 -22.19 -17.90
CA ASP B 80 21.48 -22.23 -17.85
C ASP B 80 20.90 -21.33 -18.94
N ALA B 81 19.78 -21.74 -19.53
CA ALA B 81 19.17 -20.93 -20.56
C ALA B 81 17.79 -20.46 -20.23
N ASN B 82 17.17 -21.10 -19.25
CA ASN B 82 15.81 -20.77 -18.88
C ASN B 82 15.50 -19.28 -18.83
N GLY B 83 14.68 -18.81 -19.77
CA GLY B 83 14.27 -17.41 -19.81
C GLY B 83 15.28 -16.50 -20.46
N LYS B 84 16.51 -16.96 -20.51
CA LYS B 84 17.56 -16.18 -21.12
C LYS B 84 17.63 -16.52 -22.61
N GLU B 85 16.75 -15.87 -23.38
CA GLU B 85 16.63 -16.08 -24.83
C GLU B 85 17.90 -15.90 -25.65
N ASN B 86 18.65 -14.80 -25.47
CA ASN B 86 19.88 -14.63 -26.26
C ASN B 86 20.77 -15.85 -26.14
N ILE B 87 20.77 -16.48 -24.95
CA ILE B 87 21.58 -17.66 -24.66
C ILE B 87 21.05 -18.89 -25.34
N ALA B 88 19.72 -18.97 -25.36
CA ALA B 88 19.05 -20.12 -25.96
C ALA B 88 19.15 -20.01 -27.46
N SER B 89 19.02 -18.79 -27.95
CA SER B 89 19.10 -18.57 -29.39
C SER B 89 20.45 -19.06 -29.91
N PHE B 90 21.49 -18.99 -29.08
CA PHE B 90 22.82 -19.45 -29.49
C PHE B 90 22.85 -20.99 -29.52
N MET B 91 22.54 -21.62 -28.39
CA MET B 91 22.51 -23.06 -28.33
C MET B 91 21.66 -23.65 -29.48
N GLU B 92 20.58 -22.96 -29.86
CA GLU B 92 19.76 -23.46 -30.95
C GLU B 92 20.64 -23.57 -32.20
N SER B 93 21.33 -22.51 -32.59
CA SER B 93 22.17 -22.60 -33.77
C SER B 93 23.12 -23.80 -33.62
N TYR B 94 23.90 -23.84 -32.54
CA TYR B 94 24.84 -24.94 -32.30
C TYR B 94 24.19 -26.23 -32.76
N VAL B 95 22.94 -26.41 -32.31
CA VAL B 95 22.13 -27.59 -32.62
C VAL B 95 21.79 -27.71 -34.11
N GLU B 96 20.98 -26.79 -34.61
CA GLU B 96 20.61 -26.80 -36.04
C GLU B 96 21.90 -26.37 -36.71
N GLN B 97 22.94 -27.20 -36.54
CA GLN B 97 24.28 -26.93 -37.06
C GLN B 97 25.01 -28.24 -36.88
N ILE B 98 24.78 -28.86 -35.74
CA ILE B 98 25.39 -30.12 -35.43
C ILE B 98 24.71 -31.09 -36.35
N LYS B 99 23.50 -30.71 -36.74
CA LYS B 99 22.69 -31.51 -37.66
C LYS B 99 23.27 -31.35 -39.09
N GLU B 100 23.63 -30.14 -39.48
CA GLU B 100 24.21 -29.93 -40.80
C GLU B 100 25.57 -30.67 -40.95
N ASN B 101 26.14 -31.13 -39.83
CA ASN B 101 27.41 -31.84 -39.92
C ASN B 101 27.15 -33.31 -40.23
N LYS B 102 25.95 -33.76 -39.88
CA LYS B 102 25.55 -35.15 -40.13
C LYS B 102 25.48 -35.47 -41.63
N LYS B 103 25.66 -34.44 -42.48
CA LYS B 103 25.67 -34.58 -43.97
C LYS B 103 26.97 -35.25 -44.42
N LEU B 104 27.98 -35.21 -43.55
CA LEU B 104 29.30 -35.79 -43.81
C LEU B 104 29.38 -37.23 -43.35
N ASP B 105 30.56 -37.81 -43.53
CA ASP B 105 30.76 -39.16 -43.10
C ASP B 105 32.14 -39.27 -42.44
N THR B 106 32.84 -38.14 -42.36
CA THR B 106 34.15 -38.14 -41.70
C THR B 106 33.94 -37.68 -40.23
N THR B 107 34.82 -38.03 -39.30
CA THR B 107 34.66 -37.59 -37.89
C THR B 107 35.28 -36.20 -37.72
N TYR B 108 35.05 -35.54 -36.59
CA TYR B 108 35.64 -34.19 -36.45
C TYR B 108 37.19 -34.18 -36.35
N ALA B 109 37.79 -33.26 -37.11
CA ALA B 109 39.25 -33.03 -37.24
C ALA B 109 39.94 -32.50 -36.00
N GLN B 116 45.68 -18.36 -32.75
CA GLN B 116 44.95 -17.68 -31.64
C GLN B 116 45.74 -17.51 -30.33
N PRO B 117 45.80 -16.25 -29.83
CA PRO B 117 46.50 -15.84 -28.59
C PRO B 117 45.49 -15.84 -27.42
N VAL B 118 45.91 -15.51 -26.21
CA VAL B 118 44.95 -15.56 -25.12
C VAL B 118 44.60 -14.23 -24.48
N VAL B 119 43.30 -13.95 -24.36
CA VAL B 119 42.85 -12.73 -23.67
C VAL B 119 41.90 -13.07 -22.53
N LYS B 120 42.24 -12.61 -21.33
CA LYS B 120 41.39 -12.85 -20.18
C LYS B 120 40.18 -11.90 -20.21
N SER B 121 39.02 -12.45 -19.90
CA SER B 121 37.79 -11.67 -19.91
C SER B 121 38.07 -10.24 -19.56
N LEU B 122 37.84 -9.37 -20.54
CA LEU B 122 38.06 -7.95 -20.35
C LEU B 122 37.10 -7.35 -19.32
N LEU B 123 35.83 -7.72 -19.42
CA LEU B 123 34.80 -7.22 -18.51
C LEU B 123 35.03 -7.79 -17.11
N ASP B 124 35.35 -9.07 -17.01
CA ASP B 124 35.59 -9.62 -15.70
C ASP B 124 36.71 -8.89 -14.99
N SER B 125 37.72 -8.48 -15.76
CA SER B 125 38.87 -7.77 -15.20
C SER B 125 38.48 -6.43 -14.60
N LYS B 126 37.28 -5.94 -14.92
CA LYS B 126 36.84 -4.65 -14.38
C LYS B 126 35.58 -4.86 -13.54
N GLY B 127 35.31 -6.13 -13.32
CA GLY B 127 34.18 -6.54 -12.52
C GLY B 127 32.86 -6.04 -13.03
N ILE B 128 32.69 -6.05 -14.35
CA ILE B 128 31.43 -5.60 -14.96
C ILE B 128 30.44 -6.77 -15.21
N HIS B 129 29.30 -6.73 -14.52
CA HIS B 129 28.26 -7.75 -14.66
C HIS B 129 26.89 -7.16 -14.52
N TYR B 130 26.39 -6.65 -15.61
CA TYR B 130 25.09 -6.04 -15.64
C TYR B 130 23.99 -7.07 -15.90
N ASN B 131 22.74 -6.65 -15.71
CA ASN B 131 21.63 -7.53 -15.96
C ASN B 131 20.59 -6.78 -16.78
N GLN B 132 19.36 -7.28 -16.85
CA GLN B 132 18.33 -6.58 -17.61
C GLN B 132 17.17 -6.21 -16.73
N GLY B 133 17.29 -6.51 -15.45
CA GLY B 133 16.19 -6.22 -14.56
C GLY B 133 16.47 -5.11 -13.59
N ASN B 134 15.84 -5.20 -12.43
CA ASN B 134 16.01 -4.20 -11.42
C ASN B 134 17.45 -4.36 -10.91
N PRO B 135 18.16 -3.24 -10.66
CA PRO B 135 17.74 -1.84 -10.82
C PRO B 135 18.09 -1.27 -12.18
N TYR B 136 18.70 -2.08 -13.05
CA TYR B 136 19.04 -1.61 -14.38
C TYR B 136 17.84 -1.03 -15.08
N ASN B 137 16.75 -1.77 -15.00
CA ASN B 137 15.53 -1.37 -15.64
C ASN B 137 14.69 -0.38 -14.88
N LEU B 138 15.25 0.21 -13.85
CA LEU B 138 14.50 1.14 -13.05
C LEU B 138 13.85 2.26 -13.83
N LEU B 139 14.33 2.57 -15.03
CA LEU B 139 13.71 3.68 -15.78
C LEU B 139 13.18 3.33 -17.17
N THR B 140 13.03 2.04 -17.47
CA THR B 140 12.50 1.67 -18.77
C THR B 140 11.00 1.89 -18.65
N PRO B 141 10.29 1.93 -19.77
CA PRO B 141 8.83 2.13 -19.73
C PRO B 141 8.09 1.15 -18.84
N VAL B 142 7.08 1.62 -18.11
CA VAL B 142 6.30 0.75 -17.23
C VAL B 142 5.22 0.15 -18.10
N ILE B 143 5.21 -1.19 -18.17
CA ILE B 143 4.25 -1.96 -18.95
C ILE B 143 2.83 -1.59 -18.52
N GLU B 144 2.00 -1.27 -19.51
CA GLU B 144 0.65 -0.80 -19.33
C GLU B 144 -0.47 -1.76 -19.66
N LYS B 145 -0.20 -2.73 -20.54
CA LYS B 145 -1.21 -3.70 -20.97
C LYS B 145 -0.78 -5.17 -20.84
N VAL B 146 -1.75 -6.08 -20.90
CA VAL B 146 -1.49 -7.51 -20.79
C VAL B 146 -1.50 -8.16 -22.16
N LYS B 147 -0.47 -8.94 -22.48
CA LYS B 147 -0.48 -9.62 -23.78
C LYS B 147 -1.42 -10.83 -23.65
N PRO B 148 -2.42 -10.93 -24.54
CA PRO B 148 -3.33 -12.05 -24.45
C PRO B 148 -2.64 -13.40 -24.37
N GLY B 149 -3.11 -14.20 -23.41
CA GLY B 149 -2.59 -15.52 -23.20
C GLY B 149 -1.29 -15.51 -22.42
N GLU B 150 -1.03 -14.40 -21.75
CA GLU B 150 0.18 -14.25 -20.95
C GLU B 150 -0.25 -13.64 -19.61
N GLN B 151 0.55 -13.87 -18.57
CA GLN B 151 0.22 -13.29 -17.30
C GLN B 151 0.58 -11.81 -17.39
N SER B 152 -0.07 -11.00 -16.57
CA SER B 152 0.16 -9.57 -16.53
C SER B 152 1.51 -9.18 -15.90
N PHE B 153 2.15 -8.17 -16.51
CA PHE B 153 3.38 -7.58 -16.04
C PHE B 153 3.06 -6.11 -15.92
N VAL B 154 1.78 -5.77 -15.82
CA VAL B 154 1.35 -4.37 -15.72
C VAL B 154 1.91 -3.73 -14.47
N GLY B 155 2.51 -2.54 -14.63
CA GLY B 155 3.09 -1.87 -13.49
C GLY B 155 4.56 -2.22 -13.29
N GLN B 156 5.03 -3.28 -13.96
CA GLN B 156 6.44 -3.70 -13.88
C GLN B 156 7.18 -2.85 -14.90
N HIS B 157 8.47 -2.64 -14.70
CA HIS B 157 9.19 -1.84 -15.68
C HIS B 157 9.62 -2.80 -16.75
N ALA B 158 9.56 -2.38 -18.01
CA ALA B 158 10.00 -3.25 -19.07
C ALA B 158 11.43 -3.78 -18.77
N ALA B 159 11.95 -4.75 -19.52
CA ALA B 159 13.33 -5.22 -19.26
C ALA B 159 14.20 -4.31 -20.06
N THR B 160 15.46 -4.16 -19.69
CA THR B 160 16.28 -3.23 -20.46
C THR B 160 16.52 -3.74 -21.88
N GLY B 161 16.43 -5.05 -22.05
CA GLY B 161 16.70 -5.57 -23.37
C GLY B 161 18.14 -5.96 -23.30
N CYS B 162 18.54 -6.99 -24.06
CA CYS B 162 19.90 -7.48 -24.08
C CYS B 162 20.95 -6.69 -24.80
N VAL B 163 20.54 -6.05 -25.89
CA VAL B 163 21.46 -5.30 -26.71
C VAL B 163 21.78 -4.04 -25.91
N ALA B 164 20.81 -3.63 -25.10
CA ALA B 164 20.96 -2.45 -24.27
C ALA B 164 21.97 -2.85 -23.22
N THR B 165 21.81 -4.07 -22.72
CA THR B 165 22.71 -4.59 -21.69
C THR B 165 24.11 -4.85 -22.24
N ALA B 166 24.19 -5.51 -23.42
CA ALA B 166 25.47 -5.82 -24.02
C ALA B 166 26.18 -4.54 -24.32
N THR B 167 25.43 -3.56 -24.80
CA THR B 167 26.03 -2.27 -25.13
C THR B 167 26.55 -1.51 -23.92
N ALA B 168 25.74 -1.46 -22.86
CA ALA B 168 26.09 -0.74 -21.64
C ALA B 168 27.33 -1.31 -20.98
N GLN B 169 27.44 -2.63 -20.96
CA GLN B 169 28.60 -3.25 -20.36
C GLN B 169 29.84 -2.76 -21.09
N ILE B 170 29.82 -2.87 -22.41
CA ILE B 170 30.96 -2.36 -23.22
C ILE B 170 31.24 -0.86 -22.95
N MET B 171 30.18 -0.07 -22.74
CA MET B 171 30.34 1.35 -22.46
C MET B 171 30.99 1.58 -21.09
N LYS B 172 30.59 0.78 -20.11
CA LYS B 172 31.16 0.96 -18.77
C LYS B 172 32.63 0.58 -18.80
N TYR B 173 32.93 -0.42 -19.62
CA TYR B 173 34.31 -0.87 -19.75
C TYR B 173 35.21 0.25 -20.24
N HIS B 174 34.67 1.22 -20.97
CA HIS B 174 35.47 2.36 -21.48
C HIS B 174 35.10 3.60 -20.72
N ASN B 175 34.13 3.47 -19.81
CA ASN B 175 33.63 4.59 -18.99
C ASN B 175 33.45 5.84 -19.82
N TYR B 176 32.85 5.72 -20.99
CA TYR B 176 32.72 6.85 -21.88
C TYR B 176 31.34 6.81 -22.52
N PRO B 177 30.77 7.96 -22.90
CA PRO B 177 31.28 9.33 -22.82
C PRO B 177 31.10 9.91 -21.43
N ASN B 178 31.42 11.17 -21.27
CA ASN B 178 31.20 11.81 -19.99
C ASN B 178 30.00 12.65 -20.31
N LYS B 179 29.96 13.15 -21.55
CA LYS B 179 28.85 13.99 -22.01
C LYS B 179 28.15 13.37 -23.19
N GLY B 180 26.83 13.17 -23.06
CA GLY B 180 26.06 12.61 -24.17
C GLY B 180 26.19 13.58 -25.31
N LEU B 181 26.25 13.07 -26.52
CA LEU B 181 26.42 13.89 -27.68
C LEU B 181 25.14 14.40 -28.38
N LYS B 182 24.23 13.50 -28.73
CA LYS B 182 23.03 13.91 -29.48
C LYS B 182 21.76 13.23 -28.98
N ASP B 183 20.68 14.00 -28.86
CA ASP B 183 19.40 13.46 -28.40
C ASP B 183 18.84 12.42 -29.34
N TYR B 184 17.90 11.62 -28.85
CA TYR B 184 17.26 10.59 -29.67
C TYR B 184 15.76 10.43 -29.39
N THR B 185 15.03 9.92 -30.38
CA THR B 185 13.60 9.71 -30.20
C THR B 185 13.14 8.65 -31.18
N TYR B 186 12.04 7.98 -30.88
CA TYR B 186 11.49 6.95 -31.76
C TYR B 186 10.06 6.58 -31.38
N THR B 187 9.34 5.99 -32.30
CA THR B 187 7.99 5.60 -31.97
C THR B 187 7.90 4.11 -31.78
N LEU B 188 7.37 3.71 -30.62
CA LEU B 188 7.25 2.32 -30.29
C LEU B 188 6.42 1.60 -31.34
N SER B 189 6.90 0.44 -31.77
CA SER B 189 6.25 -0.39 -32.79
C SER B 189 4.76 -0.44 -32.50
N SER B 190 3.96 -0.20 -33.50
CA SER B 190 2.55 -0.20 -33.23
C SER B 190 1.94 -1.56 -32.91
N ASN B 191 2.67 -2.64 -33.18
CA ASN B 191 2.08 -3.92 -32.87
C ASN B 191 2.42 -4.44 -31.47
N ASN B 192 3.06 -3.55 -30.69
CA ASN B 192 3.49 -3.83 -29.32
C ASN B 192 2.25 -3.93 -28.43
N PRO B 193 2.02 -5.08 -27.79
CA PRO B 193 0.84 -5.23 -26.93
C PRO B 193 0.92 -4.65 -25.51
N TYR B 194 2.10 -4.26 -25.07
CA TYR B 194 2.21 -3.78 -23.73
C TYR B 194 1.99 -2.32 -23.51
N PHE B 195 1.81 -1.55 -24.58
CA PHE B 195 1.62 -0.13 -24.43
C PHE B 195 0.50 0.43 -25.27
N ASN B 196 -0.03 1.56 -24.82
CA ASN B 196 -1.06 2.23 -25.59
C ASN B 196 -0.29 2.93 -26.67
N HIS B 197 -0.95 3.13 -27.81
CA HIS B 197 -0.34 3.77 -28.97
C HIS B 197 -1.11 5.00 -29.36
N PRO B 198 -0.42 5.99 -29.91
CA PRO B 198 1.01 5.97 -30.16
C PRO B 198 1.82 6.15 -28.88
N LYS B 199 3.07 5.72 -28.94
CA LYS B 199 3.98 5.85 -27.83
C LYS B 199 5.32 6.33 -28.37
N ASN B 200 5.71 7.52 -27.95
CA ASN B 200 6.98 8.09 -28.38
C ASN B 200 7.87 8.11 -27.14
N LEU B 201 9.12 7.70 -27.29
CA LEU B 201 10.01 7.71 -26.14
C LEU B 201 11.13 8.68 -26.50
N PHE B 202 11.62 9.40 -25.51
CA PHE B 202 12.67 10.40 -25.76
C PHE B 202 13.77 10.40 -24.70
N ALA B 203 15.02 10.41 -25.15
CA ALA B 203 16.15 10.42 -24.23
C ALA B 203 16.95 11.70 -24.51
N ALA B 204 17.10 12.56 -23.51
CA ALA B 204 17.84 13.81 -23.72
C ALA B 204 19.34 13.56 -23.54
N ILE B 205 19.85 12.58 -24.27
CA ILE B 205 21.24 12.23 -24.19
C ILE B 205 22.13 13.47 -24.31
N SER B 206 21.82 14.35 -25.26
CA SER B 206 22.66 15.51 -25.46
C SER B 206 22.93 16.33 -24.21
N THR B 207 22.10 16.20 -23.18
CA THR B 207 22.26 16.98 -21.95
C THR B 207 22.82 16.16 -20.80
N ARG B 208 23.34 14.99 -21.12
CA ARG B 208 23.85 14.11 -20.08
C ARG B 208 25.29 14.32 -19.66
N GLN B 209 25.54 14.10 -18.37
CA GLN B 209 26.85 14.19 -17.77
C GLN B 209 27.06 12.87 -17.05
N TYR B 210 27.25 11.80 -17.81
CA TYR B 210 27.44 10.49 -17.26
C TYR B 210 28.56 10.42 -16.25
N ASN B 211 28.22 10.23 -14.97
CA ASN B 211 29.25 10.13 -13.93
C ASN B 211 29.70 8.67 -13.72
N TRP B 212 30.71 8.22 -14.45
CA TRP B 212 31.11 6.82 -14.32
C TRP B 212 31.62 6.35 -12.97
N ASN B 213 31.41 7.18 -11.95
CA ASN B 213 31.79 6.79 -10.61
C ASN B 213 30.55 6.36 -9.92
N ASN B 214 29.42 6.81 -10.45
CA ASN B 214 28.13 6.44 -9.91
C ASN B 214 27.62 5.22 -10.62
N ILE B 215 27.97 5.09 -11.89
CA ILE B 215 27.58 3.91 -12.66
C ILE B 215 28.55 2.76 -12.35
N LEU B 216 28.28 2.06 -11.24
CA LEU B 216 29.09 0.95 -10.79
C LEU B 216 29.22 -0.16 -11.83
N PRO B 217 30.24 -1.00 -11.71
CA PRO B 217 30.38 -2.07 -12.68
C PRO B 217 29.34 -3.15 -12.48
N THR B 218 28.70 -3.17 -11.31
CA THR B 218 27.70 -4.18 -11.02
C THR B 218 26.94 -3.72 -9.83
N TYR B 219 25.67 -4.10 -9.73
CA TYR B 219 24.84 -3.71 -8.59
C TYR B 219 24.34 -4.96 -7.91
N SER B 220 24.16 -4.89 -6.59
CA SER B 220 23.66 -6.02 -5.77
C SER B 220 22.21 -5.75 -5.42
N GLY B 221 21.79 -4.50 -5.59
CA GLY B 221 20.42 -4.13 -5.29
C GLY B 221 20.20 -3.40 -3.96
N ARG B 222 21.30 -3.14 -3.25
CA ARG B 222 21.26 -2.43 -1.99
C ARG B 222 21.89 -1.04 -2.17
N GLU B 223 22.16 -0.68 -3.42
CA GLU B 223 22.75 0.62 -3.67
C GLU B 223 21.80 1.75 -3.23
N SER B 224 22.31 2.97 -3.11
CA SER B 224 21.46 4.07 -2.73
C SER B 224 20.73 4.53 -3.98
N ASN B 225 20.21 5.74 -3.94
CA ASN B 225 19.53 6.32 -5.08
C ASN B 225 20.50 6.85 -6.11
N VAL B 226 21.63 7.38 -5.65
CA VAL B 226 22.61 7.90 -6.57
C VAL B 226 23.14 6.84 -7.51
N GLN B 227 23.54 5.70 -6.97
CA GLN B 227 24.06 4.64 -7.82
C GLN B 227 23.06 4.02 -8.80
N LYS B 228 21.85 3.71 -8.31
CA LYS B 228 20.82 3.10 -9.15
C LYS B 228 20.33 4.07 -10.21
N MET B 229 20.11 5.31 -9.82
CA MET B 229 19.66 6.34 -10.74
C MET B 229 20.65 6.41 -11.89
N ALA B 230 21.94 6.35 -11.55
CA ALA B 230 23.01 6.41 -12.54
C ALA B 230 22.83 5.37 -13.62
N ILE B 231 22.94 4.12 -13.21
CA ILE B 231 22.82 3.00 -14.13
C ILE B 231 21.46 2.89 -14.86
N SER B 232 20.36 2.92 -14.11
CA SER B 232 19.05 2.79 -14.74
C SER B 232 18.86 3.79 -15.85
N GLU B 233 19.54 4.93 -15.70
CA GLU B 233 19.50 6.04 -16.66
C GLU B 233 20.41 5.76 -17.84
N LEU B 234 21.56 5.14 -17.61
CA LEU B 234 22.46 4.81 -18.71
C LEU B 234 21.63 3.89 -19.60
N MET B 235 21.18 2.79 -18.99
CA MET B 235 20.34 1.75 -19.61
C MET B 235 19.10 2.29 -20.33
N ALA B 236 18.49 3.33 -19.80
CA ALA B 236 17.31 3.88 -20.44
C ALA B 236 17.67 4.60 -21.72
N ASP B 237 18.78 5.33 -21.71
CA ASP B 237 19.21 6.06 -22.89
C ASP B 237 19.69 5.13 -24.01
N VAL B 238 20.44 4.09 -23.66
CA VAL B 238 20.94 3.16 -24.66
C VAL B 238 19.77 2.46 -25.32
N GLY B 239 18.87 2.02 -24.46
CA GLY B 239 17.70 1.31 -24.92
C GLY B 239 16.91 2.11 -25.92
N ILE B 240 16.83 3.41 -25.71
CA ILE B 240 16.06 4.19 -26.65
C ILE B 240 16.88 4.40 -27.91
N SER B 241 18.16 4.71 -27.72
CA SER B 241 19.02 4.92 -28.85
C SER B 241 18.94 3.76 -29.81
N VAL B 242 18.52 2.58 -29.37
CA VAL B 242 18.44 1.46 -30.32
C VAL B 242 17.02 1.05 -30.67
N ASP B 243 16.10 1.95 -30.40
CA ASP B 243 14.68 1.78 -30.67
C ASP B 243 14.08 0.54 -29.98
N MET B 244 14.54 0.24 -28.77
CA MET B 244 14.09 -0.90 -28.02
C MET B 244 12.58 -1.12 -27.99
N ASP B 245 12.13 -2.30 -28.41
CA ASP B 245 10.71 -2.68 -28.39
C ASP B 245 10.52 -3.27 -26.99
N TYR B 246 10.09 -2.43 -26.07
CA TYR B 246 9.93 -2.79 -24.67
C TYR B 246 8.80 -3.68 -24.29
N GLY B 247 9.08 -4.59 -23.37
CA GLY B 247 8.10 -5.52 -22.82
C GLY B 247 8.66 -6.36 -21.66
N PRO B 248 7.93 -7.40 -21.24
CA PRO B 248 8.38 -8.26 -20.15
C PRO B 248 9.80 -8.60 -20.52
N SER B 249 10.03 -8.57 -21.81
CA SER B 249 11.33 -8.79 -22.37
C SER B 249 11.46 -7.68 -23.44
N SER B 250 12.67 -7.28 -23.83
CA SER B 250 12.80 -6.19 -24.78
C SER B 250 13.77 -6.43 -25.94
N GLY B 251 13.32 -6.20 -27.17
CA GLY B 251 14.20 -6.50 -28.28
C GLY B 251 14.52 -5.33 -29.17
N SER B 252 15.65 -5.41 -29.87
CA SER B 252 16.10 -4.37 -30.79
C SER B 252 16.73 -5.02 -32.02
N ALA B 253 16.82 -4.26 -33.12
CA ALA B 253 17.40 -4.75 -34.38
C ALA B 253 18.80 -5.18 -34.04
N GLY B 254 19.38 -4.43 -33.11
CA GLY B 254 20.72 -4.75 -32.66
C GLY B 254 21.85 -4.00 -33.32
N SER B 255 22.81 -4.78 -33.82
CA SER B 255 24.02 -4.28 -34.48
C SER B 255 23.88 -2.94 -35.19
N SER B 256 22.91 -2.85 -36.10
CA SER B 256 22.72 -1.64 -36.90
C SER B 256 22.32 -0.37 -36.17
N ARG B 257 21.62 -0.51 -35.05
CA ARG B 257 21.21 0.64 -34.25
C ARG B 257 22.38 0.96 -33.30
N VAL B 258 22.95 -0.12 -32.76
CA VAL B 258 24.04 -0.05 -31.82
C VAL B 258 25.26 0.70 -32.36
N GLN B 259 25.66 0.37 -33.60
CA GLN B 259 26.82 1.03 -34.21
C GLN B 259 26.53 2.49 -34.51
N ARG B 260 25.32 2.78 -34.96
CA ARG B 260 24.92 4.15 -35.28
C ARG B 260 24.73 4.98 -34.01
N ALA B 261 24.28 4.32 -32.95
CA ALA B 261 24.03 4.98 -31.68
C ALA B 261 25.34 5.41 -31.01
N LEU B 262 26.25 4.45 -30.87
CA LEU B 262 27.53 4.67 -30.21
C LEU B 262 28.31 5.83 -30.72
N LYS B 263 28.20 6.07 -32.03
CA LYS B 263 28.91 7.16 -32.68
C LYS B 263 28.14 8.47 -32.66
N GLU B 264 26.94 8.46 -33.20
CA GLU B 264 26.18 9.69 -33.27
C GLU B 264 25.63 10.20 -31.93
N ASN B 265 25.11 9.30 -31.10
CA ASN B 265 24.55 9.75 -29.85
C ASN B 265 25.53 9.82 -28.72
N PHE B 266 26.33 8.79 -28.53
CA PHE B 266 27.25 8.80 -27.40
C PHE B 266 28.69 9.25 -27.70
N GLY B 267 28.93 9.73 -28.93
CA GLY B 267 30.24 10.22 -29.27
C GLY B 267 31.42 9.26 -29.42
N TYR B 268 31.19 7.96 -29.68
CA TYR B 268 32.33 7.05 -29.87
C TYR B 268 33.06 7.27 -31.23
N ASN B 269 34.24 6.66 -31.35
CA ASN B 269 35.10 6.74 -32.53
C ASN B 269 34.45 6.37 -33.87
N GLN B 270 34.90 6.99 -34.94
CA GLN B 270 34.37 6.66 -36.25
C GLN B 270 34.65 5.20 -36.61
N SER B 271 35.59 4.59 -35.90
CA SER B 271 35.94 3.22 -36.18
C SER B 271 34.79 2.32 -35.83
N VAL B 272 33.91 2.79 -34.97
CA VAL B 272 32.82 1.92 -34.60
C VAL B 272 32.00 1.57 -35.83
N HIS B 273 31.92 0.29 -36.17
CA HIS B 273 31.13 -0.13 -37.35
C HIS B 273 30.63 -1.55 -37.30
N GLN B 274 29.70 -1.87 -38.17
CA GLN B 274 29.16 -3.21 -38.15
C GLN B 274 29.82 -4.13 -39.18
N ILE B 275 29.96 -5.41 -38.85
CA ILE B 275 30.53 -6.38 -39.78
C ILE B 275 29.58 -7.57 -39.75
N ASN B 276 29.35 -8.23 -40.88
CA ASN B 276 28.44 -9.39 -40.90
C ASN B 276 29.15 -10.71 -41.13
N ARG B 277 28.91 -11.66 -40.22
CA ARG B 277 29.51 -12.99 -40.28
C ARG B 277 29.55 -13.57 -41.69
N GLY B 278 28.48 -13.32 -42.45
CA GLY B 278 28.41 -13.82 -43.82
C GLY B 278 29.29 -13.14 -44.86
N ASP B 279 30.03 -12.09 -44.49
CA ASP B 279 30.91 -11.44 -45.46
C ASP B 279 32.29 -12.00 -45.28
N PHE B 280 32.46 -12.92 -44.34
CA PHE B 280 33.79 -13.41 -44.07
C PHE B 280 33.97 -14.90 -44.07
N SER B 281 35.24 -15.29 -44.20
CA SER B 281 35.66 -16.68 -44.13
C SER B 281 35.89 -16.94 -42.62
N LYS B 282 35.57 -18.13 -42.14
CA LYS B 282 35.74 -18.40 -40.72
C LYS B 282 37.04 -17.86 -40.10
N GLN B 283 38.18 -18.07 -40.74
CA GLN B 283 39.44 -17.59 -40.20
C GLN B 283 39.48 -16.07 -40.20
N ASP B 284 39.02 -15.47 -41.30
CA ASP B 284 39.01 -14.01 -41.39
C ASP B 284 38.02 -13.37 -40.39
N TRP B 285 36.93 -14.08 -40.12
CA TRP B 285 35.94 -13.60 -39.18
C TRP B 285 36.58 -13.62 -37.79
N GLU B 286 37.21 -14.75 -37.44
CA GLU B 286 37.87 -14.88 -36.15
C GLU B 286 38.97 -13.84 -35.98
N ALA B 287 39.74 -13.65 -37.05
CA ALA B 287 40.86 -12.70 -37.06
C ALA B 287 40.40 -11.31 -36.66
N GLN B 288 39.17 -10.97 -37.07
CA GLN B 288 38.55 -9.69 -36.77
C GLN B 288 38.29 -9.52 -35.26
N ILE B 289 37.78 -10.59 -34.65
CA ILE B 289 37.47 -10.60 -33.22
C ILE B 289 38.73 -10.67 -32.38
N ASP B 290 39.67 -11.54 -32.78
CA ASP B 290 40.95 -11.67 -32.08
C ASP B 290 41.63 -10.30 -32.10
N LYS B 291 41.58 -9.63 -33.26
CA LYS B 291 42.22 -8.35 -33.38
C LYS B 291 41.64 -7.38 -32.39
N GLU B 292 40.33 -7.37 -32.28
CA GLU B 292 39.67 -6.47 -31.35
C GLU B 292 40.08 -6.72 -29.89
N LEU B 293 40.11 -7.99 -29.49
CA LEU B 293 40.47 -8.33 -28.14
C LEU B 293 41.91 -7.99 -27.88
N SER B 294 42.74 -8.10 -28.91
CA SER B 294 44.13 -7.78 -28.72
C SER B 294 44.31 -6.32 -28.29
N GLN B 295 43.29 -5.51 -28.54
CA GLN B 295 43.36 -4.09 -28.19
C GLN B 295 42.49 -3.73 -27.00
N ASN B 296 42.12 -4.71 -26.19
CA ASN B 296 41.27 -4.42 -25.04
C ASN B 296 40.06 -3.61 -25.46
N GLN B 297 39.34 -4.19 -26.41
CA GLN B 297 38.15 -3.61 -26.94
C GLN B 297 37.12 -4.74 -27.02
N PRO B 298 36.20 -4.82 -26.03
CA PRO B 298 35.20 -5.89 -26.06
C PRO B 298 34.45 -5.84 -27.39
N VAL B 299 33.78 -6.91 -27.76
CA VAL B 299 33.07 -6.93 -29.03
C VAL B 299 31.58 -7.16 -28.89
N TYR B 300 30.78 -6.28 -29.49
CA TYR B 300 29.32 -6.45 -29.46
C TYR B 300 29.07 -7.55 -30.45
N TYR B 301 28.23 -8.48 -30.12
CA TYR B 301 28.01 -9.57 -31.04
C TYR B 301 26.56 -9.94 -30.89
N GLN B 302 25.97 -10.50 -31.93
CA GLN B 302 24.57 -10.90 -31.82
C GLN B 302 24.23 -11.94 -32.89
N GLY B 303 23.10 -12.60 -32.71
CA GLY B 303 22.64 -13.58 -33.68
C GLY B 303 21.30 -13.02 -34.11
N VAL B 304 21.00 -13.01 -35.39
CA VAL B 304 19.71 -12.44 -35.76
C VAL B 304 18.57 -13.42 -35.84
N GLY B 305 17.45 -13.00 -35.28
CA GLY B 305 16.24 -13.80 -35.27
C GLY B 305 15.06 -12.89 -35.59
N LYS B 306 13.84 -13.43 -35.57
CA LYS B 306 12.67 -12.59 -35.86
C LYS B 306 12.65 -11.42 -34.87
N VAL B 307 12.32 -11.76 -33.63
CA VAL B 307 12.22 -10.80 -32.57
C VAL B 307 13.40 -9.82 -32.38
N GLY B 308 14.42 -9.86 -33.25
CA GLY B 308 15.54 -8.94 -33.09
C GLY B 308 16.93 -9.54 -32.86
N GLY B 309 17.88 -8.72 -32.43
CA GLY B 309 19.22 -9.20 -32.21
C GLY B 309 19.41 -9.85 -30.86
N HIS B 310 19.79 -11.12 -30.87
CA HIS B 310 20.06 -11.92 -29.68
C HIS B 310 21.51 -11.67 -29.35
N ALA B 311 21.78 -10.45 -28.86
CA ALA B 311 23.13 -10.00 -28.53
C ALA B 311 23.80 -10.42 -27.21
N PHE B 312 25.11 -10.19 -27.15
CA PHE B 312 25.93 -10.47 -26.01
C PHE B 312 27.28 -9.84 -26.26
N VAL B 313 28.23 -10.06 -25.35
CA VAL B 313 29.57 -9.49 -25.47
C VAL B 313 30.67 -10.60 -25.43
N ILE B 314 31.64 -10.49 -26.34
CA ILE B 314 32.77 -11.41 -26.42
C ILE B 314 33.91 -10.54 -25.89
N ASP B 315 34.54 -10.95 -24.80
CA ASP B 315 35.59 -10.12 -24.24
C ASP B 315 36.84 -10.85 -23.84
N GLY B 316 37.07 -12.01 -24.45
CA GLY B 316 38.28 -12.77 -24.16
C GLY B 316 38.42 -13.97 -25.07
N ALA B 317 39.47 -14.75 -24.86
CA ALA B 317 39.62 -15.96 -25.66
C ALA B 317 40.67 -16.87 -25.02
N ASP B 318 40.37 -18.17 -24.99
CA ASP B 318 41.26 -19.18 -24.37
C ASP B 318 42.41 -19.56 -25.26
N GLY B 319 42.53 -18.92 -26.41
CA GLY B 319 43.61 -19.26 -27.29
C GLY B 319 43.36 -20.58 -28.00
N ARG B 320 42.55 -21.46 -27.43
CA ARG B 320 42.25 -22.75 -28.06
C ARG B 320 40.95 -22.71 -28.83
N ASN B 321 40.75 -21.55 -29.46
CA ASN B 321 39.58 -21.30 -30.29
C ASN B 321 38.25 -21.18 -29.60
N PHE B 322 38.27 -20.77 -28.34
CA PHE B 322 37.04 -20.57 -27.62
C PHE B 322 36.98 -19.10 -27.27
N TYR B 323 35.80 -18.49 -27.39
CA TYR B 323 35.67 -17.08 -27.07
C TYR B 323 34.89 -16.91 -25.81
N HIS B 324 35.21 -15.88 -25.04
CA HIS B 324 34.51 -15.67 -23.78
C HIS B 324 33.34 -14.76 -23.92
N VAL B 325 32.20 -15.22 -23.45
CA VAL B 325 30.95 -14.50 -23.57
C VAL B 325 30.38 -14.10 -22.24
N ASN B 326 29.66 -12.99 -22.24
CA ASN B 326 29.00 -12.42 -21.06
C ASN B 326 27.59 -12.21 -21.59
N TRP B 327 26.62 -13.00 -21.14
CA TRP B 327 25.27 -12.89 -21.64
C TRP B 327 24.35 -11.78 -21.10
N GLY B 328 24.90 -10.85 -20.34
CA GLY B 328 24.10 -9.75 -19.78
C GLY B 328 22.96 -10.27 -18.95
N TRP B 329 23.31 -11.10 -17.97
CA TRP B 329 22.41 -11.80 -17.05
C TRP B 329 23.09 -11.92 -15.68
N GLY B 330 24.12 -11.12 -15.48
CA GLY B 330 24.76 -11.16 -14.19
C GLY B 330 25.89 -12.15 -14.03
N GLY B 331 26.09 -13.03 -15.02
CA GLY B 331 27.19 -13.99 -14.92
C GLY B 331 26.80 -15.42 -15.19
N VAL B 332 25.55 -15.76 -14.96
CA VAL B 332 25.16 -17.12 -15.22
C VAL B 332 25.35 -17.43 -16.69
N SER B 333 25.79 -18.65 -16.97
CA SER B 333 26.04 -19.11 -18.34
C SER B 333 27.27 -18.49 -18.98
N ASP B 334 27.88 -17.50 -18.33
CA ASP B 334 29.12 -16.85 -18.85
C ASP B 334 30.24 -17.90 -18.98
N GLY B 335 31.15 -17.69 -19.93
CA GLY B 335 32.24 -18.62 -20.12
C GLY B 335 32.78 -18.63 -21.55
N PHE B 336 33.43 -19.74 -21.90
CA PHE B 336 34.03 -19.89 -23.23
C PHE B 336 33.14 -20.72 -24.16
N PHE B 337 32.89 -20.16 -25.35
CA PHE B 337 32.07 -20.82 -26.35
C PHE B 337 32.71 -20.77 -27.71
N ARG B 338 32.22 -21.64 -28.61
CA ARG B 338 32.68 -21.74 -29.98
C ARG B 338 31.75 -20.91 -30.86
N LEU B 339 32.32 -20.16 -31.81
CA LEU B 339 31.47 -19.32 -32.63
C LEU B 339 30.45 -20.16 -33.36
N ASP B 340 30.70 -21.46 -33.46
CA ASP B 340 29.77 -22.35 -34.16
C ASP B 340 30.23 -23.78 -33.96
N ALA B 341 29.35 -24.74 -34.23
CA ALA B 341 29.64 -26.17 -34.09
C ALA B 341 29.96 -26.78 -35.45
N LEU B 342 29.93 -25.94 -36.48
CA LEU B 342 30.18 -26.39 -37.85
C LEU B 342 31.49 -27.17 -38.02
N ASN B 343 31.47 -28.15 -38.93
CA ASN B 343 32.62 -29.00 -39.27
C ASN B 343 33.11 -28.38 -40.56
N PRO B 344 34.41 -28.13 -40.68
CA PRO B 344 34.94 -27.52 -41.91
C PRO B 344 34.63 -28.29 -43.20
N GLY B 355 26.48 -24.26 -44.03
CA GLY B 355 26.95 -23.76 -42.72
C GLY B 355 26.11 -22.61 -42.14
N PHE B 356 25.03 -22.97 -41.45
CA PHE B 356 24.16 -21.96 -40.84
C PHE B 356 24.94 -21.11 -39.84
N ASN B 357 24.96 -19.79 -40.05
CA ASN B 357 25.70 -18.88 -39.16
C ASN B 357 24.76 -18.05 -38.27
N GLY B 358 23.46 -18.33 -38.34
CA GLY B 358 22.52 -17.59 -37.51
C GLY B 358 22.41 -16.13 -37.90
N TYR B 359 22.78 -15.83 -39.13
CA TYR B 359 22.73 -14.47 -39.63
C TYR B 359 23.52 -13.65 -38.63
N GLN B 360 24.57 -14.24 -38.09
CA GLN B 360 25.37 -13.53 -37.12
C GLN B 360 25.97 -12.24 -37.64
N SER B 361 26.33 -11.35 -36.71
CA SER B 361 26.95 -10.06 -37.02
C SER B 361 27.52 -9.47 -35.77
N ALA B 362 28.23 -8.36 -35.90
CA ALA B 362 28.83 -7.74 -34.74
C ALA B 362 29.20 -6.27 -34.92
N VAL B 363 29.39 -5.56 -33.82
CA VAL B 363 29.81 -4.16 -33.92
C VAL B 363 31.19 -4.13 -33.30
N VAL B 364 32.19 -3.79 -34.13
CA VAL B 364 33.57 -3.71 -33.70
C VAL B 364 34.17 -2.30 -33.87
N GLY B 365 35.39 -2.14 -33.37
CA GLY B 365 36.06 -0.86 -33.45
C GLY B 365 35.42 0.04 -32.41
N ILE B 366 34.91 -0.56 -31.33
CA ILE B 366 34.26 0.25 -30.30
C ILE B 366 35.28 0.85 -29.36
N LYS B 367 35.51 2.13 -29.52
CA LYS B 367 36.44 2.80 -28.65
C LYS B 367 36.21 4.30 -28.73
N PRO B 368 36.58 5.01 -27.66
CA PRO B 368 36.42 6.46 -27.59
C PRO B 368 36.96 7.19 -28.79
N PHE C 1 -56.39 1.43 26.31
CA PHE C 1 -55.25 2.24 26.83
C PHE C 1 -54.02 2.20 25.88
N ALA C 2 -54.03 1.26 24.94
CA ALA C 2 -52.93 1.16 23.99
C ALA C 2 -53.08 2.25 22.92
N ARG C 3 -51.95 2.73 22.38
CA ARG C 3 -51.93 3.72 21.30
C ARG C 3 -51.28 2.99 20.13
N ASN C 4 -52.01 2.81 19.03
CA ASN C 4 -51.49 2.06 17.90
C ASN C 4 -51.10 2.88 16.69
N GLU C 5 -50.12 2.34 15.94
CA GLU C 5 -49.58 2.93 14.71
C GLU C 5 -50.31 4.17 14.22
N LYS C 6 -51.41 3.96 13.48
CA LYS C 6 -52.23 5.04 12.94
C LYS C 6 -52.43 6.22 13.92
N GLU C 7 -52.77 5.87 15.18
CA GLU C 7 -52.99 6.86 16.25
C GLU C 7 -51.67 7.60 16.58
N ALA C 8 -50.59 6.85 16.82
CA ALA C 8 -49.29 7.47 17.14
C ALA C 8 -48.98 8.45 16.02
N LYS C 9 -49.04 7.93 14.79
CA LYS C 9 -48.77 8.68 13.57
C LYS C 9 -49.55 9.96 13.60
N ASP C 10 -50.80 9.84 13.98
CA ASP C 10 -51.65 11.00 14.06
C ASP C 10 -51.16 11.96 15.14
N SER C 11 -50.87 11.40 16.33
CA SER C 11 -50.37 12.17 17.46
C SER C 11 -49.16 13.00 17.01
N ALA C 12 -48.36 12.39 16.13
CA ALA C 12 -47.15 13.03 15.60
C ALA C 12 -47.53 14.31 14.87
N ILE C 13 -48.20 14.11 13.75
CA ILE C 13 -48.62 15.19 12.89
C ILE C 13 -49.32 16.29 13.66
N THR C 14 -50.15 15.86 14.61
CA THR C 14 -50.88 16.78 15.46
C THR C 14 -49.87 17.65 16.21
N PHE C 15 -48.90 16.99 16.84
CA PHE C 15 -47.84 17.67 17.59
C PHE C 15 -47.12 18.67 16.70
N ILE C 16 -46.73 18.19 15.52
CA ILE C 16 -46.02 19.03 14.55
C ILE C 16 -46.89 20.22 14.22
N GLN C 17 -48.08 19.95 13.68
CA GLN C 17 -49.01 20.99 13.26
C GLN C 17 -49.34 21.94 14.39
N LYS C 18 -49.50 21.41 15.60
CA LYS C 18 -49.83 22.23 16.76
C LYS C 18 -48.82 23.36 16.93
N ILE C 32 -47.49 17.06 4.98
CA ILE C 32 -46.35 16.42 5.73
C ILE C 32 -46.34 14.88 5.63
N LYS C 33 -45.13 14.30 5.51
CA LYS C 33 -45.00 12.84 5.44
C LYS C 33 -44.10 12.32 6.58
N LEU C 34 -44.53 11.21 7.22
CA LEU C 34 -43.79 10.63 8.34
C LEU C 34 -43.38 9.19 8.04
N ASP C 35 -42.07 8.96 8.05
CA ASP C 35 -41.56 7.64 7.79
C ASP C 35 -41.26 7.06 9.18
N LYS C 36 -41.80 5.86 9.46
CA LYS C 36 -41.57 5.24 10.76
C LYS C 36 -40.11 4.75 10.82
N VAL C 37 -39.50 4.82 12.00
CA VAL C 37 -38.12 4.36 12.17
C VAL C 37 -38.07 2.94 12.73
N ASN C 38 -37.12 2.15 12.24
CA ASN C 38 -37.02 0.78 12.67
C ASN C 38 -35.88 0.54 13.64
N LEU C 39 -36.23 0.25 14.87
CA LEU C 39 -35.29 -0.05 15.96
C LEU C 39 -35.56 -1.55 16.29
N GLY C 40 -34.57 -2.30 16.79
CA GLY C 40 -34.84 -3.71 17.04
C GLY C 40 -34.63 -4.10 18.47
N GLY C 41 -33.77 -5.08 18.66
CA GLY C 41 -33.45 -5.54 20.00
C GLY C 41 -34.47 -5.17 21.07
N GLU C 42 -33.99 -4.50 22.12
CA GLU C 42 -34.86 -4.10 23.20
C GLU C 42 -35.96 -3.11 22.72
N LEU C 43 -35.64 -2.24 21.76
CA LEU C 43 -36.65 -1.29 21.28
C LEU C 43 -37.62 -1.90 20.30
N SER C 44 -37.72 -3.21 20.27
CA SER C 44 -38.65 -3.87 19.36
C SER C 44 -40.01 -3.75 20.03
N GLY C 45 -41.05 -4.11 19.29
CA GLY C 45 -42.40 -4.02 19.85
C GLY C 45 -43.04 -2.67 19.52
N SER C 46 -44.14 -2.33 20.20
CA SER C 46 -44.83 -1.05 19.92
C SER C 46 -45.20 -0.28 21.18
N ASN C 47 -44.33 -0.34 22.17
CA ASN C 47 -44.59 0.38 23.39
C ASN C 47 -44.29 1.81 23.14
N MET C 48 -43.56 2.06 22.04
CA MET C 48 -43.14 3.40 21.62
C MET C 48 -43.01 3.44 20.08
N TYR C 49 -43.17 4.63 19.50
CA TYR C 49 -43.05 4.75 18.04
C TYR C 49 -42.17 5.97 17.66
N VAL C 50 -41.43 5.86 16.56
CA VAL C 50 -40.58 6.96 16.08
C VAL C 50 -40.84 7.26 14.58
N TYR C 51 -41.14 8.51 14.25
CA TYR C 51 -41.36 8.88 12.86
C TYR C 51 -40.50 10.06 12.47
N ASN C 52 -39.66 9.83 11.47
CA ASN C 52 -38.80 10.88 10.94
C ASN C 52 -39.66 11.63 9.93
N ILE C 53 -39.77 12.95 10.11
CA ILE C 53 -40.54 13.81 9.20
C ILE C 53 -39.61 13.92 8.02
N SER C 54 -40.14 13.69 6.83
CA SER C 54 -39.35 13.69 5.60
C SER C 54 -38.74 15.03 5.17
N THR C 55 -39.43 16.14 5.42
CA THR C 55 -38.88 17.45 5.07
C THR C 55 -37.85 17.80 6.14
N GLY C 56 -37.89 17.08 7.25
CA GLY C 56 -36.94 17.34 8.31
C GLY C 56 -37.52 17.19 9.69
N GLY C 57 -36.76 16.63 10.62
CA GLY C 57 -37.28 16.50 11.96
C GLY C 57 -37.82 15.12 12.28
N PHE C 58 -38.21 14.93 13.54
CA PHE C 58 -38.77 13.68 14.03
C PHE C 58 -39.56 13.88 15.31
N VAL C 59 -40.40 12.89 15.60
CA VAL C 59 -41.28 12.90 16.78
C VAL C 59 -41.33 11.48 17.35
N ILE C 60 -41.14 11.33 18.65
CA ILE C 60 -41.18 10.00 19.25
C ILE C 60 -42.44 9.90 20.09
N VAL C 61 -43.28 8.93 19.73
CA VAL C 61 -44.58 8.72 20.38
C VAL C 61 -44.69 7.49 21.29
N SER C 62 -45.33 7.68 22.43
CA SER C 62 -45.57 6.64 23.42
C SER C 62 -46.64 5.78 22.81
N GLY C 63 -46.61 4.49 23.11
CA GLY C 63 -47.59 3.57 22.53
C GLY C 63 -48.69 3.12 23.48
N ASP C 64 -48.77 3.83 24.61
CA ASP C 64 -49.76 3.52 25.66
C ASP C 64 -50.14 4.79 26.43
N LYS C 65 -51.42 5.12 26.32
CA LYS C 65 -52.00 6.30 26.92
C LYS C 65 -51.73 6.58 28.39
N ARG C 66 -51.30 5.56 29.13
CA ARG C 66 -50.99 5.79 30.56
C ARG C 66 -49.70 6.55 30.67
N SER C 67 -48.80 6.36 29.70
CA SER C 67 -47.52 7.06 29.69
C SER C 67 -47.75 8.39 28.96
N PRO C 68 -46.82 9.36 29.07
CA PRO C 68 -47.07 10.62 28.35
C PRO C 68 -47.02 10.47 26.81
N GLU C 69 -47.74 11.32 26.09
CA GLU C 69 -47.83 11.22 24.62
C GLU C 69 -46.54 11.50 23.82
N ILE C 70 -46.02 12.72 23.95
CA ILE C 70 -44.83 13.03 23.20
C ILE C 70 -43.58 12.95 24.07
N LEU C 71 -42.78 11.93 23.79
CA LEU C 71 -41.56 11.67 24.54
C LEU C 71 -40.35 12.47 24.08
N GLY C 72 -40.35 12.82 22.81
CA GLY C 72 -39.23 13.57 22.25
C GLY C 72 -39.46 14.01 20.81
N TYR C 73 -38.79 15.09 20.42
CA TYR C 73 -38.98 15.66 19.09
C TYR C 73 -37.85 16.60 18.69
N SER C 74 -37.84 16.90 17.40
CA SER C 74 -36.90 17.85 16.83
C SER C 74 -37.48 18.32 15.53
N THR C 75 -37.59 19.65 15.41
CA THR C 75 -38.15 20.27 14.22
C THR C 75 -37.35 19.84 13.02
N SER C 76 -36.04 19.69 13.23
CA SER C 76 -35.12 19.31 12.16
C SER C 76 -34.23 18.06 12.44
N GLY C 77 -33.39 17.73 11.45
CA GLY C 77 -32.53 16.57 11.60
C GLY C 77 -33.36 15.30 11.46
N SER C 78 -32.99 14.23 12.17
CA SER C 78 -33.74 12.98 12.12
C SER C 78 -33.34 12.13 13.31
N PHE C 79 -34.09 11.08 13.58
CA PHE C 79 -33.76 10.21 14.69
C PHE C 79 -33.27 8.87 14.23
N ASP C 80 -32.30 8.32 14.96
CA ASP C 80 -31.71 7.02 14.68
C ASP C 80 -30.90 6.48 15.86
N ALA C 81 -30.94 5.18 16.09
CA ALA C 81 -30.20 4.59 17.17
C ALA C 81 -29.19 3.54 16.69
N ASN C 82 -29.36 3.05 15.47
CA ASN C 82 -28.48 2.02 14.95
C ASN C 82 -27.00 2.24 15.26
N GLY C 83 -26.45 1.41 16.13
CA GLY C 83 -25.04 1.51 16.44
C GLY C 83 -24.72 2.53 17.48
N LYS C 84 -25.64 3.47 17.69
CA LYS C 84 -25.44 4.53 18.69
C LYS C 84 -26.03 4.08 20.03
N GLU C 85 -25.24 3.31 20.77
CA GLU C 85 -25.67 2.71 22.02
C GLU C 85 -26.20 3.67 23.06
N ASN C 86 -25.46 4.74 23.36
CA ASN C 86 -25.93 5.69 24.38
C ASN C 86 -27.37 6.13 24.13
N ILE C 87 -27.73 6.24 22.84
CA ILE C 87 -29.08 6.67 22.37
C ILE C 87 -30.11 5.56 22.50
N ALA C 88 -29.65 4.35 22.28
CA ALA C 88 -30.49 3.19 22.39
C ALA C 88 -30.69 2.89 23.87
N SER C 89 -29.63 3.09 24.64
CA SER C 89 -29.74 2.83 26.06
C SER C 89 -30.82 3.71 26.69
N PHE C 90 -31.00 4.92 26.14
CA PHE C 90 -32.03 5.86 26.67
C PHE C 90 -33.39 5.35 26.22
N MET C 91 -33.64 5.23 24.93
CA MET C 91 -34.92 4.71 24.49
C MET C 91 -35.34 3.44 25.28
N GLU C 92 -34.36 2.60 25.65
CA GLU C 92 -34.70 1.40 26.38
C GLU C 92 -35.37 1.76 27.68
N SER C 93 -34.79 2.68 28.44
CA SER C 93 -35.43 3.05 29.70
C SER C 93 -36.85 3.55 29.42
N TYR C 94 -37.00 4.55 28.53
CA TYR C 94 -38.31 5.08 28.16
C TYR C 94 -39.33 3.93 28.06
N VAL C 95 -38.92 2.84 27.39
CA VAL C 95 -39.77 1.66 27.19
C VAL C 95 -40.00 0.87 28.48
N GLU C 96 -38.94 0.34 29.05
CA GLU C 96 -39.06 -0.40 30.30
C GLU C 96 -39.28 0.75 31.27
N GLN C 97 -40.42 1.42 31.16
CA GLN C 97 -40.75 2.58 32.00
C GLN C 97 -42.18 2.87 31.62
N ILE C 98 -42.45 2.81 30.30
CA ILE C 98 -43.78 3.03 29.77
C ILE C 98 -44.57 1.81 30.22
N LYS C 99 -43.83 0.72 30.44
CA LYS C 99 -44.41 -0.53 30.93
C LYS C 99 -44.75 -0.33 32.41
N GLU C 100 -43.85 0.29 33.16
CA GLU C 100 -44.13 0.53 34.58
C GLU C 100 -45.36 1.45 34.78
N ASN C 101 -45.78 2.16 33.74
CA ASN C 101 -46.96 3.00 33.91
C ASN C 101 -48.24 2.18 33.73
N LYS C 102 -48.13 1.05 33.06
CA LYS C 102 -49.27 0.18 32.81
C LYS C 102 -49.82 -0.38 34.12
N LYS C 103 -49.08 -0.12 35.20
CA LYS C 103 -49.49 -0.56 36.54
C LYS C 103 -50.68 0.27 37.02
N LEU C 104 -50.87 1.44 36.41
CA LEU C 104 -51.97 2.34 36.77
C LEU C 104 -53.21 2.09 35.92
N ASP C 105 -54.25 2.87 36.19
CA ASP C 105 -55.48 2.74 35.45
C ASP C 105 -56.00 4.15 35.06
N THR C 106 -55.26 5.19 35.43
CA THR C 106 -55.67 6.53 35.04
C THR C 106 -54.90 6.88 33.75
N THR C 107 -55.33 7.87 33.00
CA THR C 107 -54.59 8.24 31.78
C THR C 107 -53.55 9.30 32.11
N TYR C 108 -52.62 9.61 31.20
CA TYR C 108 -51.60 10.61 31.55
C TYR C 108 -52.18 12.01 31.72
N ALA C 109 -51.69 12.70 32.77
CA ALA C 109 -52.08 14.06 33.21
C ALA C 109 -51.59 15.28 32.40
N GLN C 116 -40.63 26.03 34.26
CA GLN C 116 -39.47 25.82 33.34
C GLN C 116 -39.32 26.96 32.31
N PRO C 117 -38.13 27.54 32.21
CA PRO C 117 -37.80 28.63 31.29
C PRO C 117 -37.19 28.00 30.02
N VAL C 118 -36.80 28.82 29.05
CA VAL C 118 -36.25 28.26 27.83
C VAL C 118 -34.79 28.58 27.57
N VAL C 119 -34.03 27.53 27.24
CA VAL C 119 -32.62 27.71 26.86
C VAL C 119 -32.35 27.08 25.50
N LYS C 120 -31.83 27.87 24.59
CA LYS C 120 -31.53 27.37 23.26
C LYS C 120 -30.21 26.56 23.28
N SER C 121 -30.20 25.44 22.58
CA SER C 121 -29.00 24.61 22.58
C SER C 121 -27.74 25.43 22.72
N LEU C 122 -27.10 25.22 23.86
CA LEU C 122 -25.86 25.89 24.16
C LEU C 122 -24.77 25.51 23.20
N LEU C 123 -24.66 24.21 22.90
CA LEU C 123 -23.63 23.72 22.01
C LEU C 123 -23.92 24.15 20.58
N ASP C 124 -25.19 24.10 20.18
CA ASP C 124 -25.52 24.50 18.82
C ASP C 124 -25.15 25.96 18.59
N SER C 125 -25.32 26.76 19.63
CA SER C 125 -25.02 28.17 19.54
C SER C 125 -23.54 28.42 19.26
N LYS C 126 -22.70 27.41 19.47
CA LYS C 126 -21.27 27.57 19.21
C LYS C 126 -20.78 26.62 18.15
N GLY C 127 -21.77 26.04 17.47
CA GLY C 127 -21.55 25.10 16.40
C GLY C 127 -20.67 23.92 16.81
N ILE C 128 -20.91 23.38 17.99
CA ILE C 128 -20.12 22.25 18.44
C ILE C 128 -20.86 20.96 18.13
N HIS C 129 -20.23 20.11 17.33
CA HIS C 129 -20.76 18.82 16.95
C HIS C 129 -19.63 17.84 16.72
N TYR C 130 -19.24 17.16 17.80
CA TYR C 130 -18.19 16.18 17.78
C TYR C 130 -18.76 14.79 17.53
N ASN C 131 -17.88 13.83 17.23
CA ASN C 131 -18.28 12.46 16.98
C ASN C 131 -17.35 11.55 17.78
N GLN C 132 -17.33 10.26 17.48
CA GLN C 132 -16.42 9.38 18.22
C GLN C 132 -15.46 8.73 17.26
N GLY C 133 -15.59 9.06 15.98
CA GLY C 133 -14.72 8.42 15.02
C GLY C 133 -13.61 9.29 14.53
N ASN C 134 -13.23 9.05 13.29
CA ASN C 134 -12.20 9.80 12.64
C ASN C 134 -12.77 11.17 12.32
N PRO C 135 -12.03 12.26 12.52
CA PRO C 135 -10.66 12.32 13.04
C PRO C 135 -10.56 12.42 14.51
N TYR C 136 -11.68 12.45 15.20
CA TYR C 136 -11.63 12.55 16.66
C TYR C 136 -10.76 11.43 17.27
N ASN C 137 -11.00 10.23 16.79
CA ASN C 137 -10.28 9.10 17.29
C ASN C 137 -8.89 8.94 16.67
N LEU C 138 -8.43 9.92 15.92
CA LEU C 138 -7.13 9.75 15.32
C LEU C 138 -6.03 9.33 16.28
N LEU C 139 -6.18 9.52 17.58
CA LEU C 139 -5.08 9.12 18.47
C LEU C 139 -5.45 8.14 19.61
N THR C 140 -6.59 7.46 19.48
CA THR C 140 -6.98 6.49 20.49
C THR C 140 -6.16 5.23 20.16
N PRO C 141 -6.08 4.29 21.11
CA PRO C 141 -5.31 3.07 20.83
C PRO C 141 -5.74 2.33 19.54
N VAL C 142 -4.79 1.78 18.80
CA VAL C 142 -5.13 1.03 17.60
C VAL C 142 -5.41 -0.35 18.06
N ILE C 143 -6.62 -0.84 17.76
CA ILE C 143 -7.09 -2.20 18.10
C ILE C 143 -6.11 -3.24 17.53
N GLU C 144 -5.66 -4.14 18.39
CA GLU C 144 -4.67 -5.15 18.04
C GLU C 144 -5.20 -6.58 17.88
N LYS C 145 -6.32 -6.88 18.54
CA LYS C 145 -6.91 -8.23 18.50
C LYS C 145 -8.38 -8.31 18.08
N VAL C 146 -8.82 -9.49 17.65
CA VAL C 146 -10.21 -9.69 17.21
C VAL C 146 -11.04 -10.31 18.30
N LYS C 147 -12.20 -9.75 18.58
CA LYS C 147 -13.02 -10.35 19.62
C LYS C 147 -13.72 -11.53 18.98
N PRO C 148 -13.59 -12.71 19.57
CA PRO C 148 -14.22 -13.89 19.00
C PRO C 148 -15.70 -13.70 18.66
N GLY C 149 -16.06 -14.12 17.45
CA GLY C 149 -17.42 -14.01 16.98
C GLY C 149 -17.77 -12.64 16.48
N GLU C 150 -16.74 -11.83 16.26
CA GLU C 150 -16.93 -10.47 15.78
C GLU C 150 -15.94 -10.26 14.63
N GLN C 151 -16.26 -9.33 13.73
CA GLN C 151 -15.36 -9.08 12.64
C GLN C 151 -14.23 -8.27 13.23
N SER C 152 -13.07 -8.37 12.58
CA SER C 152 -11.85 -7.68 12.98
C SER C 152 -11.90 -6.20 12.73
N PHE C 153 -11.33 -5.45 13.66
CA PHE C 153 -11.23 -4.03 13.54
C PHE C 153 -9.75 -3.82 13.76
N VAL C 154 -8.93 -4.84 13.54
CA VAL C 154 -7.51 -4.69 13.75
C VAL C 154 -6.91 -3.57 12.86
N GLY C 155 -6.07 -2.72 13.46
CA GLY C 155 -5.47 -1.64 12.69
C GLY C 155 -6.31 -0.36 12.73
N GLN C 156 -7.58 -0.49 13.11
CA GLN C 156 -8.47 0.67 13.21
C GLN C 156 -8.16 1.32 14.56
N HIS C 157 -8.45 2.60 14.68
CA HIS C 157 -8.21 3.24 15.94
C HIS C 157 -9.44 3.02 16.79
N ALA C 158 -9.27 2.78 18.08
CA ALA C 158 -10.43 2.60 18.90
C ALA C 158 -11.38 3.80 18.75
N ALA C 159 -12.60 3.69 19.28
CA ALA C 159 -13.55 4.82 19.24
C ALA C 159 -13.22 5.70 20.40
N THR C 160 -13.49 6.99 20.31
CA THR C 160 -13.14 7.82 21.44
C THR C 160 -13.98 7.44 22.67
N GLY C 161 -15.15 6.86 22.47
CA GLY C 161 -15.97 6.56 23.61
C GLY C 161 -16.88 7.76 23.76
N CYS C 162 -18.11 7.60 24.24
CA CYS C 162 -19.08 8.69 24.38
C CYS C 162 -18.94 9.70 25.46
N VAL C 163 -18.42 9.23 26.59
CA VAL C 163 -18.22 10.10 27.72
C VAL C 163 -17.04 11.00 27.37
N ALA C 164 -16.14 10.52 26.51
CA ALA C 164 -14.98 11.27 26.10
C ALA C 164 -15.52 12.34 25.23
N THR C 165 -16.46 11.94 24.38
CA THR C 165 -17.10 12.86 23.45
C THR C 165 -18.03 13.86 24.15
N ALA C 166 -18.87 13.38 25.05
CA ALA C 166 -19.77 14.28 25.74
C ALA C 166 -18.93 15.28 26.49
N THR C 167 -17.86 14.80 27.11
CA THR C 167 -16.98 15.65 27.90
C THR C 167 -16.24 16.67 27.05
N ALA C 168 -15.70 16.22 25.93
CA ALA C 168 -14.95 17.13 25.06
C ALA C 168 -15.80 18.26 24.49
N GLN C 169 -17.05 17.97 24.16
CA GLN C 169 -17.91 19.00 23.61
C GLN C 169 -18.12 20.06 24.68
N ILE C 170 -18.40 19.63 25.93
CA ILE C 170 -18.58 20.58 27.05
C ILE C 170 -17.31 21.39 27.27
N MET C 171 -16.14 20.76 27.09
CA MET C 171 -14.87 21.44 27.25
C MET C 171 -14.65 22.49 26.17
N LYS C 172 -15.04 22.18 24.95
CA LYS C 172 -14.84 23.11 23.87
C LYS C 172 -15.76 24.27 24.06
N TYR C 173 -16.93 23.99 24.60
CA TYR C 173 -17.91 25.03 24.83
C TYR C 173 -17.32 26.09 25.74
N HIS C 174 -16.41 25.71 26.63
CA HIS C 174 -15.78 26.67 27.56
C HIS C 174 -14.35 26.98 27.12
N ASN C 175 -13.92 26.30 26.05
CA ASN C 175 -12.56 26.45 25.51
C ASN C 175 -11.53 26.48 26.62
N TYR C 176 -11.59 25.53 27.54
CA TYR C 176 -10.70 25.55 28.68
C TYR C 176 -10.35 24.11 29.00
N PRO C 177 -9.15 23.83 29.57
CA PRO C 177 -8.09 24.79 29.94
C PRO C 177 -7.27 25.21 28.76
N ASN C 178 -6.21 25.96 29.06
CA ASN C 178 -5.28 26.38 28.02
C ASN C 178 -4.10 25.51 28.36
N LYS C 179 -3.91 25.29 29.67
CA LYS C 179 -2.81 24.45 30.16
C LYS C 179 -3.37 23.28 30.94
N GLY C 180 -2.99 22.06 30.50
CA GLY C 180 -3.41 20.85 31.18
C GLY C 180 -2.80 20.94 32.55
N LEU C 181 -3.50 20.46 33.56
CA LEU C 181 -3.02 20.57 34.91
C LEU C 181 -2.18 19.42 35.46
N LYS C 182 -2.71 18.19 35.39
CA LYS C 182 -2.04 17.03 35.96
C LYS C 182 -2.06 15.80 35.03
N ASP C 183 -0.92 15.13 34.91
CA ASP C 183 -0.83 13.94 34.09
C ASP C 183 -1.74 12.84 34.61
N TYR C 184 -1.96 11.83 33.78
CA TYR C 184 -2.79 10.70 34.17
C TYR C 184 -2.30 9.35 33.59
N THR C 185 -2.66 8.25 34.24
CA THR C 185 -2.26 6.93 33.75
C THR C 185 -3.20 5.88 34.31
N TYR C 186 -3.38 4.78 33.59
CA TYR C 186 -4.27 3.71 34.03
C TYR C 186 -3.99 2.43 33.30
N THR C 187 -4.42 1.32 33.85
CA THR C 187 -4.16 0.06 33.16
C THR C 187 -5.44 -0.47 32.54
N LEU C 188 -5.38 -0.74 31.24
CA LEU C 188 -6.53 -1.25 30.52
C LEU C 188 -7.05 -2.50 31.20
N SER C 189 -8.37 -2.56 31.36
CA SER C 189 -9.04 -3.68 31.96
C SER C 189 -8.47 -4.98 31.40
N SER C 190 -8.13 -5.93 32.24
CA SER C 190 -7.53 -7.13 31.70
C SER C 190 -8.46 -8.04 30.91
N ASN C 191 -9.77 -7.83 30.99
CA ASN C 191 -10.61 -8.72 30.24
C ASN C 191 -10.95 -8.15 28.86
N ASN C 192 -10.21 -7.11 28.49
CA ASN C 192 -10.36 -6.39 27.22
C ASN C 192 -9.82 -7.29 26.12
N PRO C 193 -10.67 -7.71 25.16
CA PRO C 193 -10.18 -8.57 24.09
C PRO C 193 -9.43 -7.90 22.92
N TYR C 194 -9.45 -6.58 22.84
CA TYR C 194 -8.81 -5.99 21.69
C TYR C 194 -7.34 -5.64 21.83
N PHE C 195 -6.79 -5.86 23.03
CA PHE C 195 -5.39 -5.50 23.26
C PHE C 195 -4.61 -6.55 24.01
N ASN C 196 -3.30 -6.54 23.80
CA ASN C 196 -2.45 -7.46 24.51
C ASN C 196 -2.34 -6.87 25.88
N HIS C 197 -2.11 -7.72 26.87
CA HIS C 197 -2.00 -7.27 28.26
C HIS C 197 -0.65 -7.62 28.78
N PRO C 198 -0.12 -6.81 29.70
CA PRO C 198 -0.77 -5.61 30.24
C PRO C 198 -0.68 -4.47 29.26
N LYS C 199 -1.57 -3.51 29.43
CA LYS C 199 -1.61 -2.33 28.59
C LYS C 199 -1.77 -1.10 29.49
N ASN C 200 -0.79 -0.24 29.49
CA ASN C 200 -0.87 0.95 30.32
C ASN C 200 -0.97 2.10 29.32
N LEU C 201 -1.86 3.06 29.58
CA LEU C 201 -1.98 4.21 28.67
C LEU C 201 -1.60 5.47 29.44
N PHE C 202 -0.92 6.39 28.79
CA PHE C 202 -0.50 7.59 29.51
C PHE C 202 -0.71 8.89 28.73
N ALA C 203 -1.28 9.90 29.38
CA ALA C 203 -1.49 11.19 28.73
C ALA C 203 -0.65 12.22 29.51
N ALA C 204 0.27 12.92 28.87
CA ALA C 204 1.06 13.91 29.60
C ALA C 204 0.29 15.23 29.65
N ILE C 205 -0.94 15.16 30.13
CA ILE C 205 -1.80 16.33 30.23
C ILE C 205 -1.07 17.53 30.84
N SER C 206 -0.34 17.29 31.92
CA SER C 206 0.36 18.38 32.60
C SER C 206 1.24 19.21 31.69
N THR C 207 1.58 18.69 30.52
CA THR C 207 2.45 19.44 29.63
C THR C 207 1.72 19.99 28.43
N ARG C 208 0.40 20.02 28.50
CA ARG C 208 -0.37 20.49 27.36
C ARG C 208 -0.63 21.99 27.27
N GLN C 209 -0.72 22.46 26.04
CA GLN C 209 -1.02 23.83 25.74
C GLN C 209 -2.17 23.79 24.72
N TYR C 210 -3.34 23.35 25.17
CA TYR C 210 -4.53 23.26 24.34
C TYR C 210 -4.81 24.55 23.58
N ASN C 211 -4.63 24.52 22.26
CA ASN C 211 -4.92 25.71 21.45
C ASN C 211 -6.38 25.69 20.93
N TRP C 212 -7.31 26.24 21.71
CA TRP C 212 -8.68 26.19 21.26
C TRP C 212 -9.05 26.88 19.96
N ASN C 213 -8.03 27.27 19.19
CA ASN C 213 -8.28 27.87 17.89
C ASN C 213 -8.06 26.78 16.89
N ASN C 214 -7.30 25.78 17.33
CA ASN C 214 -7.03 24.65 16.48
C ASN C 214 -8.06 23.59 16.74
N ILE C 215 -8.62 23.58 17.94
CA ILE C 215 -9.66 22.60 18.26
C ILE C 215 -11.01 23.17 17.81
N LEU C 216 -11.32 22.97 16.52
CA LEU C 216 -12.55 23.45 15.91
C LEU C 216 -13.79 22.91 16.59
N PRO C 217 -14.92 23.60 16.46
CA PRO C 217 -16.15 23.10 17.10
C PRO C 217 -16.66 21.88 16.41
N THR C 218 -16.21 21.64 15.19
CA THR C 218 -16.64 20.47 14.44
C THR C 218 -15.67 20.24 13.29
N TYR C 219 -15.54 18.99 12.86
CA TYR C 219 -14.66 18.67 11.75
C TYR C 219 -15.47 17.99 10.68
N SER C 220 -15.11 18.21 9.41
CA SER C 220 -15.78 17.62 8.24
C SER C 220 -14.90 16.51 7.70
N GLY C 221 -13.63 16.50 8.10
CA GLY C 221 -12.68 15.49 7.67
C GLY C 221 -11.64 15.89 6.62
N ARG C 222 -11.73 17.16 6.18
CA ARG C 222 -10.83 17.72 5.19
C ARG C 222 -9.86 18.70 5.85
N GLU C 223 -9.90 18.79 7.17
CA GLU C 223 -9.02 19.67 7.89
C GLU C 223 -7.58 19.25 7.67
N SER C 224 -6.66 20.17 7.91
CA SER C 224 -5.24 19.89 7.75
C SER C 224 -4.75 18.98 8.88
N ASN C 225 -3.45 18.98 9.10
CA ASN C 225 -2.89 18.19 10.18
C ASN C 225 -3.00 18.96 11.48
N VAL C 226 -2.89 20.28 11.40
CA VAL C 226 -2.96 21.07 12.61
C VAL C 226 -4.30 20.94 13.30
N GLN C 227 -5.38 21.05 12.53
CA GLN C 227 -6.69 20.94 13.17
C GLN C 227 -7.06 19.59 13.75
N LYS C 228 -6.80 18.53 13.00
CA LYS C 228 -7.10 17.17 13.43
C LYS C 228 -6.21 16.78 14.59
N MET C 229 -4.93 17.07 14.47
CA MET C 229 -4.01 16.76 15.55
C MET C 229 -4.54 17.34 16.87
N ALA C 230 -4.98 18.60 16.80
CA ALA C 230 -5.53 19.31 17.95
C ALA C 230 -6.62 18.52 18.63
N ILE C 231 -7.73 18.29 17.92
CA ILE C 231 -8.86 17.58 18.46
C ILE C 231 -8.56 16.13 18.83
N SER C 232 -7.91 15.39 17.93
CA SER C 232 -7.65 13.99 18.21
C SER C 232 -6.93 13.78 19.52
N GLU C 233 -6.10 14.78 19.84
CA GLU C 233 -5.30 14.81 21.06
C GLU C 233 -6.13 15.23 22.26
N LEU C 234 -7.10 16.12 22.07
CA LEU C 234 -7.94 16.51 23.19
C LEU C 234 -8.68 15.24 23.58
N MET C 235 -9.34 14.64 22.60
CA MET C 235 -10.07 13.39 22.74
C MET C 235 -9.22 12.25 23.36
N ALA C 236 -7.94 12.18 23.03
CA ALA C 236 -7.12 11.10 23.60
C ALA C 236 -6.85 11.31 25.11
N ASP C 237 -6.67 12.56 25.51
CA ASP C 237 -6.39 12.86 26.90
C ASP C 237 -7.63 12.66 27.75
N VAL C 238 -8.78 13.13 27.27
CA VAL C 238 -10.01 12.98 28.02
C VAL C 238 -10.31 11.50 28.19
N GLY C 239 -10.18 10.77 27.12
CA GLY C 239 -10.47 9.35 27.15
C GLY C 239 -9.60 8.62 28.15
N ILE C 240 -8.36 9.07 28.33
CA ILE C 240 -7.54 8.36 29.28
C ILE C 240 -7.92 8.78 30.68
N SER C 241 -8.10 10.09 30.88
CA SER C 241 -8.46 10.62 32.18
C SER C 241 -9.66 9.91 32.78
N VAL C 242 -10.47 9.28 31.93
CA VAL C 242 -11.62 8.59 32.47
C VAL C 242 -11.51 7.06 32.39
N ASP C 243 -10.26 6.59 32.23
CA ASP C 243 -9.94 5.15 32.16
C ASP C 243 -10.72 4.40 31.08
N MET C 244 -10.88 5.03 29.93
CA MET C 244 -11.61 4.46 28.81
C MET C 244 -11.22 3.04 28.39
N ASP C 245 -12.18 2.13 28.44
CA ASP C 245 -11.96 0.75 27.99
C ASP C 245 -12.17 0.80 26.47
N TYR C 246 -11.08 0.87 25.75
CA TYR C 246 -11.09 1.05 24.30
C TYR C 246 -11.38 -0.14 23.45
N GLY C 247 -12.11 0.09 22.36
CA GLY C 247 -12.43 -0.99 21.44
C GLY C 247 -13.23 -0.43 20.27
N PRO C 248 -13.78 -1.30 19.40
CA PRO C 248 -14.56 -0.86 18.25
C PRO C 248 -15.48 0.20 18.75
N SER C 249 -15.79 0.07 20.03
CA SER C 249 -16.61 1.02 20.73
C SER C 249 -15.88 1.21 22.07
N SER C 250 -16.09 2.30 22.79
CA SER C 250 -15.32 2.53 24.01
C SER C 250 -16.14 3.02 25.17
N GLY C 251 -16.02 2.33 26.32
CA GLY C 251 -16.81 2.72 27.48
C GLY C 251 -16.03 3.12 28.71
N SER C 252 -16.70 3.86 29.60
CA SER C 252 -16.10 4.34 30.84
C SER C 252 -17.12 4.41 31.93
N ALA C 253 -16.64 4.39 33.16
CA ALA C 253 -17.52 4.46 34.33
C ALA C 253 -18.38 5.68 34.13
N GLY C 254 -17.77 6.71 33.57
CA GLY C 254 -18.48 7.93 33.33
C GLY C 254 -18.39 8.96 34.41
N SER C 255 -19.57 9.49 34.75
CA SER C 255 -19.76 10.53 35.74
C SER C 255 -18.64 10.68 36.76
N SER C 256 -18.38 9.61 37.54
CA SER C 256 -17.36 9.63 38.60
C SER C 256 -15.93 9.86 38.17
N ARG C 257 -15.58 9.53 36.93
CA ARG C 257 -14.22 9.74 36.43
C ARG C 257 -14.21 11.16 35.85
N VAL C 258 -15.32 11.48 35.20
CA VAL C 258 -15.51 12.74 34.53
C VAL C 258 -15.40 13.93 35.43
N GLN C 259 -16.01 13.83 36.60
CA GLN C 259 -16.00 14.92 37.59
C GLN C 259 -14.63 15.06 38.20
N ARG C 260 -14.00 13.92 38.49
CA ARG C 260 -12.66 13.92 39.07
C ARG C 260 -11.62 14.38 38.05
N ALA C 261 -11.82 14.02 36.79
CA ALA C 261 -10.90 14.37 35.72
C ALA C 261 -10.90 15.86 35.40
N LEU C 262 -12.11 16.41 35.22
CA LEU C 262 -12.27 17.82 34.91
C LEU C 262 -11.61 18.77 35.88
N LYS C 263 -11.60 18.38 37.17
CA LYS C 263 -11.03 19.21 38.22
C LYS C 263 -9.53 19.01 38.46
N GLU C 264 -9.15 17.75 38.69
CA GLU C 264 -7.78 17.42 38.95
C GLU C 264 -6.84 17.46 37.76
N ASN C 265 -7.29 16.94 36.62
CA ASN C 265 -6.46 16.95 35.42
C ASN C 265 -6.58 18.18 34.56
N PHE C 266 -7.80 18.59 34.27
CA PHE C 266 -7.94 19.76 33.41
C PHE C 266 -8.13 21.10 34.12
N GLY C 267 -8.02 21.12 35.44
CA GLY C 267 -8.15 22.37 36.16
C GLY C 267 -9.48 23.14 36.23
N TYR C 268 -10.61 22.46 36.06
CA TYR C 268 -11.88 23.15 36.18
C TYR C 268 -12.20 23.52 37.69
N ASN C 269 -13.30 24.25 37.87
CA ASN C 269 -13.77 24.74 39.15
C ASN C 269 -14.14 23.64 40.17
N GLN C 270 -13.92 23.93 41.44
CA GLN C 270 -14.26 22.98 42.48
C GLN C 270 -15.74 22.65 42.47
N SER C 271 -16.53 23.48 41.79
CA SER C 271 -17.96 23.28 41.73
C SER C 271 -18.31 22.06 40.91
N VAL C 272 -17.38 21.65 40.06
CA VAL C 272 -17.67 20.48 39.27
C VAL C 272 -17.86 19.32 40.21
N HIS C 273 -19.05 18.72 40.21
CA HIS C 273 -19.31 17.54 41.05
C HIS C 273 -20.40 16.65 40.47
N GLN C 274 -20.49 15.44 40.98
CA GLN C 274 -21.48 14.52 40.45
C GLN C 274 -22.74 14.53 41.27
N ILE C 275 -23.87 14.31 40.62
CA ILE C 275 -25.14 14.26 41.36
C ILE C 275 -25.87 13.00 40.83
N ASN C 276 -26.59 12.28 41.70
CA ASN C 276 -27.29 11.07 41.25
C ASN C 276 -28.80 11.19 41.27
N ARG C 277 -29.41 10.90 40.12
CA ARG C 277 -30.87 10.98 39.92
C ARG C 277 -31.66 10.46 41.10
N GLY C 278 -31.20 9.34 41.64
CA GLY C 278 -31.86 8.74 42.79
C GLY C 278 -31.76 9.50 44.10
N ASP C 279 -30.99 10.60 44.14
CA ASP C 279 -30.94 11.36 45.38
C ASP C 279 -31.92 12.49 45.30
N PHE C 280 -32.67 12.58 44.20
CA PHE C 280 -33.60 13.71 44.08
C PHE C 280 -35.00 13.39 43.70
N SER C 281 -35.87 14.36 43.96
CA SER C 281 -37.27 14.27 43.60
C SER C 281 -37.32 14.80 42.17
N LYS C 282 -38.18 14.25 41.32
CA LYS C 282 -38.24 14.72 39.95
C LYS C 282 -38.16 16.24 39.78
N GLN C 283 -38.91 17.02 40.56
CA GLN C 283 -38.84 18.46 40.38
C GLN C 283 -37.49 18.99 40.81
N ASP C 284 -36.95 18.48 41.91
CA ASP C 284 -35.64 18.95 42.41
C ASP C 284 -34.49 18.56 41.47
N TRP C 285 -34.63 17.41 40.83
CA TRP C 285 -33.63 16.92 39.90
C TRP C 285 -33.64 17.88 38.69
N GLU C 286 -34.84 18.19 38.16
CA GLU C 286 -34.99 19.10 37.02
C GLU C 286 -34.44 20.46 37.37
N ALA C 287 -34.77 20.91 38.57
CA ALA C 287 -34.36 22.21 39.06
C ALA C 287 -32.86 22.34 38.98
N GLN C 288 -32.19 21.22 39.19
CA GLN C 288 -30.74 21.19 39.15
C GLN C 288 -30.22 21.43 37.75
N ILE C 289 -30.87 20.81 36.78
CA ILE C 289 -30.47 20.93 35.41
C ILE C 289 -30.83 22.28 34.86
N ASP C 290 -32.06 22.71 35.14
CA ASP C 290 -32.52 24.01 34.68
C ASP C 290 -31.57 25.10 35.17
N LYS C 291 -31.17 24.98 36.44
CA LYS C 291 -30.27 25.98 37.03
C LYS C 291 -28.97 26.05 36.24
N GLU C 292 -28.42 24.89 35.94
CA GLU C 292 -27.19 24.81 35.20
C GLU C 292 -27.32 25.53 33.86
N LEU C 293 -28.40 25.23 33.15
CA LEU C 293 -28.62 25.83 31.84
C LEU C 293 -28.82 27.31 31.89
N SER C 294 -29.35 27.79 33.01
CA SER C 294 -29.61 29.21 33.19
C SER C 294 -28.26 29.94 33.26
N GLN C 295 -27.21 29.19 33.53
CA GLN C 295 -25.90 29.79 33.60
C GLN C 295 -25.01 29.46 32.41
N ASN C 296 -25.60 29.08 31.29
CA ASN C 296 -24.82 28.70 30.11
C ASN C 296 -23.72 27.73 30.48
N GLN C 297 -24.13 26.65 31.13
CA GLN C 297 -23.23 25.61 31.54
C GLN C 297 -23.89 24.31 31.15
N PRO C 298 -23.47 23.73 30.03
CA PRO C 298 -24.05 22.47 29.58
C PRO C 298 -23.91 21.47 30.70
N VAL C 299 -24.68 20.38 30.64
CA VAL C 299 -24.61 19.36 31.68
C VAL C 299 -24.19 17.99 31.16
N TYR C 300 -23.21 17.38 31.81
CA TYR C 300 -22.76 16.03 31.45
C TYR C 300 -23.85 15.19 32.04
N TYR C 301 -24.32 14.18 31.30
CA TYR C 301 -25.39 13.35 31.83
C TYR C 301 -25.13 11.96 31.36
N GLN C 302 -25.68 10.98 32.05
CA GLN C 302 -25.49 9.63 31.57
C GLN C 302 -26.50 8.67 32.21
N GLY C 303 -26.58 7.46 31.69
CA GLY C 303 -27.49 6.48 32.24
C GLY C 303 -26.54 5.34 32.51
N VAL C 304 -26.61 4.73 33.66
CA VAL C 304 -25.67 3.65 33.92
C VAL C 304 -26.15 2.27 33.51
N GLY C 305 -25.23 1.52 32.92
CA GLY C 305 -25.49 0.17 32.47
C GLY C 305 -24.25 -0.66 32.77
N LYS C 306 -24.27 -1.95 32.42
CA LYS C 306 -23.09 -2.80 32.68
C LYS C 306 -21.85 -2.15 32.03
N VAL C 307 -21.80 -2.24 30.72
CA VAL C 307 -20.70 -1.71 29.98
C VAL C 307 -20.30 -0.28 30.31
N GLY C 308 -20.93 0.36 31.29
CA GLY C 308 -20.53 1.73 31.60
C GLY C 308 -21.51 2.86 31.45
N GLY C 309 -21.04 4.09 31.49
CA GLY C 309 -21.94 5.21 31.39
C GLY C 309 -22.34 5.54 29.98
N HIS C 310 -23.64 5.48 29.74
CA HIS C 310 -24.25 5.80 28.44
C HIS C 310 -24.52 7.29 28.43
N ALA C 311 -23.46 8.07 28.34
CA ALA C 311 -23.51 9.51 28.43
C ALA C 311 -23.88 10.32 27.22
N PHE C 312 -24.14 11.59 27.50
CA PHE C 312 -24.48 12.60 26.51
C PHE C 312 -24.48 14.02 27.15
N VAL C 313 -24.85 15.03 26.39
CA VAL C 313 -24.89 16.38 26.89
C VAL C 313 -26.30 17.03 26.75
N ILE C 314 -26.75 17.63 27.84
CA ILE C 314 -28.03 18.35 27.92
C ILE C 314 -27.59 19.82 27.85
N ASP C 315 -28.02 20.56 26.83
CA ASP C 315 -27.56 21.92 26.73
C ASP C 315 -28.65 22.90 26.39
N GLY C 316 -29.89 22.46 26.58
CA GLY C 316 -31.02 23.33 26.31
C GLY C 316 -32.34 22.81 26.84
N ALA C 317 -33.40 23.60 26.71
CA ALA C 317 -34.73 23.17 27.14
C ALA C 317 -35.81 24.00 26.43
N ASP C 318 -36.91 23.33 26.07
CA ASP C 318 -38.01 23.97 25.35
C ASP C 318 -38.99 24.64 26.27
N GLY C 319 -38.65 24.64 27.56
CA GLY C 319 -39.52 25.28 28.54
C GLY C 319 -40.76 24.44 28.81
N ARG C 320 -41.11 23.56 27.89
CA ARG C 320 -42.28 22.71 28.07
C ARG C 320 -41.86 21.35 28.60
N ASN C 321 -40.87 21.34 29.47
CA ASN C 321 -40.36 20.12 30.08
C ASN C 321 -39.59 19.14 29.21
N PHE C 322 -38.98 19.62 28.14
CA PHE C 322 -38.19 18.78 27.29
C PHE C 322 -36.79 19.33 27.38
N TYR C 323 -35.81 18.44 27.40
CA TYR C 323 -34.42 18.86 27.49
C TYR C 323 -33.70 18.56 26.22
N HIS C 324 -32.80 19.46 25.82
CA HIS C 324 -32.07 19.26 24.57
C HIS C 324 -30.79 18.47 24.73
N VAL C 325 -30.72 17.36 24.00
CA VAL C 325 -29.60 16.45 24.06
C VAL C 325 -28.71 16.39 22.82
N ASN C 326 -27.43 16.23 23.05
CA ASN C 326 -26.47 16.11 21.97
C ASN C 326 -25.82 14.75 22.22
N TRP C 327 -26.09 13.76 21.37
CA TRP C 327 -25.55 12.40 21.58
C TRP C 327 -24.10 12.10 21.19
N GLY C 328 -23.30 13.14 20.92
CA GLY C 328 -21.92 12.93 20.52
C GLY C 328 -21.84 11.92 19.40
N TRP C 329 -22.48 12.25 18.26
CA TRP C 329 -22.63 11.48 17.00
C TRP C 329 -22.73 12.42 15.76
N GLY C 330 -22.38 13.68 15.97
CA GLY C 330 -22.40 14.60 14.87
C GLY C 330 -23.70 15.35 14.70
N GLY C 331 -24.76 14.94 15.40
CA GLY C 331 -26.02 15.65 15.24
C GLY C 331 -27.23 14.78 15.03
N VAL C 332 -27.02 13.58 14.50
CA VAL C 332 -28.13 12.69 14.28
C VAL C 332 -28.79 12.32 15.64
N SER C 333 -30.12 12.31 15.64
CA SER C 333 -30.91 12.01 16.83
C SER C 333 -30.91 13.15 17.84
N ASP C 334 -30.11 14.19 17.63
CA ASP C 334 -30.13 15.34 18.56
C ASP C 334 -31.54 15.94 18.60
N GLY C 335 -31.87 16.61 19.71
CA GLY C 335 -33.18 17.22 19.85
C GLY C 335 -33.67 17.32 21.28
N PHE C 336 -34.97 17.45 21.44
CA PHE C 336 -35.56 17.56 22.77
C PHE C 336 -36.15 16.25 23.26
N PHE C 337 -35.79 15.88 24.48
CA PHE C 337 -36.28 14.65 25.04
C PHE C 337 -36.76 14.85 26.45
N ARG C 338 -37.52 13.87 26.95
CA ARG C 338 -38.03 13.88 28.32
C ARG C 338 -37.07 13.09 29.21
N LEU C 339 -36.82 13.55 30.44
CA LEU C 339 -35.89 12.84 31.29
C LEU C 339 -36.40 11.43 31.55
N ASP C 340 -37.70 11.23 31.36
CA ASP C 340 -38.27 9.90 31.57
C ASP C 340 -39.68 9.90 31.06
N ALA C 341 -40.23 8.71 30.87
CA ALA C 341 -41.61 8.55 30.39
C ALA C 341 -42.54 8.25 31.57
N LEU C 342 -41.97 8.18 32.78
CA LEU C 342 -42.74 7.88 34.00
C LEU C 342 -44.00 8.74 34.19
N ASN C 343 -45.03 8.11 34.74
CA ASN C 343 -46.28 8.79 35.03
C ASN C 343 -46.15 9.09 36.52
N PRO C 344 -46.49 10.31 36.95
CA PRO C 344 -46.37 10.64 38.39
C PRO C 344 -47.17 9.69 39.32
N GLY C 355 -40.57 3.55 39.73
CA GLY C 355 -40.00 4.49 38.72
C GLY C 355 -38.53 4.25 38.32
N PHE C 356 -38.32 3.35 37.36
CA PHE C 356 -36.97 3.06 36.89
C PHE C 356 -36.33 4.34 36.32
N ASN C 357 -35.18 4.73 36.89
CA ASN C 357 -34.44 5.93 36.47
C ASN C 357 -33.16 5.58 35.68
N GLY C 358 -32.93 4.28 35.46
CA GLY C 358 -31.75 3.88 34.71
C GLY C 358 -30.46 4.18 35.43
N TYR C 359 -30.56 4.28 36.75
CA TYR C 359 -29.41 4.56 37.57
C TYR C 359 -28.81 5.84 37.02
N GLN C 360 -29.65 6.75 36.56
CA GLN C 360 -29.17 8.01 36.00
C GLN C 360 -28.33 8.82 36.93
N SER C 361 -27.52 9.72 36.37
CA SER C 361 -26.67 10.61 37.15
C SER C 361 -26.13 11.71 36.28
N ALA C 362 -25.40 12.64 36.87
CA ALA C 362 -24.82 13.69 36.04
C ALA C 362 -23.66 14.43 36.71
N VAL C 363 -22.91 15.19 35.91
CA VAL C 363 -21.81 15.98 36.46
C VAL C 363 -22.16 17.42 36.16
N VAL C 364 -22.40 18.19 37.22
CA VAL C 364 -22.78 19.59 37.07
C VAL C 364 -21.77 20.55 37.71
N GLY C 365 -22.01 21.83 37.47
CA GLY C 365 -21.14 22.84 38.03
C GLY C 365 -19.87 22.83 37.23
N ILE C 366 -19.99 22.45 35.96
CA ILE C 366 -18.81 22.42 35.09
C ILE C 366 -18.49 23.79 34.52
N LYS C 367 -17.48 24.44 35.08
CA LYS C 367 -17.10 25.74 34.59
C LYS C 367 -15.68 25.99 35.04
N PRO C 368 -14.96 26.81 34.27
CA PRO C 368 -13.56 27.15 34.59
C PRO C 368 -13.29 27.51 36.01
N PHE D 1 -34.79 45.52 -13.24
CA PHE D 1 -34.40 44.12 -13.61
C PHE D 1 -33.66 43.32 -12.50
N ALA D 2 -33.07 44.03 -11.55
CA ALA D 2 -32.37 43.32 -10.46
C ALA D 2 -33.39 42.78 -9.44
N ARG D 3 -33.03 41.66 -8.79
CA ARG D 3 -33.86 41.06 -7.74
C ARG D 3 -32.96 41.16 -6.50
N ASN D 4 -33.46 41.87 -5.49
CA ASN D 4 -32.68 42.07 -4.28
C ASN D 4 -33.17 41.34 -3.03
N GLU D 5 -32.19 40.97 -2.17
CA GLU D 5 -32.45 40.28 -0.92
C GLU D 5 -33.92 40.02 -0.61
N LYS D 6 -34.60 41.01 -0.05
CA LYS D 6 -36.01 40.90 0.33
C LYS D 6 -36.84 40.19 -0.73
N GLU D 7 -36.64 40.62 -1.97
CA GLU D 7 -37.35 40.04 -3.11
C GLU D 7 -37.04 38.54 -3.25
N ALA D 8 -35.75 38.23 -3.37
CA ALA D 8 -35.31 36.85 -3.50
C ALA D 8 -35.95 36.01 -2.42
N LYS D 9 -35.70 36.44 -1.17
CA LYS D 9 -36.22 35.79 0.02
C LYS D 9 -37.68 35.50 -0.18
N ASP D 10 -38.37 36.48 -0.76
CA ASP D 10 -39.78 36.29 -0.97
C ASP D 10 -40.01 35.20 -1.98
N SER D 11 -39.28 35.30 -3.08
CA SER D 11 -39.34 34.36 -4.19
C SER D 11 -39.21 32.94 -3.65
N ALA D 12 -38.30 32.80 -2.67
CA ALA D 12 -38.03 31.51 -2.04
C ALA D 12 -39.30 30.96 -1.39
N ILE D 13 -39.72 31.64 -0.32
CA ILE D 13 -40.90 31.26 0.44
C ILE D 13 -42.06 30.95 -0.47
N THR D 14 -42.23 31.81 -1.48
CA THR D 14 -43.31 31.66 -2.45
C THR D 14 -43.21 30.30 -3.10
N PHE D 15 -41.99 29.97 -3.55
CA PHE D 15 -41.66 28.70 -4.22
C PHE D 15 -41.99 27.56 -3.28
N ILE D 16 -41.57 27.72 -2.03
CA ILE D 16 -41.80 26.71 -1.02
C ILE D 16 -43.31 26.54 -0.85
N GLN D 17 -43.97 27.63 -0.47
CA GLN D 17 -45.40 27.63 -0.23
C GLN D 17 -46.20 27.12 -1.42
N LYS D 18 -45.79 27.52 -2.63
CA LYS D 18 -46.48 27.11 -3.85
C LYS D 18 -46.66 25.58 -3.93
N ILE D 32 -42.45 29.67 8.34
CA ILE D 32 -41.10 29.25 7.77
C ILE D 32 -39.97 30.30 7.96
N LYS D 33 -38.75 29.83 8.23
CA LYS D 33 -37.61 30.73 8.36
C LYS D 33 -36.50 30.38 7.36
N LEU D 34 -35.93 31.40 6.75
CA LEU D 34 -34.88 31.19 5.76
C LEU D 34 -33.58 31.87 6.15
N ASP D 35 -32.54 31.07 6.30
CA ASP D 35 -31.24 31.63 6.66
C ASP D 35 -30.43 31.67 5.38
N LYS D 36 -29.98 32.86 5.02
CA LYS D 36 -29.20 33.05 3.80
C LYS D 36 -27.84 32.38 3.99
N VAL D 37 -27.31 31.81 2.91
CA VAL D 37 -26.02 31.14 2.96
C VAL D 37 -24.90 32.03 2.46
N ASN D 38 -23.76 31.89 3.10
CA ASN D 38 -22.63 32.71 2.74
C ASN D 38 -21.57 31.97 1.93
N LEU D 39 -21.42 32.40 0.67
CA LEU D 39 -20.45 31.85 -0.29
C LEU D 39 -19.51 33.06 -0.51
N GLY D 40 -18.26 32.84 -0.91
CA GLY D 40 -17.39 34.00 -1.13
C GLY D 40 -16.81 34.07 -2.54
N GLY D 41 -15.48 34.06 -2.59
CA GLY D 41 -14.76 34.09 -3.85
C GLY D 41 -15.58 34.45 -5.07
N GLU D 42 -15.68 33.52 -6.02
CA GLU D 42 -16.44 33.80 -7.25
C GLU D 42 -17.94 33.96 -6.96
N LEU D 43 -18.44 33.26 -5.95
CA LEU D 43 -19.87 33.36 -5.65
C LEU D 43 -20.21 34.54 -4.78
N SER D 44 -19.31 35.52 -4.74
CA SER D 44 -19.55 36.73 -3.99
C SER D 44 -20.48 37.60 -4.84
N GLY D 45 -21.07 38.62 -4.20
CA GLY D 45 -21.98 39.50 -4.92
C GLY D 45 -23.42 39.09 -4.67
N SER D 46 -24.36 39.52 -5.51
CA SER D 46 -25.77 39.15 -5.31
C SER D 46 -26.47 38.84 -6.63
N ASN D 47 -25.69 38.28 -7.55
CA ASN D 47 -26.20 37.89 -8.85
C ASN D 47 -27.07 36.67 -8.58
N MET D 48 -26.88 36.07 -7.41
CA MET D 48 -27.59 34.87 -6.97
C MET D 48 -27.72 34.83 -5.42
N TYR D 49 -28.79 34.24 -4.91
CA TYR D 49 -28.98 34.13 -3.47
C TYR D 49 -29.31 32.67 -3.06
N VAL D 50 -28.86 32.27 -1.86
CA VAL D 50 -29.15 30.92 -1.37
C VAL D 50 -29.69 30.95 0.06
N TYR D 51 -30.86 30.36 0.29
CA TYR D 51 -31.43 30.35 1.63
C TYR D 51 -31.73 28.95 2.11
N ASN D 52 -31.15 28.59 3.23
CA ASN D 52 -31.41 27.31 3.81
C ASN D 52 -32.68 27.46 4.65
N ILE D 53 -33.71 26.67 4.34
CA ILE D 53 -34.94 26.64 5.13
C ILE D 53 -34.49 25.96 6.43
N SER D 54 -34.79 26.57 7.57
CA SER D 54 -34.38 26.02 8.88
C SER D 54 -35.00 24.67 9.30
N THR D 55 -36.26 24.43 8.95
CA THR D 55 -36.89 23.15 9.30
C THR D 55 -36.36 22.10 8.34
N GLY D 56 -35.66 22.55 7.31
CA GLY D 56 -35.14 21.62 6.33
C GLY D 56 -35.29 22.05 4.88
N GLY D 57 -34.23 21.83 4.09
CA GLY D 57 -34.28 22.19 2.69
C GLY D 57 -33.58 23.47 2.32
N PHE D 58 -33.71 23.85 1.05
CA PHE D 58 -33.11 25.07 0.59
C PHE D 58 -33.67 25.43 -0.79
N VAL D 59 -33.42 26.68 -1.19
CA VAL D 59 -33.87 27.28 -2.45
C VAL D 59 -32.82 28.31 -2.93
N ILE D 60 -32.35 28.14 -4.16
CA ILE D 60 -31.34 29.04 -4.72
C ILE D 60 -32.04 29.95 -5.71
N VAL D 61 -31.95 31.26 -5.46
CA VAL D 61 -32.64 32.27 -6.26
C VAL D 61 -31.74 33.16 -7.08
N SER D 62 -32.20 33.47 -8.29
CA SER D 62 -31.48 34.34 -9.24
C SER D 62 -31.61 35.78 -8.75
N GLY D 63 -30.56 36.57 -8.90
CA GLY D 63 -30.63 37.95 -8.43
C GLY D 63 -30.91 38.98 -9.52
N ASP D 64 -31.42 38.50 -10.66
CA ASP D 64 -31.72 39.37 -11.79
C ASP D 64 -32.79 38.78 -12.69
N LYS D 65 -33.95 39.41 -12.66
CA LYS D 65 -35.13 38.99 -13.41
C LYS D 65 -34.98 38.53 -14.86
N ARG D 66 -33.88 38.87 -15.53
CA ARG D 66 -33.72 38.41 -16.91
C ARG D 66 -33.40 36.91 -16.91
N SER D 67 -32.72 36.44 -15.87
CA SER D 67 -32.38 35.02 -15.71
C SER D 67 -33.56 34.33 -15.03
N PRO D 68 -33.63 33.01 -15.10
CA PRO D 68 -34.77 32.36 -14.45
C PRO D 68 -34.80 32.53 -12.88
N GLU D 69 -36.00 32.57 -12.31
CA GLU D 69 -36.17 32.79 -10.88
C GLU D 69 -35.56 31.74 -9.97
N ILE D 70 -36.09 30.52 -10.05
CA ILE D 70 -35.60 29.41 -9.21
C ILE D 70 -34.59 28.51 -9.92
N LEU D 71 -33.32 28.63 -9.51
CA LEU D 71 -32.23 27.88 -10.11
C LEU D 71 -32.02 26.49 -9.53
N GLY D 72 -32.47 26.30 -8.31
CA GLY D 72 -32.33 25.01 -7.66
C GLY D 72 -33.00 24.96 -6.31
N TYR D 73 -33.34 23.76 -5.86
CA TYR D 73 -34.03 23.65 -4.60
C TYR D 73 -33.99 22.22 -4.04
N SER D 74 -34.34 22.09 -2.77
CA SER D 74 -34.46 20.77 -2.12
C SER D 74 -35.43 20.92 -0.94
N THR D 75 -36.42 20.03 -0.90
CA THR D 75 -37.40 20.08 0.14
C THR D 75 -36.72 19.85 1.48
N SER D 76 -35.63 19.09 1.42
CA SER D 76 -34.90 18.76 2.65
C SER D 76 -33.38 18.97 2.55
N GLY D 77 -32.68 18.63 3.62
CA GLY D 77 -31.24 18.78 3.62
C GLY D 77 -30.89 20.23 3.75
N SER D 78 -29.79 20.63 3.13
CA SER D 78 -29.35 22.02 3.17
C SER D 78 -28.32 22.24 2.07
N PHE D 79 -28.01 23.51 1.80
CA PHE D 79 -27.05 23.83 0.77
C PHE D 79 -25.80 24.44 1.38
N ASP D 80 -24.69 24.08 0.75
CA ASP D 80 -23.40 24.56 1.16
C ASP D 80 -22.33 24.24 0.12
N ALA D 81 -21.40 25.15 -0.09
CA ALA D 81 -20.34 24.90 -1.06
C ALA D 81 -18.95 24.93 -0.43
N ASN D 82 -18.86 25.43 0.79
CA ASN D 82 -17.55 25.51 1.43
C ASN D 82 -16.68 24.25 1.28
N GLY D 83 -15.58 24.41 0.55
CA GLY D 83 -14.64 23.32 0.34
C GLY D 83 -15.06 22.32 -0.71
N LYS D 84 -16.33 22.33 -1.04
CA LYS D 84 -16.84 21.42 -2.03
C LYS D 84 -16.77 22.10 -3.38
N GLU D 85 -15.58 22.02 -3.98
CA GLU D 85 -15.28 22.61 -5.29
C GLU D 85 -16.17 22.23 -6.46
N ASN D 86 -16.48 20.96 -6.63
CA ASN D 86 -17.34 20.61 -7.74
C ASN D 86 -18.66 21.39 -7.66
N ILE D 87 -19.15 21.62 -6.43
CA ILE D 87 -20.41 22.33 -6.18
C ILE D 87 -20.26 23.84 -6.46
N ALA D 88 -19.14 24.39 -6.06
CA ALA D 88 -18.90 25.80 -6.27
C ALA D 88 -18.68 26.03 -7.75
N SER D 89 -17.95 25.12 -8.38
CA SER D 89 -17.68 25.30 -9.80
C SER D 89 -18.97 25.41 -10.60
N PHE D 90 -20.05 24.76 -10.14
CA PHE D 90 -21.33 24.84 -10.84
C PHE D 90 -21.92 26.22 -10.56
N MET D 91 -22.15 26.54 -9.27
CA MET D 91 -22.70 27.85 -8.89
C MET D 91 -21.96 28.95 -9.63
N GLU D 92 -20.65 28.83 -9.77
CA GLU D 92 -19.92 29.82 -10.54
C GLU D 92 -20.48 29.99 -11.98
N SER D 93 -20.69 28.89 -12.70
CA SER D 93 -21.25 29.02 -14.03
C SER D 93 -22.65 29.71 -13.98
N TYR D 94 -23.54 29.20 -13.14
CA TYR D 94 -24.86 29.80 -12.99
C TYR D 94 -24.70 31.33 -12.99
N VAL D 95 -23.74 31.82 -12.20
CA VAL D 95 -23.45 33.24 -12.07
C VAL D 95 -22.90 33.82 -13.35
N GLU D 96 -21.71 33.42 -13.75
CA GLU D 96 -21.13 33.94 -15.00
C GLU D 96 -21.97 33.33 -16.08
N GLN D 97 -23.25 33.61 -16.02
CA GLN D 97 -24.25 33.05 -16.94
C GLN D 97 -25.49 33.93 -16.76
N ILE D 98 -25.74 34.27 -15.50
CA ILE D 98 -26.85 35.15 -15.11
C ILE D 98 -26.48 36.54 -15.63
N LYS D 99 -25.17 36.76 -15.73
CA LYS D 99 -24.60 37.98 -16.23
C LYS D 99 -24.82 38.01 -17.75
N GLU D 100 -24.51 36.90 -18.43
CA GLU D 100 -24.71 36.82 -19.87
C GLU D 100 -26.18 37.06 -20.25
N ASN D 101 -27.11 36.90 -19.30
CA ASN D 101 -28.51 37.15 -19.61
C ASN D 101 -28.83 38.64 -19.53
N LYS D 102 -27.94 39.40 -18.86
CA LYS D 102 -28.11 40.84 -18.72
C LYS D 102 -27.90 41.55 -20.04
N LYS D 103 -27.52 40.78 -21.08
CA LYS D 103 -27.32 41.32 -22.44
C LYS D 103 -28.67 41.58 -23.10
N LEU D 104 -29.73 40.97 -22.58
CA LEU D 104 -31.08 41.13 -23.14
C LEU D 104 -31.82 42.26 -22.45
N ASP D 105 -33.08 42.43 -22.82
CA ASP D 105 -33.89 43.47 -22.23
C ASP D 105 -35.26 42.89 -21.95
N THR D 106 -35.45 41.62 -22.26
CA THR D 106 -36.75 41.03 -21.98
C THR D 106 -36.64 40.28 -20.63
N THR D 107 -37.75 39.99 -19.96
CA THR D 107 -37.69 39.26 -18.71
C THR D 107 -37.72 37.76 -19.02
N TYR D 108 -37.40 36.90 -18.04
CA TYR D 108 -37.40 35.46 -18.30
C TYR D 108 -38.82 34.89 -18.60
N ALA D 109 -38.88 34.01 -19.59
CA ALA D 109 -40.12 33.38 -20.09
C ALA D 109 -40.70 32.25 -19.24
N GLN D 116 -40.95 16.83 -20.27
CA GLN D 116 -40.13 16.15 -19.21
C GLN D 116 -41.02 15.35 -18.22
N PRO D 117 -40.66 14.07 -17.95
CA PRO D 117 -41.37 13.16 -17.04
C PRO D 117 -40.64 13.20 -15.69
N VAL D 118 -41.09 12.44 -14.72
CA VAL D 118 -40.42 12.46 -13.41
C VAL D 118 -39.69 11.18 -12.96
N VAL D 119 -38.45 11.36 -12.52
CA VAL D 119 -37.65 10.24 -12.00
C VAL D 119 -37.16 10.57 -10.60
N LYS D 120 -37.49 9.71 -9.65
CA LYS D 120 -37.07 9.92 -8.25
C LYS D 120 -35.63 9.48 -8.08
N SER D 121 -34.83 10.33 -7.42
CA SER D 121 -33.42 10.03 -7.24
C SER D 121 -33.14 8.55 -7.29
N LEU D 122 -32.41 8.13 -8.31
CA LEU D 122 -32.07 6.75 -8.44
C LEU D 122 -31.17 6.30 -7.29
N LEU D 123 -30.13 7.08 -7.04
CA LEU D 123 -29.22 6.74 -5.98
C LEU D 123 -29.90 6.73 -4.60
N ASP D 124 -30.73 7.71 -4.31
CA ASP D 124 -31.38 7.75 -3.01
C ASP D 124 -32.23 6.52 -2.81
N SER D 125 -32.78 6.04 -3.91
CA SER D 125 -33.63 4.88 -3.86
C SER D 125 -32.85 3.66 -3.42
N LYS D 126 -31.52 3.73 -3.47
CA LYS D 126 -30.71 2.58 -3.08
C LYS D 126 -29.83 2.96 -1.93
N GLY D 127 -30.20 4.09 -1.31
CA GLY D 127 -29.49 4.64 -0.17
C GLY D 127 -28.01 4.82 -0.36
N ILE D 128 -27.61 5.22 -1.56
CA ILE D 128 -26.20 5.40 -1.89
C ILE D 128 -25.69 6.80 -1.66
N HIS D 129 -24.84 6.97 -0.66
CA HIS D 129 -24.30 8.26 -0.38
C HIS D 129 -22.86 8.17 -0.03
N TYR D 130 -22.00 8.31 -1.02
CA TYR D 130 -20.56 8.24 -0.79
C TYR D 130 -19.94 9.64 -0.51
N ASN D 131 -18.69 9.66 -0.08
CA ASN D 131 -18.00 10.90 0.17
C ASN D 131 -16.60 10.79 -0.44
N GLN D 132 -15.69 11.67 -0.10
CA GLN D 132 -14.35 11.58 -0.66
C GLN D 132 -13.35 11.35 0.44
N GLY D 133 -13.83 11.32 1.67
CA GLY D 133 -12.89 11.16 2.77
C GLY D 133 -12.78 9.79 3.38
N ASN D 134 -12.58 9.80 4.69
CA ASN D 134 -12.49 8.56 5.41
C ASN D 134 -13.93 8.00 5.57
N PRO D 135 -14.12 6.70 5.39
CA PRO D 135 -13.17 5.63 5.08
C PRO D 135 -12.98 5.36 3.58
N TYR D 136 -13.70 6.08 2.73
CA TYR D 136 -13.57 5.89 1.29
C TYR D 136 -12.12 6.01 0.86
N ASN D 137 -11.45 7.06 1.32
CA ASN D 137 -10.06 7.30 0.94
C ASN D 137 -9.05 6.50 1.75
N LEU D 138 -9.51 5.46 2.43
CA LEU D 138 -8.62 4.68 3.25
C LEU D 138 -7.48 4.07 2.46
N LEU D 139 -7.56 4.05 1.16
CA LEU D 139 -6.45 3.46 0.46
C LEU D 139 -5.90 4.29 -0.63
N THR D 140 -6.15 5.59 -0.58
CA THR D 140 -5.59 6.46 -1.61
C THR D 140 -4.17 6.77 -1.15
N PRO D 141 -3.35 7.36 -2.02
CA PRO D 141 -1.97 7.69 -1.62
C PRO D 141 -1.85 8.59 -0.39
N VAL D 142 -0.94 8.25 0.51
CA VAL D 142 -0.72 9.07 1.66
C VAL D 142 0.17 10.22 1.27
N ILE D 143 -0.35 11.44 1.42
CA ILE D 143 0.36 12.65 1.07
C ILE D 143 1.72 12.67 1.79
N GLU D 144 2.79 12.89 0.99
CA GLU D 144 4.17 12.93 1.51
C GLU D 144 4.84 14.30 1.72
N LYS D 145 4.38 15.33 0.99
CA LYS D 145 4.96 16.66 1.05
C LYS D 145 3.98 17.81 1.30
N VAL D 146 4.51 18.97 1.67
CA VAL D 146 3.69 20.13 1.94
C VAL D 146 3.68 21.10 0.78
N LYS D 147 2.51 21.53 0.33
CA LYS D 147 2.45 22.50 -0.77
C LYS D 147 2.75 23.85 -0.15
N PRO D 148 3.82 24.53 -0.61
CA PRO D 148 4.21 25.82 -0.08
C PRO D 148 3.03 26.76 0.01
N GLY D 149 2.92 27.36 1.19
CA GLY D 149 1.86 28.31 1.46
C GLY D 149 0.56 27.65 1.81
N GLU D 150 0.63 26.39 2.21
CA GLU D 150 -0.55 25.63 2.57
C GLU D 150 -0.17 24.85 3.81
N GLN D 151 -1.14 24.54 4.66
CA GLN D 151 -0.80 23.75 5.85
C GLN D 151 -0.55 22.33 5.42
N SER D 152 0.15 21.59 6.29
CA SER D 152 0.52 20.18 6.04
C SER D 152 -0.58 19.14 6.17
N PHE D 153 -0.68 18.27 5.17
CA PHE D 153 -1.64 17.19 5.18
C PHE D 153 -0.79 15.95 5.16
N VAL D 154 0.52 16.08 5.42
CA VAL D 154 1.45 14.94 5.38
C VAL D 154 0.96 13.83 6.30
N GLY D 155 0.90 12.60 5.77
CA GLY D 155 0.42 11.47 6.55
C GLY D 155 -1.07 11.22 6.40
N GLN D 156 -1.77 12.21 5.87
CA GLN D 156 -3.19 12.05 5.65
C GLN D 156 -3.31 11.34 4.32
N HIS D 157 -4.43 10.66 4.11
CA HIS D 157 -4.59 9.98 2.85
C HIS D 157 -5.17 11.01 1.92
N ALA D 158 -4.76 10.95 0.66
CA ALA D 158 -5.29 11.85 -0.35
C ALA D 158 -6.84 11.73 -0.39
N ALA D 159 -7.51 12.67 -1.03
CA ALA D 159 -8.95 12.57 -1.14
C ALA D 159 -9.23 11.63 -2.30
N THR D 160 -10.34 10.96 -2.28
CA THR D 160 -10.60 10.07 -3.36
C THR D 160 -10.73 10.87 -4.65
N GLY D 161 -11.15 12.11 -4.56
CA GLY D 161 -11.36 12.83 -5.80
C GLY D 161 -12.83 12.63 -6.08
N CYS D 162 -13.47 13.60 -6.72
CA CYS D 162 -14.90 13.54 -7.04
C CYS D 162 -15.39 12.63 -8.13
N VAL D 163 -14.65 12.60 -9.22
CA VAL D 163 -15.02 11.81 -10.34
C VAL D 163 -14.87 10.35 -9.90
N ALA D 164 -13.98 10.09 -8.94
CA ALA D 164 -13.83 8.72 -8.48
C ALA D 164 -15.09 8.46 -7.73
N THR D 165 -15.52 9.46 -6.96
CA THR D 165 -16.71 9.36 -6.13
C THR D 165 -17.93 9.29 -6.97
N ALA D 166 -18.05 10.18 -7.93
CA ALA D 166 -19.22 10.19 -8.79
C ALA D 166 -19.28 8.85 -9.52
N THR D 167 -18.13 8.35 -9.95
CA THR D 167 -18.12 7.09 -10.64
C THR D 167 -18.50 5.91 -9.77
N ALA D 168 -17.91 5.84 -8.58
CA ALA D 168 -18.19 4.76 -7.67
C ALA D 168 -19.64 4.67 -7.29
N GLN D 169 -20.32 5.79 -7.08
CA GLN D 169 -21.74 5.73 -6.70
C GLN D 169 -22.53 5.09 -7.80
N ILE D 170 -22.23 5.47 -9.04
CA ILE D 170 -22.93 4.89 -10.17
C ILE D 170 -22.64 3.38 -10.26
N MET D 171 -21.41 2.99 -9.95
CA MET D 171 -21.01 1.60 -9.99
C MET D 171 -21.73 0.78 -8.93
N LYS D 172 -21.93 1.35 -7.74
CA LYS D 172 -22.62 0.67 -6.65
C LYS D 172 -24.09 0.56 -7.00
N TYR D 173 -24.59 1.57 -7.69
CA TYR D 173 -25.96 1.55 -8.10
C TYR D 173 -26.16 0.34 -8.99
N HIS D 174 -25.16 -0.08 -9.76
CA HIS D 174 -25.32 -1.24 -10.63
C HIS D 174 -24.69 -2.50 -10.04
N ASN D 175 -23.98 -2.31 -8.94
CA ASN D 175 -23.26 -3.37 -8.25
C ASN D 175 -22.50 -4.20 -9.23
N TYR D 176 -21.78 -3.56 -10.11
CA TYR D 176 -21.05 -4.30 -11.11
C TYR D 176 -19.70 -3.61 -11.32
N PRO D 177 -18.64 -4.34 -11.73
CA PRO D 177 -18.56 -5.77 -12.02
C PRO D 177 -18.42 -6.57 -10.77
N ASN D 178 -18.24 -7.87 -10.94
CA ASN D 178 -18.01 -8.76 -9.81
C ASN D 178 -16.53 -9.02 -9.98
N LYS D 179 -16.09 -9.15 -11.23
CA LYS D 179 -14.69 -9.34 -11.51
C LYS D 179 -14.15 -8.16 -12.31
N GLY D 180 -13.05 -7.62 -11.86
CA GLY D 180 -12.45 -6.52 -12.55
C GLY D 180 -11.91 -7.16 -13.78
N LEU D 181 -11.90 -6.39 -14.84
CA LEU D 181 -11.49 -6.84 -16.16
C LEU D 181 -10.02 -6.72 -16.58
N LYS D 182 -9.47 -5.52 -16.49
CA LYS D 182 -8.11 -5.29 -16.95
C LYS D 182 -7.34 -4.36 -16.01
N ASP D 183 -6.09 -4.69 -15.68
CA ASP D 183 -5.27 -3.84 -14.80
C ASP D 183 -5.02 -2.46 -15.38
N TYR D 184 -4.60 -1.52 -14.51
CA TYR D 184 -4.30 -0.14 -14.91
C TYR D 184 -3.10 0.45 -14.18
N THR D 185 -2.44 1.40 -14.81
CA THR D 185 -1.27 2.05 -14.23
C THR D 185 -1.08 3.43 -14.81
N TYR D 186 -0.48 4.35 -14.08
CA TYR D 186 -0.24 5.68 -14.63
C TYR D 186 0.84 6.35 -13.78
N THR D 187 1.47 7.40 -14.31
CA THR D 187 2.51 8.11 -13.56
C THR D 187 1.95 9.43 -13.08
N LEU D 188 2.04 9.67 -11.77
CA LEU D 188 1.50 10.88 -11.18
C LEU D 188 2.11 12.09 -11.83
N SER D 189 1.28 13.11 -12.09
CA SER D 189 1.73 14.33 -12.76
C SER D 189 3.00 14.86 -12.12
N SER D 190 3.99 15.21 -12.91
CA SER D 190 5.21 15.60 -12.24
C SER D 190 5.20 16.89 -11.49
N ASN D 191 4.18 17.71 -11.71
CA ASN D 191 4.16 18.99 -11.02
C ASN D 191 3.39 18.95 -9.73
N ASN D 192 3.01 17.73 -9.35
CA ASN D 192 2.27 17.44 -8.14
C ASN D 192 3.17 17.71 -6.93
N PRO D 193 2.76 18.61 -6.03
CA PRO D 193 3.58 18.91 -4.87
C PRO D 193 3.45 18.00 -3.67
N TYR D 194 2.48 17.11 -3.67
CA TYR D 194 2.37 16.32 -2.48
C TYR D 194 3.14 15.06 -2.48
N PHE D 195 3.81 14.74 -3.57
CA PHE D 195 4.54 13.48 -3.60
C PHE D 195 5.95 13.57 -4.16
N ASN D 196 6.77 12.60 -3.82
CA ASN D 196 8.09 12.57 -4.39
C ASN D 196 7.89 11.93 -5.75
N HIS D 197 8.74 12.35 -6.69
CA HIS D 197 8.69 11.87 -8.07
C HIS D 197 9.95 11.08 -8.47
N PRO D 198 9.79 10.13 -9.40
CA PRO D 198 8.54 9.76 -10.07
C PRO D 198 7.64 8.96 -9.16
N LYS D 199 6.37 8.91 -9.49
CA LYS D 199 5.43 8.17 -8.69
C LYS D 199 4.53 7.43 -9.66
N ASN D 200 4.56 6.10 -9.58
CA ASN D 200 3.73 5.28 -10.44
C ASN D 200 2.69 4.57 -9.57
N LEU D 201 1.42 4.68 -9.92
CA LEU D 201 0.37 4.01 -9.14
C LEU D 201 -0.19 2.82 -9.92
N PHE D 202 -0.47 1.71 -9.22
CA PHE D 202 -0.96 0.54 -9.90
C PHE D 202 -2.18 -0.05 -9.19
N ALA D 203 -3.21 -0.43 -9.96
CA ALA D 203 -4.40 -1.07 -9.41
C ALA D 203 -4.51 -2.44 -10.07
N ALA D 204 -4.49 -3.53 -9.32
CA ALA D 204 -4.58 -4.86 -9.96
C ALA D 204 -6.05 -5.25 -10.18
N ILE D 205 -6.77 -4.35 -10.81
CA ILE D 205 -8.17 -4.54 -11.10
C ILE D 205 -8.47 -5.93 -11.65
N SER D 206 -7.66 -6.39 -12.61
CA SER D 206 -7.88 -7.69 -13.27
C SER D 206 -8.04 -8.87 -12.37
N THR D 207 -7.54 -8.74 -11.13
CA THR D 207 -7.58 -9.79 -10.15
C THR D 207 -8.62 -9.55 -9.08
N ARG D 208 -9.49 -8.56 -9.28
CA ARG D 208 -10.51 -8.24 -8.28
C ARG D 208 -11.80 -9.05 -8.30
N GLN D 209 -12.37 -9.26 -7.12
CA GLN D 209 -13.62 -9.99 -6.95
C GLN D 209 -14.47 -9.09 -6.09
N TYR D 210 -14.98 -8.02 -6.69
CA TYR D 210 -15.78 -7.06 -5.98
C TYR D 210 -16.95 -7.69 -5.27
N ASN D 211 -16.94 -7.69 -3.93
CA ASN D 211 -18.08 -8.23 -3.21
C ASN D 211 -19.07 -7.11 -2.92
N TRP D 212 -20.08 -6.92 -3.75
CA TRP D 212 -21.00 -5.80 -3.49
C TRP D 212 -21.90 -5.89 -2.25
N ASN D 213 -21.64 -6.85 -1.39
CA ASN D 213 -22.39 -7.00 -0.17
C ASN D 213 -21.57 -6.36 0.89
N ASN D 214 -20.27 -6.22 0.63
CA ASN D 214 -19.35 -5.61 1.56
C ASN D 214 -19.18 -4.13 1.25
N ILE D 215 -19.38 -3.76 -0.01
CA ILE D 215 -19.29 -2.36 -0.44
C ILE D 215 -20.65 -1.77 -0.19
N LEU D 216 -20.91 -1.34 1.03
CA LEU D 216 -22.20 -0.78 1.41
C LEU D 216 -22.55 0.42 0.58
N PRO D 217 -23.82 0.86 0.64
CA PRO D 217 -24.22 2.03 -0.13
C PRO D 217 -23.76 3.31 0.57
N THR D 218 -23.37 3.20 1.83
CA THR D 218 -22.93 4.37 2.54
C THR D 218 -22.28 3.89 3.79
N TYR D 219 -21.32 4.67 4.31
CA TYR D 219 -20.59 4.33 5.53
C TYR D 219 -20.77 5.41 6.55
N SER D 220 -20.85 5.05 7.83
CA SER D 220 -21.04 6.04 8.90
C SER D 220 -19.70 6.14 9.59
N GLY D 221 -18.79 5.21 9.24
CA GLY D 221 -17.45 5.17 9.82
C GLY D 221 -17.27 4.25 11.03
N ARG D 222 -18.30 3.52 11.40
CA ARG D 222 -18.17 2.59 12.51
C ARG D 222 -18.06 1.17 11.94
N GLU D 223 -18.05 1.06 10.61
CA GLU D 223 -17.96 -0.23 9.97
C GLU D 223 -16.72 -1.01 10.41
N SER D 224 -16.72 -2.32 10.15
CA SER D 224 -15.59 -3.17 10.51
C SER D 224 -14.50 -2.99 9.48
N ASN D 225 -13.55 -3.90 9.47
CA ASN D 225 -12.50 -3.85 8.50
C ASN D 225 -13.01 -4.36 7.18
N VAL D 226 -13.88 -5.37 7.21
CA VAL D 226 -14.38 -5.93 5.96
C VAL D 226 -15.10 -4.93 5.12
N GLN D 227 -15.99 -4.15 5.70
CA GLN D 227 -16.74 -3.18 4.93
C GLN D 227 -15.92 -2.02 4.41
N LYS D 228 -15.05 -1.49 5.27
CA LYS D 228 -14.22 -0.35 4.92
C LYS D 228 -13.23 -0.73 3.86
N MET D 229 -12.58 -1.87 4.06
CA MET D 229 -11.60 -2.39 3.13
C MET D 229 -12.26 -2.42 1.76
N ALA D 230 -13.45 -2.99 1.71
CA ALA D 230 -14.19 -3.14 0.45
C ALA D 230 -14.27 -1.85 -0.33
N ILE D 231 -14.95 -0.87 0.26
CA ILE D 231 -15.13 0.43 -0.35
C ILE D 231 -13.83 1.17 -0.63
N SER D 232 -12.98 1.35 0.37
CA SER D 232 -11.75 2.09 0.16
C SER D 232 -10.96 1.56 -1.03
N GLU D 233 -11.08 0.25 -1.25
CA GLU D 233 -10.40 -0.40 -2.32
C GLU D 233 -11.09 -0.11 -3.65
N LEU D 234 -12.43 -0.07 -3.66
CA LEU D 234 -13.19 0.20 -4.90
C LEU D 234 -12.70 1.57 -5.34
N MET D 235 -12.85 2.52 -4.42
CA MET D 235 -12.44 3.90 -4.60
C MET D 235 -11.00 4.00 -5.03
N ALA D 236 -10.10 3.15 -4.55
CA ALA D 236 -8.71 3.25 -4.95
C ALA D 236 -8.44 2.81 -6.38
N ASP D 237 -9.17 1.80 -6.85
CA ASP D 237 -9.04 1.32 -8.23
C ASP D 237 -9.65 2.32 -9.24
N VAL D 238 -10.80 2.90 -8.91
CA VAL D 238 -11.45 3.88 -9.77
C VAL D 238 -10.57 5.14 -9.89
N GLY D 239 -10.14 5.65 -8.77
CA GLY D 239 -9.29 6.81 -8.78
C GLY D 239 -8.08 6.59 -9.64
N ILE D 240 -7.54 5.38 -9.68
CA ILE D 240 -6.36 5.18 -10.53
C ILE D 240 -6.79 5.06 -11.99
N SER D 241 -7.83 4.27 -12.23
CA SER D 241 -8.32 4.09 -13.59
C SER D 241 -8.53 5.44 -14.30
N VAL D 242 -8.67 6.52 -13.54
CA VAL D 242 -8.88 7.80 -14.19
C VAL D 242 -7.72 8.75 -13.98
N ASP D 243 -6.53 8.21 -13.78
CA ASP D 243 -5.34 9.01 -13.59
C ASP D 243 -5.45 10.14 -12.57
N MET D 244 -6.11 9.86 -11.44
CA MET D 244 -6.32 10.82 -10.37
C MET D 244 -5.05 11.46 -9.87
N ASP D 245 -5.03 12.79 -9.93
CA ASP D 245 -3.92 13.58 -9.46
C ASP D 245 -4.32 13.75 -8.04
N TYR D 246 -3.65 13.00 -7.17
CA TYR D 246 -3.94 12.98 -5.76
C TYR D 246 -3.38 14.08 -4.88
N GLY D 247 -4.18 14.54 -3.91
CA GLY D 247 -3.77 15.57 -2.97
C GLY D 247 -4.81 15.81 -1.87
N PRO D 248 -4.67 16.86 -1.05
CA PRO D 248 -5.62 17.16 0.01
C PRO D 248 -6.98 17.14 -0.66
N SER D 249 -6.91 17.34 -1.97
CA SER D 249 -8.07 17.28 -2.81
C SER D 249 -7.54 16.54 -4.06
N SER D 250 -8.39 15.87 -4.83
CA SER D 250 -7.92 15.12 -5.99
C SER D 250 -8.68 15.35 -7.29
N GLY D 251 -7.96 15.60 -8.37
CA GLY D 251 -8.65 15.88 -9.62
C GLY D 251 -8.30 14.94 -10.77
N SER D 252 -9.21 14.84 -11.74
CA SER D 252 -9.01 14.01 -12.92
C SER D 252 -9.63 14.70 -14.12
N ALA D 253 -9.16 14.32 -15.32
CA ALA D 253 -9.69 14.84 -16.58
C ALA D 253 -11.17 14.57 -16.58
N GLY D 254 -11.57 13.48 -15.96
CA GLY D 254 -12.97 13.18 -15.86
C GLY D 254 -13.56 12.35 -16.96
N SER D 255 -14.65 12.86 -17.51
CA SER D 255 -15.37 12.18 -18.56
C SER D 255 -14.58 11.20 -19.41
N SER D 256 -13.51 11.67 -20.02
CA SER D 256 -12.71 10.86 -20.93
C SER D 256 -11.96 9.67 -20.35
N ARG D 257 -11.61 9.74 -19.09
CA ARG D 257 -10.96 8.61 -18.46
C ARG D 257 -12.08 7.69 -17.93
N VAL D 258 -13.15 8.33 -17.46
CA VAL D 258 -14.29 7.64 -16.88
C VAL D 258 -14.99 6.71 -17.85
N GLN D 259 -15.15 7.17 -19.08
CA GLN D 259 -15.84 6.34 -20.05
C GLN D 259 -14.93 5.23 -20.46
N ARG D 260 -13.65 5.52 -20.63
CA ARG D 260 -12.69 4.50 -21.05
C ARG D 260 -12.41 3.48 -19.97
N ALA D 261 -12.43 3.93 -18.72
CA ALA D 261 -12.20 3.06 -17.58
C ALA D 261 -13.34 2.06 -17.34
N LEU D 262 -14.56 2.56 -17.35
CA LEU D 262 -15.75 1.74 -17.09
C LEU D 262 -15.85 0.54 -17.99
N LYS D 263 -15.51 0.75 -19.27
CA LYS D 263 -15.56 -0.27 -20.30
C LYS D 263 -14.37 -1.20 -20.29
N GLU D 264 -13.18 -0.65 -20.47
CA GLU D 264 -11.99 -1.48 -20.52
C GLU D 264 -11.54 -2.07 -19.22
N ASN D 265 -11.59 -1.30 -18.15
CA ASN D 265 -11.13 -1.85 -16.89
C ASN D 265 -12.19 -2.58 -16.09
N PHE D 266 -13.37 -1.96 -15.95
CA PHE D 266 -14.44 -2.58 -15.15
C PHE D 266 -15.50 -3.36 -15.90
N GLY D 267 -15.30 -3.57 -17.19
CA GLY D 267 -16.21 -4.36 -18.00
C GLY D 267 -17.64 -3.92 -18.32
N TYR D 268 -17.90 -2.61 -18.22
CA TYR D 268 -19.25 -2.16 -18.55
C TYR D 268 -19.56 -2.28 -20.04
N ASN D 269 -20.82 -2.04 -20.39
CA ASN D 269 -21.33 -2.10 -21.77
C ASN D 269 -20.69 -1.15 -22.81
N GLN D 270 -20.59 -1.58 -24.07
CA GLN D 270 -19.99 -0.73 -25.09
C GLN D 270 -20.76 0.56 -25.24
N SER D 271 -22.00 0.58 -24.78
CA SER D 271 -22.82 1.78 -24.85
C SER D 271 -22.28 2.92 -24.01
N VAL D 272 -21.47 2.60 -23.01
CA VAL D 272 -20.88 3.63 -22.18
C VAL D 272 -20.06 4.52 -23.07
N HIS D 273 -20.40 5.79 -23.17
CA HIS D 273 -19.64 6.71 -24.01
C HIS D 273 -19.79 8.15 -23.54
N GLN D 274 -18.90 9.01 -24.01
CA GLN D 274 -18.93 10.41 -23.63
C GLN D 274 -19.70 11.29 -24.59
N ILE D 275 -20.38 12.29 -24.08
CA ILE D 275 -21.10 13.23 -24.93
C ILE D 275 -20.76 14.64 -24.41
N ASN D 276 -20.60 15.60 -25.31
CA ASN D 276 -20.24 16.97 -24.91
C ASN D 276 -21.37 17.98 -25.09
N ARG D 277 -21.67 18.70 -24.01
CA ARG D 277 -22.75 19.70 -24.00
C ARG D 277 -22.76 20.55 -25.26
N GLY D 278 -21.58 20.95 -25.69
CA GLY D 278 -21.45 21.76 -26.87
C GLY D 278 -21.81 21.12 -28.19
N ASP D 279 -22.12 19.81 -28.22
CA ASP D 279 -22.50 19.15 -29.47
C ASP D 279 -23.98 19.08 -29.53
N PHE D 280 -24.69 19.59 -28.55
CA PHE D 280 -26.12 19.48 -28.62
C PHE D 280 -26.89 20.75 -28.41
N SER D 281 -28.16 20.69 -28.81
CA SER D 281 -29.09 21.82 -28.62
C SER D 281 -29.69 21.63 -27.21
N LYS D 282 -29.98 22.70 -26.49
CA LYS D 282 -30.50 22.49 -25.16
C LYS D 282 -31.56 21.39 -25.07
N GLN D 283 -32.51 21.34 -26.01
CA GLN D 283 -33.53 20.32 -25.88
C GLN D 283 -33.00 18.95 -26.19
N ASP D 284 -32.12 18.87 -27.16
CA ASP D 284 -31.55 17.57 -27.49
C ASP D 284 -30.60 17.06 -26.38
N TRP D 285 -29.94 17.97 -25.67
CA TRP D 285 -29.04 17.62 -24.58
C TRP D 285 -29.82 17.09 -23.38
N GLU D 286 -30.94 17.73 -23.10
CA GLU D 286 -31.81 17.31 -22.01
C GLU D 286 -32.42 15.96 -22.35
N ALA D 287 -32.81 15.80 -23.60
CA ALA D 287 -33.43 14.57 -24.06
C ALA D 287 -32.53 13.38 -23.81
N GLN D 288 -31.22 13.59 -23.88
CA GLN D 288 -30.26 12.54 -23.65
C GLN D 288 -30.28 12.09 -22.19
N ILE D 289 -30.30 13.07 -21.31
CA ILE D 289 -30.27 12.79 -19.91
C ILE D 289 -31.58 12.18 -19.50
N ASP D 290 -32.68 12.76 -19.95
CA ASP D 290 -33.99 12.26 -19.62
C ASP D 290 -34.06 10.81 -20.03
N LYS D 291 -33.58 10.51 -21.22
CA LYS D 291 -33.65 9.14 -21.72
C LYS D 291 -32.94 8.20 -20.79
N GLU D 292 -31.73 8.58 -20.39
CA GLU D 292 -30.91 7.79 -19.51
C GLU D 292 -31.65 7.46 -18.20
N LEU D 293 -32.22 8.49 -17.57
CA LEU D 293 -32.94 8.30 -16.33
C LEU D 293 -34.13 7.41 -16.56
N SER D 294 -34.76 7.51 -17.74
CA SER D 294 -35.94 6.69 -18.01
C SER D 294 -35.57 5.22 -17.88
N GLN D 295 -34.28 4.93 -18.03
CA GLN D 295 -33.82 3.58 -17.96
C GLN D 295 -33.15 3.23 -16.64
N ASN D 296 -33.37 4.03 -15.61
CA ASN D 296 -32.73 3.77 -14.34
C ASN D 296 -31.25 3.56 -14.58
N GLN D 297 -30.65 4.60 -15.14
CA GLN D 297 -29.25 4.61 -15.44
C GLN D 297 -28.75 6.00 -15.02
N PRO D 298 -28.19 6.12 -13.80
CA PRO D 298 -27.69 7.46 -13.40
C PRO D 298 -26.73 7.97 -14.46
N VAL D 299 -26.46 9.27 -14.44
CA VAL D 299 -25.58 9.89 -15.41
C VAL D 299 -24.36 10.55 -14.80
N TYR D 300 -23.20 10.20 -15.31
CA TYR D 300 -21.97 10.81 -14.86
C TYR D 300 -22.04 12.17 -15.53
N TYR D 301 -21.78 13.23 -14.79
CA TYR D 301 -21.81 14.57 -15.35
C TYR D 301 -20.68 15.38 -14.72
N GLN D 302 -20.14 16.36 -15.45
CA GLN D 302 -19.08 17.18 -14.88
C GLN D 302 -19.05 18.52 -15.59
N GLY D 303 -18.26 19.45 -15.05
CA GLY D 303 -18.08 20.74 -15.68
C GLY D 303 -16.58 20.86 -15.85
N VAL D 304 -16.07 21.26 -17.00
CA VAL D 304 -14.61 21.34 -17.14
C VAL D 304 -13.99 22.65 -16.73
N GLY D 305 -12.87 22.51 -16.03
CA GLY D 305 -12.09 23.64 -15.52
C GLY D 305 -10.60 23.30 -15.64
N LYS D 306 -9.72 24.17 -15.16
CA LYS D 306 -8.27 23.90 -15.24
C LYS D 306 -7.94 22.59 -14.52
N VAL D 307 -8.04 22.68 -13.21
CA VAL D 307 -7.79 21.54 -12.32
C VAL D 307 -8.54 20.22 -12.63
N GLY D 308 -9.23 20.10 -13.78
CA GLY D 308 -9.92 18.86 -14.09
C GLY D 308 -11.44 18.90 -14.14
N GLY D 309 -12.08 17.73 -14.12
CA GLY D 309 -13.52 17.69 -14.22
C GLY D 309 -14.20 17.81 -12.90
N HIS D 310 -15.03 18.83 -12.78
CA HIS D 310 -15.84 19.10 -11.60
C HIS D 310 -17.11 18.25 -11.76
N ALA D 311 -16.95 16.94 -11.60
CA ALA D 311 -18.02 15.97 -11.77
C ALA D 311 -19.05 15.80 -10.65
N PHE D 312 -20.15 15.11 -10.98
CA PHE D 312 -21.21 14.76 -10.06
C PHE D 312 -22.18 13.76 -10.71
N VAL D 313 -23.28 13.44 -10.04
CA VAL D 313 -24.22 12.49 -10.60
C VAL D 313 -25.61 13.04 -10.66
N ILE D 314 -26.25 12.82 -11.79
CA ILE D 314 -27.62 13.26 -12.05
C ILE D 314 -28.39 11.96 -12.06
N ASP D 315 -29.28 11.77 -11.09
CA ASP D 315 -30.02 10.52 -11.02
C ASP D 315 -31.53 10.66 -10.89
N GLY D 316 -32.05 11.83 -11.29
CA GLY D 316 -33.48 12.06 -11.22
C GLY D 316 -33.91 13.35 -11.84
N ALA D 317 -35.21 13.63 -11.80
CA ALA D 317 -35.74 14.87 -12.37
C ALA D 317 -37.14 15.15 -11.84
N ASP D 318 -37.41 16.40 -11.53
CA ASP D 318 -38.69 16.81 -10.99
C ASP D 318 -39.74 17.01 -12.04
N GLY D 319 -39.39 16.73 -13.29
CA GLY D 319 -40.34 16.87 -14.37
C GLY D 319 -40.57 18.31 -14.80
N ARG D 320 -40.26 19.24 -13.91
CA ARG D 320 -40.41 20.66 -14.19
C ARG D 320 -39.08 21.28 -14.62
N ASN D 321 -38.27 20.49 -15.31
CA ASN D 321 -36.97 20.92 -15.81
C ASN D 321 -35.84 21.08 -14.79
N PHE D 322 -35.89 20.29 -13.73
CA PHE D 322 -34.84 20.36 -12.74
C PHE D 322 -34.22 18.95 -12.66
N TYR D 323 -32.91 18.88 -12.51
CA TYR D 323 -32.31 17.57 -12.45
C TYR D 323 -31.79 17.33 -11.08
N HIS D 324 -31.84 16.08 -10.62
CA HIS D 324 -31.38 15.78 -9.29
C HIS D 324 -29.92 15.42 -9.25
N VAL D 325 -29.17 16.17 -8.47
CA VAL D 325 -27.74 15.97 -8.38
C VAL D 325 -27.30 15.40 -7.04
N ASN D 326 -26.20 14.63 -7.08
CA ASN D 326 -25.60 14.03 -5.90
C ASN D 326 -24.16 14.49 -6.05
N TRP D 327 -23.71 15.39 -5.16
CA TRP D 327 -22.35 15.93 -5.24
C TRP D 327 -21.22 15.09 -4.67
N GLY D 328 -21.52 13.87 -4.24
CA GLY D 328 -20.47 13.02 -3.71
C GLY D 328 -19.78 13.70 -2.54
N TRP D 329 -20.60 14.08 -1.56
CA TRP D 329 -20.23 14.75 -0.32
C TRP D 329 -21.10 14.24 0.81
N GLY D 330 -21.72 13.09 0.59
CA GLY D 330 -22.55 12.51 1.64
C GLY D 330 -24.00 12.90 1.62
N GLY D 331 -24.35 13.94 0.85
CA GLY D 331 -25.74 14.38 0.78
C GLY D 331 -25.91 15.89 0.91
N VAL D 332 -24.96 16.59 1.52
CA VAL D 332 -25.11 18.02 1.64
C VAL D 332 -25.10 18.66 0.26
N SER D 333 -25.96 19.65 0.05
CA SER D 333 -26.14 20.36 -1.22
C SER D 333 -26.88 19.53 -2.26
N ASP D 334 -27.17 18.28 -1.96
CA ASP D 334 -27.91 17.46 -2.89
C ASP D 334 -29.32 18.07 -3.14
N GLY D 335 -29.86 17.85 -4.34
CA GLY D 335 -31.19 18.35 -4.66
C GLY D 335 -31.44 18.51 -6.14
N PHE D 336 -32.41 19.33 -6.48
CA PHE D 336 -32.68 19.56 -7.86
C PHE D 336 -32.06 20.85 -8.31
N PHE D 337 -31.41 20.79 -9.47
CA PHE D 337 -30.77 21.96 -10.07
C PHE D 337 -31.08 22.11 -11.54
N ARG D 338 -30.77 23.29 -12.07
CA ARG D 338 -30.97 23.59 -13.49
C ARG D 338 -29.63 23.36 -14.20
N LEU D 339 -29.67 22.82 -15.41
CA LEU D 339 -28.42 22.55 -16.10
C LEU D 339 -27.69 23.84 -16.36
N ASP D 340 -28.43 24.95 -16.32
CA ASP D 340 -27.87 26.29 -16.58
C ASP D 340 -28.90 27.39 -16.25
N ALA D 341 -28.43 28.62 -16.11
CA ALA D 341 -29.31 29.75 -15.79
C ALA D 341 -29.57 30.57 -17.04
N LEU D 342 -29.04 30.08 -18.16
CA LEU D 342 -29.18 30.77 -19.44
C LEU D 342 -30.63 31.06 -19.81
N ASN D 343 -30.82 32.21 -20.46
CA ASN D 343 -32.11 32.69 -20.96
C ASN D 343 -32.08 32.31 -22.44
N PRO D 344 -33.15 31.68 -22.97
CA PRO D 344 -33.16 31.29 -24.39
C PRO D 344 -32.97 32.41 -25.44
N GLY D 355 -23.93 31.89 -24.59
CA GLY D 355 -24.40 30.80 -23.64
C GLY D 355 -23.28 29.91 -23.06
N PHE D 356 -22.57 30.46 -22.07
CA PHE D 356 -21.47 29.71 -21.44
C PHE D 356 -22.05 28.40 -20.87
N ASN D 357 -21.52 27.27 -21.34
CA ASN D 357 -21.95 25.95 -20.87
C ASN D 357 -20.95 25.34 -19.87
N GLY D 358 -19.86 26.07 -19.53
CA GLY D 358 -18.87 25.50 -18.63
C GLY D 358 -18.10 24.33 -19.26
N TYR D 359 -18.13 24.22 -20.60
CA TYR D 359 -17.45 23.14 -21.30
C TYR D 359 -18.00 21.86 -20.70
N GLN D 360 -19.27 21.88 -20.34
CA GLN D 360 -19.89 20.70 -19.73
C GLN D 360 -19.84 19.48 -20.60
N SER D 361 -19.94 18.32 -19.95
CA SER D 361 -19.95 17.03 -20.63
C SER D 361 -20.48 15.97 -19.71
N ALA D 362 -20.65 14.76 -20.25
CA ALA D 362 -21.18 13.64 -19.47
C ALA D 362 -20.86 12.26 -20.06
N VAL D 363 -20.94 11.24 -19.21
CA VAL D 363 -20.73 9.86 -19.66
C VAL D 363 -22.06 9.18 -19.44
N VAL D 364 -22.66 8.72 -20.54
CA VAL D 364 -23.97 8.07 -20.53
C VAL D 364 -23.93 6.65 -21.09
N GLY D 365 -25.04 5.94 -20.98
CA GLY D 365 -25.07 4.59 -21.47
C GLY D 365 -24.37 3.67 -20.51
N ILE D 366 -24.20 4.14 -19.28
CA ILE D 366 -23.51 3.38 -18.23
C ILE D 366 -24.39 2.28 -17.70
N LYS D 367 -24.12 1.09 -18.18
CA LYS D 367 -24.82 -0.12 -17.76
C LYS D 367 -23.96 -1.36 -18.03
N PRO D 368 -24.21 -2.44 -17.28
CA PRO D 368 -23.47 -3.68 -17.44
C PRO D 368 -23.41 -4.11 -18.88
#